data_6PQO
#
_entry.id   6PQO
#
_cell.length_a   1.00
_cell.length_b   1.00
_cell.length_c   1.00
_cell.angle_alpha   90.00
_cell.angle_beta   90.00
_cell.angle_gamma   90.00
#
_symmetry.space_group_name_H-M   'P 1'
#
loop_
_entity.id
_entity.type
_entity.pdbx_description
1 polymer 'Transient receptor potential cation channel subfamily A member 1'
2 branched 2-acetamido-2-deoxy-beta-D-glucopyranose-(1-4)-2-acetamido-2-deoxy-beta-D-glucopyranose
3 non-polymer 2-chloro-N-[4-(4-methoxyphenyl)-1,3-thiazol-2-yl]-N-(3-methoxypropyl)acetamide
4 non-polymer 1-palmitoyl-2-oleoyl-sn-glycero-3-phosphocholine
5 non-polymer '[(2~{R})-1-[2-azanylethoxy(oxidanyl)phosphoryl]oxy-3-hexadecanoyloxy-propan-2-yl] (~{Z})-octadec-9-enoate'
#
_entity_poly.entity_id   1
_entity_poly.type   'polypeptide(L)'
_entity_poly.pdbx_seq_one_letter_code
;MAKRSLRKMWRPGEKKEPQGVVYEDVPDDTEDFKESLKVVFEGSAYGLQNFNKQKKLKRCDDMDTFFLHYAAAEGQIELM
EKITRDSSLEVLHEMDDYGNTPLHCAVEKNQIESVKFLLSRGANPNLRNFNMMAPLHIAVQGMNNEVMKVLLEHRTIDVN
LEGENGNTAVIIACTTNNSEALQILLKKGAKPCKSNKWGCFPIHQAAFSGSKECMEIILRFGEEHGYSRQLHINFMNNGK
ATPLHLAVQNGDLEMIKMCLDNGAQIDPVEKGRCTAIHFAATQGATEIVKLMISSYSGSVDIVNTTDGCHETMLHRASLF
DHHELADYLISVGADINKIDSEGRSPLILATASASWNIVNLLLSKGAQVDIKDNFGRNFLHLTVQQPYGLKNLRPEFMQM
QQIKELVMDEDNDGCTPLHYACRQGGPGSVNNLLGFNVSIHSKSKDKKSPLHFAASYGRINTCQRLLQDISDTRLLNEGD
LHGMTPLHLAAKNGHDKVVQLLLKKGALFLSDHNGWTALHHASMGGYTQTMKVILDTNLKCTDRLDEDGNTALHFAAREG
HAKAVALLLSHNADIVLNKQQASFLHLALHNKRKEVVLTIIRSKRWDECLKIFSHNSPGNKCPITEMIEYLPECMKVLLD
FCMLHSTEDKSCRDYYIEYNFKYLQCPLEFTKKTPTQDVIYEPLTALNAMVQNNRIELLNHPVCKEYLLMKWLAYGFRAH
MMNLGSYCLGLIPMTILVVNIKPGMAFNSTGIINETSDHSEILDTTNSYLIKTCMILVFLSSIFGYCKEAGQIFQQKRNY
FMDISNVLEWIIYTTGIIFVLPLFVEIPAHLQWQCGAIAVYFYWMNFLLYLQRFENCGIFIVMLEVILKTLLRSTVVFIF
LLLAFGLSFYILLNLQDPFSSPLLSIIQTFSMMLGDINYRESFLEPYLRNELAHPVLSFAQLVSFTIFVPIVLMNLLIGL
AVGDIAEVQKHASLKRIAMQVELHTSLEKKLPLWFLRKVDQKSTIVYPNKPRSGGMLFHIFCFLFCTGEIRQEIPNADKS
LEMEILKQKYRLKDLTFLLEKQHELIKLIIQKMEIISETEDDDSHCSFQDRFKKEQMEQRNSRWNTVLRAVKAKTHHLEP
SNSLEVLFQGPAADYKDDDDKAHHHHHHHHHH
;
_entity_poly.pdbx_strand_id   D,A,B,C
#
# COMPACT_ATOMS: atom_id res chain seq x y z
N LYS A 447 -11.56 61.99 26.60
CA LYS A 447 -12.25 60.95 27.34
C LYS A 447 -12.78 59.87 26.40
N LYS A 448 -12.49 60.01 25.11
CA LYS A 448 -12.95 59.03 24.14
C LYS A 448 -12.17 57.73 24.23
N SER A 449 -10.86 57.83 24.42
CA SER A 449 -10.03 56.62 24.56
C SER A 449 -10.32 55.80 25.82
N PRO A 450 -10.60 56.38 27.01
CA PRO A 450 -11.07 55.52 28.11
C PRO A 450 -12.39 54.82 27.83
N LEU A 451 -13.31 55.49 27.13
CA LEU A 451 -14.57 54.82 26.79
C LEU A 451 -14.36 53.71 25.77
N HIS A 452 -13.44 53.91 24.83
CA HIS A 452 -13.13 52.86 23.86
C HIS A 452 -12.46 51.67 24.53
N PHE A 453 -11.56 51.92 25.48
CA PHE A 453 -10.93 50.80 26.17
C PHE A 453 -11.91 50.09 27.10
N ALA A 454 -12.82 50.84 27.72
CA ALA A 454 -13.77 50.21 28.63
C ALA A 454 -14.83 49.43 27.88
N ALA A 455 -15.20 49.88 26.68
CA ALA A 455 -16.21 49.16 25.91
C ALA A 455 -15.62 48.01 25.14
N SER A 456 -14.32 48.09 24.79
CA SER A 456 -13.71 47.02 24.02
C SER A 456 -13.43 45.77 24.85
N TYR A 457 -13.56 45.82 26.17
CA TYR A 457 -13.24 44.68 27.01
C TYR A 457 -14.32 44.38 28.04
N GLY A 458 -15.50 44.98 27.91
CA GLY A 458 -16.62 44.57 28.73
C GLY A 458 -16.65 45.10 30.14
N ARG A 459 -15.93 46.19 30.42
CA ARG A 459 -15.95 46.80 31.74
C ARG A 459 -17.24 47.59 31.87
N ILE A 460 -18.24 46.99 32.54
CA ILE A 460 -19.56 47.60 32.54
C ILE A 460 -19.66 48.75 33.53
N ASN A 461 -18.93 48.69 34.65
CA ASN A 461 -19.06 49.74 35.66
C ASN A 461 -18.33 51.01 35.24
N THR A 462 -17.20 50.87 34.55
CA THR A 462 -16.52 52.02 33.99
C THR A 462 -17.36 52.68 32.92
N CYS A 463 -18.09 51.88 32.13
CA CYS A 463 -19.00 52.45 31.14
C CYS A 463 -20.20 53.12 31.78
N GLN A 464 -20.65 52.63 32.94
CA GLN A 464 -21.73 53.32 33.64
C GLN A 464 -21.25 54.65 34.23
N ARG A 465 -20.02 54.67 34.73
CA ARG A 465 -19.50 55.91 35.31
C ARG A 465 -19.17 56.94 34.26
N LEU A 466 -18.69 56.52 33.09
CA LEU A 466 -18.40 57.47 32.03
C LEU A 466 -19.66 58.03 31.40
N LEU A 467 -20.74 57.25 31.37
CA LEU A 467 -21.99 57.67 30.76
C LEU A 467 -22.97 58.22 31.79
N GLN A 468 -22.47 58.82 32.86
CA GLN A 468 -23.36 59.40 33.85
C GLN A 468 -23.89 60.75 33.39
N ASP A 469 -23.04 61.57 32.80
CA ASP A 469 -23.47 62.84 32.23
C ASP A 469 -24.03 62.58 30.83
N ILE A 470 -25.34 62.67 30.69
CA ILE A 470 -26.01 62.29 29.45
C ILE A 470 -26.36 63.52 28.61
N SER A 471 -25.65 64.63 28.80
CA SER A 471 -25.93 65.84 28.04
C SER A 471 -25.43 65.73 26.61
N ASP A 472 -24.12 65.56 26.42
CA ASP A 472 -23.53 65.51 25.11
C ASP A 472 -23.47 64.08 24.62
N THR A 473 -24.05 63.81 23.46
CA THR A 473 -24.00 62.51 22.82
C THR A 473 -23.02 62.45 21.67
N ARG A 474 -22.27 63.53 21.43
CA ARG A 474 -21.24 63.50 20.40
C ARG A 474 -20.07 62.61 20.81
N LEU A 475 -19.85 62.46 22.12
CA LEU A 475 -18.85 61.54 22.61
C LEU A 475 -19.33 60.09 22.55
N LEU A 476 -20.65 59.88 22.55
CA LEU A 476 -21.20 58.53 22.52
C LEU A 476 -21.05 57.85 21.16
N ASN A 477 -21.28 58.60 20.07
CA ASN A 477 -21.16 58.01 18.75
C ASN A 477 -19.93 58.50 18.00
N GLU A 478 -18.87 58.83 18.75
CA GLU A 478 -17.65 59.33 18.15
C GLU A 478 -16.94 58.25 17.36
N GLY A 479 -16.00 58.66 16.53
CA GLY A 479 -15.27 57.76 15.67
C GLY A 479 -13.93 57.35 16.26
N ASP A 480 -13.30 56.41 15.56
CA ASP A 480 -12.00 55.88 15.91
C ASP A 480 -11.03 56.22 14.78
N LEU A 481 -9.76 55.80 14.93
CA LEU A 481 -8.83 55.85 13.81
C LEU A 481 -9.30 54.99 12.65
N HIS A 482 -9.84 53.81 12.95
CA HIS A 482 -10.49 52.98 11.96
C HIS A 482 -11.99 53.22 11.90
N GLY A 483 -12.48 54.28 12.53
CA GLY A 483 -13.87 54.66 12.37
C GLY A 483 -14.88 53.77 13.04
N MET A 484 -14.52 53.14 14.16
CA MET A 484 -15.42 52.26 14.88
C MET A 484 -15.97 52.96 16.10
N THR A 485 -17.29 52.89 16.28
CA THR A 485 -17.93 53.43 17.47
C THR A 485 -17.68 52.49 18.64
N PRO A 486 -17.95 52.93 19.88
CA PRO A 486 -17.97 51.96 21.00
C PRO A 486 -19.00 50.86 20.85
N LEU A 487 -20.06 51.08 20.08
CA LEU A 487 -20.99 50.01 19.75
C LEU A 487 -20.29 48.91 18.96
N HIS A 488 -19.45 49.30 18.00
CA HIS A 488 -18.70 48.33 17.21
C HIS A 488 -17.67 47.59 18.06
N LEU A 489 -17.01 48.28 18.98
CA LEU A 489 -16.03 47.63 19.83
C LEU A 489 -16.69 46.67 20.81
N ALA A 490 -17.85 47.02 21.33
CA ALA A 490 -18.54 46.13 22.24
C ALA A 490 -19.15 44.94 21.51
N ALA A 491 -19.51 45.11 20.24
CA ALA A 491 -20.06 44.01 19.48
C ALA A 491 -19.00 43.09 18.89
N LYS A 492 -17.79 43.60 18.66
CA LYS A 492 -16.74 42.79 18.06
C LYS A 492 -16.28 41.69 19.01
N ASN A 493 -16.14 42.00 20.28
CA ASN A 493 -15.68 41.02 21.24
C ASN A 493 -16.81 40.28 21.94
N GLY A 494 -18.05 40.67 21.69
CA GLY A 494 -19.19 39.91 22.16
C GLY A 494 -19.55 40.09 23.61
N HIS A 495 -19.79 41.34 24.01
CA HIS A 495 -20.23 41.65 25.36
C HIS A 495 -21.66 42.15 25.27
N ASP A 496 -22.61 41.32 25.70
CA ASP A 496 -24.01 41.62 25.49
C ASP A 496 -24.54 42.68 26.44
N LYS A 497 -24.03 42.74 27.66
CA LYS A 497 -24.56 43.72 28.61
C LYS A 497 -24.07 45.12 28.28
N VAL A 498 -22.85 45.24 27.76
CA VAL A 498 -22.32 46.54 27.38
C VAL A 498 -23.08 47.09 26.17
N VAL A 499 -23.35 46.23 25.17
CA VAL A 499 -24.06 46.71 24.00
C VAL A 499 -25.53 46.96 24.33
N GLN A 500 -26.08 46.22 25.30
CA GLN A 500 -27.44 46.51 25.77
C GLN A 500 -27.50 47.86 26.48
N LEU A 501 -26.47 48.18 27.27
CA LEU A 501 -26.40 49.47 27.95
C LEU A 501 -26.24 50.62 26.97
N LEU A 502 -25.40 50.43 25.95
CA LEU A 502 -25.21 51.48 24.95
C LEU A 502 -26.44 51.68 24.09
N LEU A 503 -27.21 50.62 23.84
CA LEU A 503 -28.46 50.82 23.10
C LEU A 503 -29.54 51.41 23.98
N LYS A 504 -29.52 51.15 25.29
CA LYS A 504 -30.49 51.76 26.19
C LYS A 504 -30.21 53.24 26.36
N LYS A 505 -28.93 53.64 26.40
CA LYS A 505 -28.60 55.05 26.45
C LYS A 505 -28.84 55.74 25.11
N GLY A 506 -28.93 54.99 24.03
CA GLY A 506 -29.21 55.57 22.73
C GLY A 506 -27.97 55.74 21.89
N ALA A 507 -27.76 54.82 20.96
CA ALA A 507 -26.66 54.89 20.02
C ALA A 507 -27.19 54.65 18.62
N LEU A 508 -26.38 55.01 17.63
CA LEU A 508 -26.80 54.95 16.24
C LEU A 508 -26.01 53.87 15.51
N PHE A 509 -26.71 53.11 14.67
CA PHE A 509 -26.09 52.05 13.89
C PHE A 509 -25.32 52.67 12.73
N LEU A 510 -24.16 53.21 13.06
CA LEU A 510 -23.33 53.83 12.04
C LEU A 510 -22.55 52.77 11.28
N SER A 511 -21.71 53.22 10.36
CA SER A 511 -20.97 52.30 9.52
C SER A 511 -19.47 52.49 9.71
N ASP A 512 -18.75 51.41 9.47
CA ASP A 512 -17.30 51.41 9.44
C ASP A 512 -16.81 52.09 8.17
N HIS A 513 -15.49 52.33 8.09
CA HIS A 513 -14.91 52.75 6.83
C HIS A 513 -15.00 51.66 5.76
N ASN A 514 -15.04 50.41 6.17
CA ASN A 514 -15.29 49.31 5.24
C ASN A 514 -16.75 48.86 5.27
N GLY A 515 -17.65 49.73 5.69
CA GLY A 515 -19.07 49.48 5.57
C GLY A 515 -19.66 48.50 6.57
N TRP A 516 -18.88 48.06 7.54
CA TRP A 516 -19.36 47.09 8.51
C TRP A 516 -20.35 47.74 9.47
N THR A 517 -21.13 46.90 10.15
CA THR A 517 -22.04 47.36 11.18
C THR A 517 -21.72 46.55 12.44
N ALA A 518 -22.42 46.84 13.54
CA ALA A 518 -22.28 46.05 14.75
C ALA A 518 -22.71 44.61 14.53
N LEU A 519 -23.77 44.42 13.73
CA LEU A 519 -24.23 43.07 13.45
C LEU A 519 -23.25 42.31 12.55
N HIS A 520 -22.54 43.02 11.68
CA HIS A 520 -21.49 42.40 10.89
C HIS A 520 -20.36 41.90 11.77
N HIS A 521 -19.97 42.67 12.79
CA HIS A 521 -18.91 42.21 13.68
C HIS A 521 -19.38 41.06 14.57
N ALA A 522 -20.63 41.14 15.03
CA ALA A 522 -21.15 40.07 15.88
C ALA A 522 -21.35 38.77 15.10
N SER A 523 -21.57 38.87 13.79
CA SER A 523 -21.66 37.66 12.99
C SER A 523 -20.30 37.17 12.53
N MET A 524 -19.34 38.08 12.36
CA MET A 524 -17.97 37.67 12.08
C MET A 524 -17.38 36.91 13.26
N GLY A 525 -17.73 37.33 14.47
CA GLY A 525 -17.26 36.62 15.65
C GLY A 525 -18.06 35.37 15.97
N GLY A 526 -19.36 35.40 15.71
CA GLY A 526 -20.20 34.26 16.02
C GLY A 526 -20.82 34.29 17.40
N TYR A 527 -21.07 35.48 17.94
CA TYR A 527 -21.63 35.63 19.27
C TYR A 527 -23.13 35.79 19.16
N THR A 528 -23.87 34.80 19.64
CA THR A 528 -25.31 34.79 19.45
C THR A 528 -26.05 35.74 20.38
N GLN A 529 -25.46 36.07 21.53
CA GLN A 529 -26.18 36.88 22.51
C GLN A 529 -26.29 38.33 22.07
N THR A 530 -25.17 38.93 21.66
CA THR A 530 -25.18 40.30 21.19
C THR A 530 -25.98 40.41 19.90
N MET A 531 -25.89 39.38 19.06
CA MET A 531 -26.68 39.29 17.84
C MET A 531 -28.17 39.27 18.15
N LYS A 532 -28.58 38.51 19.16
CA LYS A 532 -29.98 38.44 19.55
C LYS A 532 -30.45 39.77 20.12
N VAL A 533 -29.59 40.47 20.85
CA VAL A 533 -29.96 41.77 21.41
C VAL A 533 -30.15 42.80 20.30
N ILE A 534 -29.23 42.84 19.33
CA ILE A 534 -29.31 43.78 18.22
C ILE A 534 -30.55 43.49 17.38
N LEU A 535 -30.87 42.20 17.18
CA LEU A 535 -32.07 41.87 16.42
C LEU A 535 -33.35 42.15 17.20
N ASP A 536 -33.31 42.07 18.52
CA ASP A 536 -34.50 42.38 19.30
C ASP A 536 -34.74 43.87 19.44
N THR A 537 -33.72 44.72 19.26
CA THR A 537 -33.99 46.16 19.28
C THR A 537 -34.64 46.62 17.99
N ASN A 538 -33.96 46.47 16.86
CA ASN A 538 -34.45 46.94 15.58
C ASN A 538 -34.40 45.83 14.54
N LEU A 539 -35.30 45.92 13.57
CA LEU A 539 -35.35 44.99 12.46
C LEU A 539 -34.86 45.60 11.15
N LYS A 540 -34.56 46.88 11.11
CA LYS A 540 -34.11 47.55 9.90
C LYS A 540 -32.60 47.50 9.73
N CYS A 541 -31.91 46.64 10.48
CA CYS A 541 -30.46 46.54 10.41
C CYS A 541 -30.00 45.25 9.72
N THR A 542 -30.90 44.29 9.50
CA THR A 542 -30.51 42.98 8.98
C THR A 542 -30.05 43.07 7.54
N ASP A 543 -30.93 43.51 6.64
CA ASP A 543 -30.57 43.67 5.25
C ASP A 543 -29.70 44.92 5.11
N ARG A 544 -28.39 44.74 5.16
CA ARG A 544 -27.46 45.86 5.08
C ARG A 544 -26.22 45.39 4.35
N LEU A 545 -25.72 46.23 3.43
CA LEU A 545 -24.59 45.86 2.61
C LEU A 545 -23.35 46.62 3.05
N ASP A 546 -22.20 45.97 2.89
CA ASP A 546 -20.92 46.62 3.15
C ASP A 546 -20.41 47.22 1.84
N GLU A 547 -19.13 47.58 1.79
CA GLU A 547 -18.54 48.08 0.55
C GLU A 547 -18.36 46.99 -0.49
N ASP A 548 -18.48 45.71 -0.13
CA ASP A 548 -18.31 44.61 -1.04
C ASP A 548 -19.62 43.89 -1.33
N GLY A 549 -20.73 44.37 -0.77
CA GLY A 549 -22.02 43.78 -1.03
C GLY A 549 -22.38 42.61 -0.15
N ASN A 550 -21.55 42.28 0.84
CA ASN A 550 -21.85 41.18 1.74
C ASN A 550 -22.84 41.63 2.81
N THR A 551 -23.60 40.68 3.31
CA THR A 551 -24.47 40.89 4.46
C THR A 551 -23.85 40.19 5.67
N ALA A 552 -24.57 40.24 6.79
CA ALA A 552 -24.12 39.55 7.99
C ALA A 552 -24.20 38.04 7.82
N LEU A 553 -25.17 37.57 7.03
CA LEU A 553 -25.32 36.14 6.80
C LEU A 553 -24.17 35.59 5.97
N HIS A 554 -23.58 36.43 5.11
CA HIS A 554 -22.41 36.03 4.34
C HIS A 554 -21.22 35.74 5.26
N PHE A 555 -20.96 36.63 6.22
CA PHE A 555 -19.84 36.41 7.13
C PHE A 555 -20.12 35.25 8.08
N ALA A 556 -21.36 35.15 8.56
CA ALA A 556 -21.70 34.08 9.50
C ALA A 556 -21.64 32.72 8.83
N ALA A 557 -21.90 32.65 7.53
CA ALA A 557 -21.75 31.38 6.83
C ALA A 557 -20.31 31.16 6.41
N ARG A 558 -19.54 32.23 6.20
CA ARG A 558 -18.16 32.06 5.76
C ARG A 558 -17.29 31.54 6.89
N GLU A 559 -17.52 32.01 8.11
CA GLU A 559 -16.70 31.60 9.22
C GLU A 559 -17.17 30.31 9.88
N GLY A 560 -18.31 29.77 9.45
CA GLY A 560 -18.73 28.47 9.94
C GLY A 560 -19.36 28.47 11.31
N HIS A 561 -20.24 29.42 11.59
CA HIS A 561 -20.95 29.49 12.86
C HIS A 561 -22.39 29.09 12.61
N ALA A 562 -22.76 27.88 13.05
CA ALA A 562 -24.04 27.31 12.67
C ALA A 562 -25.20 28.00 13.38
N LYS A 563 -25.04 28.29 14.67
CA LYS A 563 -26.13 28.89 15.43
C LYS A 563 -26.39 30.32 15.01
N ALA A 564 -25.36 31.04 14.56
CA ALA A 564 -25.56 32.38 14.04
C ALA A 564 -26.33 32.37 12.73
N VAL A 565 -26.04 31.39 11.87
CA VAL A 565 -26.77 31.25 10.61
C VAL A 565 -28.21 30.85 10.88
N ALA A 566 -28.43 29.95 11.84
CA ALA A 566 -29.80 29.58 12.20
C ALA A 566 -30.55 30.73 12.84
N LEU A 567 -29.86 31.63 13.55
CA LEU A 567 -30.53 32.76 14.17
C LEU A 567 -30.91 33.81 13.14
N LEU A 568 -30.00 34.12 12.21
CA LEU A 568 -30.36 35.03 11.13
C LEU A 568 -31.34 34.42 10.15
N LEU A 569 -31.44 33.10 10.12
CA LEU A 569 -32.32 32.45 9.16
C LEU A 569 -33.70 32.20 9.73
N SER A 570 -33.83 32.12 11.06
CA SER A 570 -35.15 32.10 11.68
C SER A 570 -35.87 33.43 11.49
N HIS A 571 -35.13 34.52 11.51
CA HIS A 571 -35.65 35.80 11.06
C HIS A 571 -35.51 35.88 9.55
N ASN A 572 -36.15 36.88 8.96
CA ASN A 572 -36.07 37.06 7.52
C ASN A 572 -34.71 37.63 7.16
N ALA A 573 -33.95 36.89 6.36
CA ALA A 573 -32.55 37.22 6.13
C ALA A 573 -32.29 37.97 4.84
N ASP A 574 -33.21 37.94 3.88
CA ASP A 574 -33.13 38.65 2.60
C ASP A 574 -31.89 38.26 1.81
N ILE A 575 -31.91 37.00 1.35
CA ILE A 575 -30.78 36.42 0.62
C ILE A 575 -30.51 37.17 -0.66
N VAL A 576 -29.27 37.60 -0.84
CA VAL A 576 -28.86 38.40 -2.00
C VAL A 576 -27.47 37.91 -2.41
N LEU A 577 -27.07 38.27 -3.63
CA LEU A 577 -25.77 37.88 -4.14
C LEU A 577 -24.68 38.86 -3.71
N ASN A 578 -23.45 38.52 -4.06
CA ASN A 578 -22.27 39.27 -3.68
C ASN A 578 -21.92 40.23 -4.82
N LYS A 579 -20.81 40.97 -4.67
CA LYS A 579 -20.22 41.66 -5.80
C LYS A 579 -19.73 40.67 -6.85
N GLN A 580 -19.23 39.51 -6.39
CA GLN A 580 -18.87 38.43 -7.28
C GLN A 580 -19.99 37.42 -7.46
N GLN A 581 -21.23 37.84 -7.16
CA GLN A 581 -22.46 37.06 -7.39
C GLN A 581 -22.45 35.72 -6.67
N ALA A 582 -21.88 35.69 -5.47
CA ALA A 582 -21.79 34.50 -4.67
C ALA A 582 -22.78 34.60 -3.50
N SER A 583 -23.62 33.59 -3.36
CA SER A 583 -24.52 33.57 -2.22
C SER A 583 -23.76 33.14 -0.97
N PHE A 584 -24.46 33.13 0.16
CA PHE A 584 -23.84 32.68 1.40
C PHE A 584 -23.64 31.17 1.37
N LEU A 585 -24.47 30.45 0.61
CA LEU A 585 -24.35 29.01 0.55
C LEU A 585 -23.11 28.60 -0.24
N HIS A 586 -22.82 29.30 -1.35
CA HIS A 586 -21.59 29.02 -2.07
C HIS A 586 -20.37 29.45 -1.26
N LEU A 587 -20.50 30.55 -0.51
CA LEU A 587 -19.39 31.02 0.30
C LEU A 587 -19.12 30.07 1.46
N ALA A 588 -20.13 29.33 1.91
CA ALA A 588 -19.92 28.26 2.85
C ALA A 588 -19.33 27.02 2.20
N LEU A 589 -19.73 26.72 0.97
CA LEU A 589 -19.23 25.51 0.32
C LEU A 589 -17.78 25.65 -0.11
N HIS A 590 -17.32 26.85 -0.47
CA HIS A 590 -15.93 26.97 -0.88
C HIS A 590 -14.96 26.88 0.30
N ASN A 591 -15.45 27.00 1.53
CA ASN A 591 -14.59 26.89 2.71
C ASN A 591 -14.80 25.59 3.46
N LYS A 592 -15.61 24.68 2.90
CA LYS A 592 -15.81 23.31 3.40
C LYS A 592 -16.36 23.31 4.83
N ARG A 593 -17.35 24.15 5.08
CA ARG A 593 -17.98 24.24 6.39
C ARG A 593 -19.17 23.29 6.39
N LYS A 594 -19.00 22.13 7.01
CA LYS A 594 -20.00 21.07 6.90
C LYS A 594 -21.25 21.40 7.71
N GLU A 595 -21.07 21.96 8.90
CA GLU A 595 -22.20 22.09 9.82
C GLU A 595 -23.17 23.17 9.37
N VAL A 596 -22.68 24.25 8.75
CA VAL A 596 -23.60 25.28 8.34
C VAL A 596 -24.39 24.86 7.11
N VAL A 597 -23.79 24.09 6.18
CA VAL A 597 -24.60 23.68 5.04
C VAL A 597 -25.54 22.56 5.44
N LEU A 598 -25.19 21.79 6.47
CA LEU A 598 -26.12 20.80 6.98
C LEU A 598 -27.31 21.47 7.67
N THR A 599 -27.07 22.54 8.43
CA THR A 599 -28.21 23.19 9.06
C THR A 599 -28.98 24.10 8.12
N ILE A 600 -28.42 24.44 6.96
CA ILE A 600 -29.23 25.06 5.91
C ILE A 600 -30.12 24.01 5.25
N ILE A 601 -29.59 22.80 5.06
CA ILE A 601 -30.40 21.70 4.52
C ILE A 601 -31.55 21.36 5.47
N ARG A 602 -31.29 21.34 6.78
CA ARG A 602 -32.35 21.04 7.74
C ARG A 602 -33.39 22.16 7.86
N SER A 603 -33.12 23.35 7.31
CA SER A 603 -34.02 24.48 7.44
C SER A 603 -35.23 24.34 6.52
N LYS A 604 -36.06 25.37 6.52
CA LYS A 604 -37.26 25.40 5.69
C LYS A 604 -37.14 26.34 4.50
N ARG A 605 -36.03 27.06 4.39
CA ARG A 605 -35.81 28.00 3.30
C ARG A 605 -34.98 27.39 2.19
N TRP A 606 -34.69 26.08 2.28
CA TRP A 606 -33.69 25.41 1.44
C TRP A 606 -34.00 25.53 -0.03
N ASP A 607 -35.26 25.31 -0.41
CA ASP A 607 -35.69 25.42 -1.80
C ASP A 607 -35.44 26.82 -2.34
N GLU A 608 -35.76 27.84 -1.54
CA GLU A 608 -35.44 29.21 -1.90
C GLU A 608 -33.94 29.41 -2.01
N CYS A 609 -33.19 28.79 -1.09
CA CYS A 609 -31.73 28.85 -1.15
C CYS A 609 -31.17 28.13 -2.36
N LEU A 610 -31.97 27.23 -2.96
CA LEU A 610 -31.53 26.55 -4.16
C LEU A 610 -31.80 27.38 -5.42
N LYS A 611 -32.68 28.38 -5.32
CA LYS A 611 -33.17 29.02 -6.55
C LYS A 611 -32.14 29.95 -7.18
N ILE A 612 -31.51 30.74 -6.33
CA ILE A 612 -30.59 31.80 -6.71
C ILE A 612 -29.12 31.57 -6.99
N PHE A 613 -28.70 31.77 -8.24
CA PHE A 613 -27.27 31.77 -8.54
C PHE A 613 -27.11 32.49 -9.88
N SER A 614 -25.89 32.50 -10.39
CA SER A 614 -25.57 33.20 -11.63
C SER A 614 -25.22 32.19 -12.72
N HIS A 615 -25.83 32.36 -13.89
CA HIS A 615 -25.57 31.46 -15.01
C HIS A 615 -24.31 31.80 -15.78
N ASN A 616 -23.66 32.91 -15.46
CA ASN A 616 -22.54 33.39 -16.25
C ASN A 616 -21.19 33.28 -15.57
N SER A 617 -21.15 33.19 -14.26
CA SER A 617 -19.87 33.17 -13.56
C SER A 617 -19.26 31.78 -13.63
N PRO A 618 -17.95 31.69 -13.84
CA PRO A 618 -17.30 30.37 -13.92
C PRO A 618 -17.05 29.74 -12.56
N GLY A 619 -16.73 30.55 -11.55
CA GLY A 619 -16.43 30.03 -10.23
C GLY A 619 -17.66 29.64 -9.45
N ASN A 620 -18.69 30.47 -9.53
CA ASN A 620 -19.96 30.20 -8.89
C ASN A 620 -20.86 29.48 -9.88
N LYS A 621 -21.30 28.27 -9.51
CA LYS A 621 -22.15 27.46 -10.37
C LYS A 621 -23.40 27.02 -9.62
N CYS A 622 -24.12 26.06 -10.18
CA CYS A 622 -25.27 25.48 -9.51
C CYS A 622 -24.82 24.79 -8.23
N PRO A 623 -25.49 25.01 -7.10
CA PRO A 623 -24.96 24.55 -5.81
C PRO A 623 -25.00 23.05 -5.62
N ILE A 624 -25.80 22.30 -6.40
CA ILE A 624 -25.78 20.86 -6.28
C ILE A 624 -24.48 20.28 -6.80
N THR A 625 -24.00 20.80 -7.94
CA THR A 625 -22.69 20.42 -8.44
C THR A 625 -21.58 20.88 -7.51
N GLU A 626 -21.78 22.00 -6.82
CA GLU A 626 -20.81 22.46 -5.84
C GLU A 626 -20.75 21.52 -4.64
N MET A 627 -21.90 21.02 -4.20
CA MET A 627 -21.91 20.05 -3.10
C MET A 627 -21.28 18.73 -3.52
N ILE A 628 -21.48 18.34 -4.78
CA ILE A 628 -20.84 17.12 -5.27
C ILE A 628 -19.33 17.30 -5.35
N GLU A 629 -18.88 18.50 -5.72
CA GLU A 629 -17.45 18.72 -5.87
C GLU A 629 -16.75 18.85 -4.52
N TYR A 630 -17.37 19.51 -3.55
CA TYR A 630 -16.67 19.85 -2.32
C TYR A 630 -17.06 19.00 -1.11
N LEU A 631 -18.34 18.91 -0.78
CA LEU A 631 -18.80 18.22 0.42
C LEU A 631 -19.76 17.10 0.03
N PRO A 632 -19.26 15.93 -0.35
CA PRO A 632 -20.15 14.87 -0.82
C PRO A 632 -20.97 14.22 0.28
N GLU A 633 -20.46 14.22 1.51
CA GLU A 633 -21.19 13.63 2.61
C GLU A 633 -22.39 14.44 3.05
N CYS A 634 -22.50 15.70 2.62
CA CYS A 634 -23.75 16.42 2.79
C CYS A 634 -24.75 16.09 1.69
N MET A 635 -24.24 15.83 0.48
CA MET A 635 -25.10 15.37 -0.60
C MET A 635 -25.67 13.99 -0.30
N LYS A 636 -24.94 13.18 0.47
CA LYS A 636 -25.49 11.90 0.92
C LYS A 636 -26.71 12.10 1.81
N VAL A 637 -26.66 13.08 2.70
CA VAL A 637 -27.80 13.36 3.58
C VAL A 637 -28.96 13.93 2.77
N LEU A 638 -28.65 14.78 1.79
CA LEU A 638 -29.67 15.34 0.91
C LEU A 638 -30.36 14.27 0.10
N LEU A 639 -29.62 13.25 -0.34
CA LEU A 639 -30.26 12.12 -1.00
C LEU A 639 -31.02 11.24 -0.01
N ASP A 640 -30.58 11.21 1.25
CA ASP A 640 -31.32 10.44 2.26
C ASP A 640 -32.67 11.08 2.57
N PHE A 641 -32.81 12.40 2.36
CA PHE A 641 -34.14 12.98 2.50
C PHE A 641 -35.07 12.62 1.35
N CYS A 642 -34.55 12.15 0.22
CA CYS A 642 -35.38 11.84 -0.93
C CYS A 642 -35.96 10.43 -0.90
N MET A 643 -35.65 9.64 0.12
CA MET A 643 -36.15 8.30 0.26
C MET A 643 -37.24 8.28 1.33
N LEU A 644 -38.44 7.84 0.95
CA LEU A 644 -39.59 7.90 1.84
C LEU A 644 -40.09 6.50 2.13
N HIS A 645 -40.22 6.17 3.40
CA HIS A 645 -40.80 4.91 3.84
C HIS A 645 -42.26 5.14 4.20
N SER A 646 -43.12 4.20 3.80
CA SER A 646 -44.55 4.43 3.93
C SER A 646 -45.07 4.14 5.33
N THR A 647 -44.96 2.87 5.77
CA THR A 647 -45.62 2.43 6.99
C THR A 647 -44.66 1.99 8.08
N GLU A 648 -43.35 1.93 7.80
CA GLU A 648 -42.31 1.46 8.73
C GLU A 648 -42.59 0.05 9.23
N ASP A 649 -43.13 -0.79 8.36
CA ASP A 649 -43.43 -2.18 8.68
C ASP A 649 -43.03 -3.03 7.49
N LYS A 650 -41.93 -3.76 7.63
CA LYS A 650 -41.36 -4.52 6.52
C LYS A 650 -42.15 -5.79 6.19
N SER A 651 -43.04 -6.23 7.08
CA SER A 651 -43.79 -7.45 6.86
C SER A 651 -45.07 -7.25 6.06
N CYS A 652 -45.50 -6.00 5.86
CA CYS A 652 -46.76 -5.73 5.19
C CYS A 652 -46.63 -5.96 3.68
N ARG A 653 -47.66 -6.57 3.10
CA ARG A 653 -47.67 -6.76 1.66
C ARG A 653 -47.98 -5.46 0.92
N ASP A 654 -48.71 -4.55 1.58
CA ASP A 654 -49.01 -3.25 1.01
C ASP A 654 -47.94 -2.21 1.33
N TYR A 655 -46.82 -2.64 1.92
CA TYR A 655 -45.74 -1.72 2.24
C TYR A 655 -44.95 -1.34 1.00
N TYR A 656 -44.61 -0.07 0.89
CA TYR A 656 -43.86 0.42 -0.26
C TYR A 656 -42.88 1.48 0.21
N ILE A 657 -41.99 1.86 -0.71
CA ILE A 657 -41.09 3.00 -0.53
C ILE A 657 -41.12 3.83 -1.81
N GLU A 658 -40.94 5.13 -1.64
CA GLU A 658 -41.02 6.07 -2.76
C GLU A 658 -39.67 6.73 -2.96
N TYR A 659 -39.23 6.78 -4.21
CA TYR A 659 -38.02 7.47 -4.61
C TYR A 659 -38.40 8.73 -5.38
N ASN A 660 -37.85 9.86 -4.96
CA ASN A 660 -38.08 11.15 -5.60
C ASN A 660 -36.80 11.59 -6.29
N PHE A 661 -36.94 12.08 -7.52
CA PHE A 661 -35.78 12.42 -8.34
C PHE A 661 -35.77 13.90 -8.67
N LYS A 662 -36.13 14.75 -7.72
CA LYS A 662 -36.27 16.16 -8.03
C LYS A 662 -34.94 16.90 -8.02
N TYR A 663 -33.91 16.38 -7.36
CA TYR A 663 -32.64 17.07 -7.27
C TYR A 663 -31.59 16.54 -8.24
N LEU A 664 -31.88 15.47 -8.97
CA LEU A 664 -30.84 14.82 -9.75
C LEU A 664 -30.66 15.39 -11.14
N GLN A 665 -31.55 16.26 -11.60
CA GLN A 665 -31.42 16.79 -12.94
C GLN A 665 -32.04 18.17 -13.03
N CYS A 666 -31.57 18.94 -14.01
CA CYS A 666 -32.12 20.23 -14.31
C CYS A 666 -33.46 20.06 -15.02
N PRO A 667 -34.27 21.12 -15.13
CA PRO A 667 -35.43 21.07 -16.03
C PRO A 667 -34.98 20.91 -17.48
N LEU A 668 -35.81 20.21 -18.25
CA LEU A 668 -35.44 19.75 -19.59
C LEU A 668 -35.34 20.88 -20.61
N GLU A 669 -35.89 22.05 -20.31
CA GLU A 669 -35.82 23.16 -21.25
C GLU A 669 -34.40 23.69 -21.40
N PHE A 670 -33.61 23.60 -20.34
CA PHE A 670 -32.22 24.03 -20.40
C PHE A 670 -31.32 23.02 -21.09
N THR A 671 -31.81 21.81 -21.34
CA THR A 671 -30.99 20.78 -21.97
C THR A 671 -30.80 21.06 -23.46
N LYS A 672 -31.91 21.20 -24.18
CA LYS A 672 -31.84 21.42 -25.62
C LYS A 672 -31.39 22.85 -25.93
N LYS A 673 -30.63 22.98 -27.01
CA LYS A 673 -30.19 24.29 -27.47
C LYS A 673 -31.38 25.11 -27.95
N THR A 674 -31.48 26.34 -27.46
CA THR A 674 -32.60 27.21 -27.72
C THR A 674 -32.07 28.58 -28.12
N PRO A 675 -32.68 29.23 -29.13
CA PRO A 675 -32.23 30.59 -29.50
C PRO A 675 -32.46 31.63 -28.42
N THR A 676 -33.37 31.40 -27.48
CA THR A 676 -33.56 32.34 -26.38
C THR A 676 -32.61 32.06 -25.22
N GLN A 677 -32.53 30.80 -24.79
CA GLN A 677 -31.66 30.41 -23.69
C GLN A 677 -30.25 30.21 -24.21
N ASP A 678 -29.36 31.15 -23.89
CA ASP A 678 -27.98 31.08 -24.38
C ASP A 678 -27.19 29.99 -23.68
N VAL A 679 -27.48 29.73 -22.41
CA VAL A 679 -26.78 28.69 -21.66
C VAL A 679 -27.49 27.37 -21.85
N ILE A 680 -26.71 26.29 -21.81
CA ILE A 680 -27.22 24.93 -21.92
C ILE A 680 -26.60 24.09 -20.81
N TYR A 681 -27.26 22.97 -20.52
CA TYR A 681 -26.74 21.98 -19.58
C TYR A 681 -26.90 20.61 -20.21
N GLU A 682 -25.87 19.78 -20.07
CA GLU A 682 -25.98 18.40 -20.53
C GLU A 682 -26.96 17.64 -19.65
N PRO A 683 -27.69 16.68 -20.21
CA PRO A 683 -28.64 15.91 -19.39
C PRO A 683 -27.92 15.02 -18.41
N LEU A 684 -28.67 14.59 -17.40
CA LEU A 684 -28.17 13.84 -16.24
C LEU A 684 -27.06 14.61 -15.55
N THR A 685 -27.43 15.78 -15.01
CA THR A 685 -26.46 16.76 -14.56
C THR A 685 -25.70 16.28 -13.34
N ALA A 686 -26.43 15.89 -12.29
CA ALA A 686 -25.81 15.47 -11.04
C ALA A 686 -25.02 14.18 -11.23
N LEU A 687 -25.49 13.29 -12.11
CA LEU A 687 -24.78 12.04 -12.34
C LEU A 687 -23.47 12.27 -13.07
N ASN A 688 -23.46 13.19 -14.05
CA ASN A 688 -22.21 13.52 -14.72
C ASN A 688 -21.24 14.22 -13.79
N ALA A 689 -21.77 15.07 -12.89
CA ALA A 689 -20.91 15.72 -11.91
C ALA A 689 -20.35 14.72 -10.90
N MET A 690 -21.11 13.68 -10.57
CA MET A 690 -20.61 12.65 -9.68
C MET A 690 -19.59 11.75 -10.36
N VAL A 691 -19.74 11.52 -11.66
CA VAL A 691 -18.77 10.70 -12.38
C VAL A 691 -17.46 11.45 -12.57
N GLN A 692 -17.52 12.73 -12.88
CA GLN A 692 -16.29 13.51 -13.09
C GLN A 692 -15.52 13.77 -11.81
N ASN A 693 -16.08 13.50 -10.63
CA ASN A 693 -15.39 13.71 -9.38
C ASN A 693 -15.16 12.43 -8.60
N ASN A 694 -15.45 11.27 -9.21
CA ASN A 694 -15.11 9.94 -8.69
C ASN A 694 -15.78 9.65 -7.35
N ARG A 695 -17.03 10.07 -7.21
CA ARG A 695 -17.76 9.89 -5.96
C ARG A 695 -18.60 8.63 -6.05
N ILE A 696 -17.93 7.48 -5.93
CA ILE A 696 -18.58 6.20 -6.19
C ILE A 696 -19.53 5.82 -5.06
N GLU A 697 -19.30 6.32 -3.84
CA GLU A 697 -20.20 6.04 -2.74
C GLU A 697 -21.55 6.73 -2.92
N LEU A 698 -21.60 7.78 -3.72
CA LEU A 698 -22.86 8.39 -4.08
C LEU A 698 -23.50 7.72 -5.30
N LEU A 699 -22.69 7.12 -6.17
CA LEU A 699 -23.25 6.35 -7.27
C LEU A 699 -23.90 5.07 -6.79
N ASN A 700 -23.38 4.46 -5.72
CA ASN A 700 -23.97 3.26 -5.18
C ASN A 700 -25.15 3.54 -4.25
N HIS A 701 -25.58 4.79 -4.13
CA HIS A 701 -26.74 5.10 -3.33
C HIS A 701 -27.99 4.59 -4.04
N PRO A 702 -28.98 4.08 -3.31
CA PRO A 702 -30.13 3.43 -3.95
C PRO A 702 -31.01 4.36 -4.78
N VAL A 703 -31.02 5.66 -4.48
CA VAL A 703 -31.78 6.59 -5.30
C VAL A 703 -31.18 6.71 -6.69
N CYS A 704 -29.84 6.71 -6.77
CA CYS A 704 -29.18 6.76 -8.07
C CYS A 704 -29.38 5.46 -8.85
N LYS A 705 -29.39 4.32 -8.15
CA LYS A 705 -29.64 3.04 -8.82
C LYS A 705 -31.04 2.97 -9.38
N GLU A 706 -32.04 3.45 -8.61
CA GLU A 706 -33.40 3.50 -9.12
C GLU A 706 -33.55 4.51 -10.24
N TYR A 707 -32.73 5.58 -10.21
CA TYR A 707 -32.78 6.56 -11.29
C TYR A 707 -32.26 5.98 -12.58
N LEU A 708 -31.15 5.24 -12.53
CA LEU A 708 -30.66 4.57 -13.73
C LEU A 708 -31.60 3.47 -14.20
N LEU A 709 -32.25 2.77 -13.27
CA LEU A 709 -33.18 1.72 -13.66
C LEU A 709 -34.40 2.29 -14.37
N MET A 710 -34.94 3.40 -13.85
CA MET A 710 -36.02 4.09 -14.52
C MET A 710 -35.59 4.64 -15.87
N LYS A 711 -34.38 5.20 -15.95
CA LYS A 711 -33.92 5.77 -17.20
C LYS A 711 -33.67 4.69 -18.25
N TRP A 712 -33.29 3.49 -17.81
CA TRP A 712 -33.09 2.38 -18.73
C TRP A 712 -34.42 1.82 -19.21
N LEU A 713 -35.38 1.69 -18.31
CA LEU A 713 -36.69 1.19 -18.71
C LEU A 713 -37.50 2.21 -19.48
N ALA A 714 -37.11 3.48 -19.45
CA ALA A 714 -37.84 4.49 -20.19
C ALA A 714 -37.57 4.35 -21.69
N TYR A 715 -36.33 4.58 -22.10
CA TYR A 715 -36.01 4.54 -23.52
C TYR A 715 -34.71 3.83 -23.86
N GLY A 716 -33.90 3.41 -22.90
CA GLY A 716 -32.61 2.84 -23.22
C GLY A 716 -32.68 1.44 -23.77
N PHE A 717 -33.56 0.62 -23.18
CA PHE A 717 -33.70 -0.77 -23.60
C PHE A 717 -34.26 -0.87 -25.01
N ARG A 718 -35.20 0.00 -25.37
CA ARG A 718 -35.81 -0.06 -26.69
C ARG A 718 -34.81 0.33 -27.78
N ALA A 719 -34.09 1.43 -27.57
CA ALA A 719 -33.09 1.86 -28.55
C ALA A 719 -31.95 0.86 -28.64
N HIS A 720 -31.59 0.24 -27.51
CA HIS A 720 -30.51 -0.73 -27.51
C HIS A 720 -30.91 -2.00 -28.27
N MET A 721 -32.11 -2.51 -28.03
CA MET A 721 -32.56 -3.70 -28.75
C MET A 721 -32.81 -3.41 -30.21
N MET A 722 -33.22 -2.19 -30.56
CA MET A 722 -33.39 -1.85 -31.98
C MET A 722 -32.04 -1.80 -32.69
N ASN A 723 -31.05 -1.18 -32.04
CA ASN A 723 -29.71 -1.10 -32.61
C ASN A 723 -29.06 -2.48 -32.72
N LEU A 724 -29.36 -3.37 -31.80
CA LEU A 724 -28.80 -4.72 -31.90
C LEU A 724 -29.52 -5.55 -32.95
N GLY A 725 -30.84 -5.40 -33.07
CA GLY A 725 -31.59 -6.18 -34.03
C GLY A 725 -31.32 -5.79 -35.47
N SER A 726 -31.04 -4.50 -35.71
CA SER A 726 -30.72 -4.06 -37.07
C SER A 726 -29.40 -4.63 -37.58
N TYR A 727 -28.50 -5.03 -36.69
CA TYR A 727 -27.26 -5.69 -37.06
C TYR A 727 -27.42 -7.21 -37.09
N CYS A 728 -28.22 -7.74 -36.17
CA CYS A 728 -28.41 -9.18 -36.09
C CYS A 728 -29.21 -9.70 -37.28
N LEU A 729 -30.02 -8.83 -37.89
CA LEU A 729 -30.73 -9.14 -39.12
C LEU A 729 -29.79 -9.40 -40.29
N GLY A 730 -28.57 -8.85 -40.26
CA GLY A 730 -27.60 -9.19 -41.28
C GLY A 730 -26.64 -10.26 -40.80
N LEU A 731 -26.51 -10.40 -39.48
CA LEU A 731 -25.58 -11.38 -38.93
C LEU A 731 -26.07 -12.82 -39.13
N ILE A 732 -27.33 -13.09 -38.77
CA ILE A 732 -27.83 -14.47 -38.79
C ILE A 732 -27.90 -15.12 -40.18
N PRO A 733 -28.47 -14.48 -41.23
CA PRO A 733 -28.64 -15.21 -42.49
C PRO A 733 -27.36 -15.57 -43.21
N MET A 734 -26.26 -14.85 -42.98
CA MET A 734 -25.01 -15.26 -43.59
C MET A 734 -24.45 -16.52 -42.94
N THR A 735 -24.64 -16.66 -41.63
CA THR A 735 -24.20 -17.88 -40.96
C THR A 735 -25.05 -19.07 -41.37
N ILE A 736 -26.35 -18.85 -41.54
CA ILE A 736 -27.22 -19.91 -42.07
C ILE A 736 -26.78 -20.30 -43.48
N LEU A 737 -26.46 -19.31 -44.31
CA LEU A 737 -26.10 -19.53 -45.69
C LEU A 737 -24.75 -20.22 -45.82
N VAL A 738 -23.87 -20.02 -44.84
CA VAL A 738 -22.59 -20.72 -44.83
C VAL A 738 -22.75 -22.15 -44.36
N VAL A 739 -23.46 -22.37 -43.25
CA VAL A 739 -23.54 -23.73 -42.73
C VAL A 739 -24.50 -24.62 -43.50
N ASN A 740 -25.27 -24.08 -44.45
CA ASN A 740 -26.14 -24.92 -45.25
C ASN A 740 -25.67 -25.11 -46.69
N ILE A 741 -24.52 -24.58 -47.08
CA ILE A 741 -23.95 -24.76 -48.41
C ILE A 741 -22.52 -25.24 -48.24
N LYS A 742 -22.14 -26.27 -48.99
CA LYS A 742 -20.76 -26.71 -48.97
C LYS A 742 -19.86 -25.68 -49.63
N PRO A 743 -18.77 -25.27 -48.99
CA PRO A 743 -17.90 -24.23 -49.56
C PRO A 743 -17.21 -24.67 -50.84
N GLY A 744 -16.88 -23.70 -51.67
CA GLY A 744 -16.24 -23.95 -52.94
C GLY A 744 -17.18 -24.09 -54.12
N MET A 745 -18.49 -24.16 -53.89
CA MET A 745 -19.46 -24.35 -54.95
C MET A 745 -20.20 -23.06 -55.23
N ALA A 746 -20.43 -22.77 -56.50
CA ALA A 746 -21.18 -21.59 -56.89
C ALA A 746 -22.67 -21.84 -56.66
N PHE A 747 -23.32 -20.92 -55.97
CA PHE A 747 -24.74 -21.04 -55.67
C PHE A 747 -25.47 -19.80 -56.16
N ASN A 748 -26.69 -20.05 -56.66
CA ASN A 748 -27.60 -19.03 -57.26
C ASN A 748 -28.99 -19.17 -56.65
N SER A 749 -29.83 -18.14 -56.83
CA SER A 749 -31.16 -18.07 -56.24
C SER A 749 -31.99 -19.34 -56.46
N THR A 750 -31.74 -20.07 -57.54
CA THR A 750 -32.46 -21.30 -57.77
C THR A 750 -31.75 -22.53 -57.21
N GLY A 751 -30.52 -22.40 -56.74
CA GLY A 751 -29.90 -23.52 -56.06
C GLY A 751 -28.39 -23.51 -56.26
N ILE A 752 -27.81 -24.69 -56.11
CA ILE A 752 -26.37 -24.88 -56.09
C ILE A 752 -25.93 -25.53 -57.39
N ILE A 753 -24.95 -24.94 -58.05
CA ILE A 753 -24.45 -25.43 -59.33
C ILE A 753 -23.20 -26.25 -59.06
N ASN A 754 -23.20 -27.50 -59.50
CA ASN A 754 -21.97 -28.30 -59.50
C ASN A 754 -21.63 -28.70 -60.94
N ILE A 762 -25.76 -29.21 -63.43
CA ILE A 762 -26.86 -29.70 -62.60
C ILE A 762 -27.11 -28.69 -61.48
N LEU A 763 -28.35 -28.65 -60.96
CA LEU A 763 -28.72 -27.74 -59.89
C LEU A 763 -29.41 -28.50 -58.76
N ASP A 764 -29.01 -28.20 -57.52
CA ASP A 764 -29.59 -28.83 -56.34
C ASP A 764 -30.70 -27.93 -55.77
N THR A 765 -31.91 -28.46 -55.74
CA THR A 765 -33.09 -27.80 -55.19
C THR A 765 -33.24 -28.24 -53.74
N THR A 766 -34.42 -28.03 -53.12
CA THR A 766 -34.93 -28.39 -51.79
C THR A 766 -34.38 -27.46 -50.70
N ASN A 767 -33.61 -26.44 -51.04
CA ASN A 767 -33.25 -25.41 -50.08
C ASN A 767 -33.35 -24.02 -50.70
N SER A 768 -33.91 -23.90 -51.91
CA SER A 768 -33.86 -22.64 -52.64
C SER A 768 -34.71 -21.56 -52.00
N TYR A 769 -35.83 -21.96 -51.37
CA TYR A 769 -36.68 -20.98 -50.70
C TYR A 769 -35.99 -20.37 -49.48
N LEU A 770 -35.11 -21.11 -48.84
CA LEU A 770 -34.35 -20.54 -47.73
C LEU A 770 -33.18 -19.72 -48.23
N ILE A 771 -32.49 -20.22 -49.26
CA ILE A 771 -31.28 -19.56 -49.77
C ILE A 771 -31.63 -18.21 -50.39
N LYS A 772 -32.75 -18.13 -51.11
CA LYS A 772 -33.15 -16.88 -51.75
C LYS A 772 -33.48 -15.80 -50.73
N THR A 773 -34.23 -16.16 -49.67
CA THR A 773 -34.58 -15.19 -48.65
C THR A 773 -33.37 -14.74 -47.85
N CYS A 774 -32.44 -15.67 -47.59
CA CYS A 774 -31.23 -15.27 -46.85
C CYS A 774 -30.36 -14.33 -47.68
N MET A 775 -30.24 -14.57 -48.98
CA MET A 775 -29.45 -13.66 -49.81
C MET A 775 -30.12 -12.29 -49.93
N ILE A 776 -31.45 -12.25 -50.02
CA ILE A 776 -32.14 -10.97 -50.07
C ILE A 776 -31.96 -10.19 -48.78
N LEU A 777 -32.02 -10.89 -47.63
CA LEU A 777 -31.81 -10.21 -46.35
C LEU A 777 -30.41 -9.66 -46.20
N VAL A 778 -29.39 -10.41 -46.64
CA VAL A 778 -28.01 -9.92 -46.53
C VAL A 778 -27.79 -8.73 -47.46
N PHE A 779 -28.37 -8.78 -48.66
CA PHE A 779 -28.22 -7.66 -49.61
C PHE A 779 -28.88 -6.39 -49.10
N LEU A 780 -30.11 -6.52 -48.58
CA LEU A 780 -30.81 -5.34 -48.06
C LEU A 780 -30.13 -4.77 -46.82
N SER A 781 -29.63 -5.64 -45.93
CA SER A 781 -28.93 -5.16 -44.76
C SER A 781 -27.64 -4.43 -45.13
N SER A 782 -26.96 -4.90 -46.16
CA SER A 782 -25.74 -4.23 -46.60
C SER A 782 -26.02 -2.87 -47.21
N ILE A 783 -27.09 -2.75 -48.02
CA ILE A 783 -27.32 -1.44 -48.63
C ILE A 783 -27.88 -0.44 -47.61
N PHE A 784 -28.67 -0.89 -46.63
CA PHE A 784 -29.08 0.04 -45.58
C PHE A 784 -27.90 0.43 -44.69
N GLY A 785 -26.93 -0.48 -44.52
CA GLY A 785 -25.71 -0.10 -43.84
C GLY A 785 -24.91 0.94 -44.59
N TYR A 786 -24.88 0.84 -45.92
CA TYR A 786 -24.27 1.89 -46.75
C TYR A 786 -24.97 3.23 -46.55
N CYS A 787 -26.31 3.23 -46.52
CA CYS A 787 -27.04 4.49 -46.37
C CYS A 787 -26.79 5.12 -45.01
N LYS A 788 -26.78 4.32 -43.95
CA LYS A 788 -26.47 4.85 -42.62
C LYS A 788 -25.03 5.34 -42.54
N GLU A 789 -24.11 4.64 -43.20
CA GLU A 789 -22.71 5.04 -43.18
C GLU A 789 -22.49 6.34 -43.96
N ALA A 790 -23.20 6.52 -45.08
CA ALA A 790 -23.08 7.77 -45.82
C ALA A 790 -23.74 8.93 -45.08
N GLY A 791 -24.81 8.65 -44.33
CA GLY A 791 -25.35 9.66 -43.44
C GLY A 791 -24.35 10.08 -42.37
N GLN A 792 -23.62 9.12 -41.81
CA GLN A 792 -22.57 9.49 -40.85
C GLN A 792 -21.40 10.19 -41.52
N ILE A 793 -21.15 9.91 -42.80
CA ILE A 793 -20.13 10.64 -43.56
C ILE A 793 -20.50 12.11 -43.67
N PHE A 794 -21.71 12.39 -44.13
CA PHE A 794 -22.13 13.78 -44.28
C PHE A 794 -22.47 14.45 -42.96
N GLN A 795 -22.59 13.70 -41.87
CA GLN A 795 -22.83 14.31 -40.56
C GLN A 795 -21.53 14.61 -39.80
N GLN A 796 -20.65 13.61 -39.65
CA GLN A 796 -19.54 13.72 -38.72
C GLN A 796 -18.42 14.64 -39.23
N LYS A 797 -18.24 14.72 -40.55
CA LYS A 797 -17.34 15.66 -41.24
C LYS A 797 -15.87 15.44 -40.80
N ARG A 798 -15.35 14.28 -41.19
CA ARG A 798 -13.94 13.91 -41.16
C ARG A 798 -13.36 13.77 -39.74
N ASN A 799 -14.20 13.74 -38.71
CA ASN A 799 -13.73 13.38 -37.38
C ASN A 799 -13.74 11.88 -37.14
N TYR A 800 -14.37 11.12 -38.03
CA TYR A 800 -14.54 9.68 -37.92
C TYR A 800 -13.45 8.89 -38.62
N PHE A 801 -12.42 9.57 -39.17
CA PHE A 801 -11.40 8.86 -39.93
C PHE A 801 -10.52 8.00 -39.02
N MET A 802 -10.23 8.48 -37.81
CA MET A 802 -9.43 7.72 -36.85
C MET A 802 -10.33 6.83 -35.99
N ASP A 803 -11.01 5.91 -36.66
CA ASP A 803 -11.95 5.00 -36.00
C ASP A 803 -11.90 3.65 -36.69
N ILE A 804 -11.77 2.59 -35.91
CA ILE A 804 -11.66 1.28 -36.52
C ILE A 804 -13.04 0.66 -36.76
N SER A 805 -14.07 1.11 -36.03
CA SER A 805 -15.39 0.51 -36.17
C SER A 805 -16.01 0.87 -37.51
N ASN A 806 -15.76 2.08 -38.00
CA ASN A 806 -16.22 2.46 -39.32
C ASN A 806 -15.54 1.62 -40.40
N VAL A 807 -14.24 1.34 -40.22
CA VAL A 807 -13.49 0.56 -41.20
C VAL A 807 -13.97 -0.88 -41.23
N LEU A 808 -14.26 -1.45 -40.05
CA LEU A 808 -14.82 -2.79 -39.99
C LEU A 808 -16.19 -2.84 -40.65
N GLU A 809 -16.99 -1.78 -40.50
CA GLU A 809 -18.28 -1.77 -41.16
C GLU A 809 -18.15 -1.66 -42.67
N TRP A 810 -17.17 -0.88 -43.16
CA TRP A 810 -16.91 -0.82 -44.60
C TRP A 810 -16.55 -2.18 -45.16
N ILE A 811 -15.64 -2.88 -44.48
CA ILE A 811 -15.19 -4.19 -44.95
C ILE A 811 -16.33 -5.19 -44.96
N ILE A 812 -17.12 -5.22 -43.87
CA ILE A 812 -18.27 -6.12 -43.77
C ILE A 812 -19.28 -5.86 -44.86
N TYR A 813 -19.59 -4.59 -45.12
CA TYR A 813 -20.66 -4.28 -46.06
C TYR A 813 -20.25 -4.57 -47.49
N THR A 814 -19.02 -4.17 -47.88
CA THR A 814 -18.57 -4.46 -49.25
C THR A 814 -18.41 -5.95 -49.48
N THR A 815 -17.88 -6.67 -48.50
CA THR A 815 -17.58 -8.07 -48.71
C THR A 815 -18.86 -8.90 -48.71
N GLY A 816 -19.83 -8.53 -47.88
CA GLY A 816 -21.12 -9.18 -47.92
C GLY A 816 -21.92 -8.85 -49.16
N ILE A 817 -21.69 -7.67 -49.76
CA ILE A 817 -22.26 -7.41 -51.09
C ILE A 817 -21.69 -8.38 -52.11
N ILE A 818 -20.36 -8.54 -52.12
CA ILE A 818 -19.74 -9.37 -53.17
C ILE A 818 -20.08 -10.85 -52.99
N PHE A 819 -20.32 -11.28 -51.75
CA PHE A 819 -20.70 -12.68 -51.52
C PHE A 819 -22.09 -13.02 -52.03
N VAL A 820 -22.95 -12.02 -52.26
CA VAL A 820 -24.35 -12.25 -52.57
C VAL A 820 -24.70 -11.94 -54.01
N LEU A 821 -23.91 -11.11 -54.71
CA LEU A 821 -24.13 -10.64 -56.08
C LEU A 821 -24.52 -11.62 -57.20
N PRO A 822 -24.22 -12.95 -57.14
CA PRO A 822 -24.80 -13.85 -58.16
C PRO A 822 -26.31 -13.91 -58.31
N LEU A 823 -27.10 -13.25 -57.46
CA LEU A 823 -28.50 -13.09 -57.81
C LEU A 823 -28.73 -11.96 -58.81
N PHE A 824 -27.70 -11.17 -59.13
CA PHE A 824 -27.77 -10.26 -60.27
C PHE A 824 -26.76 -10.61 -61.35
N VAL A 825 -25.47 -10.66 -61.02
CA VAL A 825 -24.40 -10.79 -62.00
C VAL A 825 -23.60 -12.05 -61.69
N GLU A 826 -23.34 -12.86 -62.71
CA GLU A 826 -22.62 -14.11 -62.50
C GLU A 826 -21.15 -13.83 -62.19
N ILE A 827 -20.65 -14.50 -61.14
CA ILE A 827 -19.31 -14.31 -60.61
C ILE A 827 -18.68 -15.69 -60.44
N PRO A 828 -17.39 -15.88 -60.73
CA PRO A 828 -16.74 -17.17 -60.44
C PRO A 828 -16.74 -17.48 -58.96
N ALA A 829 -16.83 -18.78 -58.64
CA ALA A 829 -17.04 -19.23 -57.27
C ALA A 829 -15.83 -18.97 -56.38
N HIS A 830 -14.64 -18.85 -56.97
CA HIS A 830 -13.43 -18.62 -56.19
C HIS A 830 -13.48 -17.27 -55.48
N LEU A 831 -13.82 -16.21 -56.22
CA LEU A 831 -13.99 -14.88 -55.64
C LEU A 831 -15.14 -14.86 -54.64
N GLN A 832 -16.19 -15.62 -54.91
CA GLN A 832 -17.37 -15.63 -54.04
C GLN A 832 -17.04 -16.21 -52.67
N TRP A 833 -16.37 -17.37 -52.63
CA TRP A 833 -16.03 -17.92 -51.33
C TRP A 833 -14.87 -17.20 -50.68
N GLN A 834 -13.98 -16.59 -51.47
CA GLN A 834 -12.94 -15.74 -50.92
C GLN A 834 -13.53 -14.55 -50.17
N CYS A 835 -14.63 -14.00 -50.69
CA CYS A 835 -15.28 -12.91 -49.97
C CYS A 835 -16.10 -13.43 -48.79
N GLY A 836 -16.73 -14.59 -48.95
CA GLY A 836 -17.52 -15.13 -47.85
C GLY A 836 -16.72 -15.45 -46.61
N ALA A 837 -15.47 -15.86 -46.80
CA ALA A 837 -14.59 -16.14 -45.67
C ALA A 837 -14.30 -14.88 -44.86
N ILE A 838 -13.95 -13.79 -45.55
CA ILE A 838 -13.61 -12.54 -44.89
C ILE A 838 -14.83 -11.95 -44.23
N ALA A 839 -16.01 -12.09 -44.86
CA ALA A 839 -17.23 -11.55 -44.28
C ALA A 839 -17.63 -12.31 -43.03
N VAL A 840 -17.54 -13.64 -43.03
CA VAL A 840 -17.98 -14.39 -41.86
C VAL A 840 -16.97 -14.23 -40.72
N TYR A 841 -15.71 -13.97 -41.04
CA TYR A 841 -14.76 -13.61 -39.99
C TYR A 841 -15.11 -12.27 -39.36
N PHE A 842 -15.27 -11.22 -40.17
CA PHE A 842 -15.43 -9.90 -39.59
C PHE A 842 -16.80 -9.61 -39.01
N TYR A 843 -17.86 -10.32 -39.41
CA TYR A 843 -19.15 -10.16 -38.74
C TYR A 843 -19.07 -10.51 -37.26
N TRP A 844 -18.63 -11.73 -36.95
CA TRP A 844 -18.53 -12.12 -35.56
C TRP A 844 -17.38 -11.45 -34.84
N MET A 845 -16.37 -10.96 -35.56
CA MET A 845 -15.35 -10.19 -34.88
C MET A 845 -15.85 -8.81 -34.50
N ASN A 846 -16.67 -8.20 -35.34
CA ASN A 846 -17.25 -6.90 -35.03
C ASN A 846 -18.32 -7.00 -33.96
N PHE A 847 -18.98 -8.16 -33.85
CA PHE A 847 -20.08 -8.31 -32.90
C PHE A 847 -19.63 -8.26 -31.45
N LEU A 848 -18.32 -8.36 -31.17
CA LEU A 848 -17.85 -8.16 -29.81
C LEU A 848 -17.99 -6.71 -29.36
N LEU A 849 -17.93 -5.77 -30.29
CA LEU A 849 -17.99 -4.36 -29.93
C LEU A 849 -19.39 -3.92 -29.49
N TYR A 850 -20.42 -4.71 -29.77
CA TYR A 850 -21.75 -4.38 -29.29
C TYR A 850 -22.01 -4.92 -27.90
N LEU A 851 -21.14 -5.78 -27.39
CA LEU A 851 -21.28 -6.25 -26.02
C LEU A 851 -20.69 -5.27 -25.01
N GLN A 852 -20.06 -4.20 -25.48
CA GLN A 852 -19.49 -3.22 -24.57
C GLN A 852 -20.58 -2.40 -23.88
N ARG A 853 -21.78 -2.34 -24.46
CA ARG A 853 -22.86 -1.58 -23.86
C ARG A 853 -23.50 -2.28 -22.69
N PHE A 854 -23.35 -3.60 -22.57
CA PHE A 854 -23.89 -4.31 -21.43
C PHE A 854 -23.03 -4.08 -20.20
N GLU A 855 -23.55 -4.46 -19.04
CA GLU A 855 -22.79 -4.31 -17.80
C GLU A 855 -22.01 -5.56 -17.44
N ASN A 856 -22.51 -6.73 -17.78
CA ASN A 856 -21.87 -7.97 -17.36
C ASN A 856 -20.74 -8.39 -18.28
N CYS A 857 -20.45 -7.63 -19.34
CA CYS A 857 -19.53 -8.12 -20.36
C CYS A 857 -18.44 -7.12 -20.70
N GLY A 858 -18.73 -5.82 -20.61
CA GLY A 858 -17.88 -4.79 -21.17
C GLY A 858 -16.52 -4.65 -20.54
N ILE A 859 -16.37 -5.11 -19.29
CA ILE A 859 -15.08 -5.02 -18.63
C ILE A 859 -14.08 -5.98 -19.27
N PHE A 860 -14.55 -7.09 -19.82
CA PHE A 860 -13.65 -8.00 -20.53
C PHE A 860 -13.19 -7.41 -21.84
N ILE A 861 -14.08 -6.70 -22.51
CA ILE A 861 -13.72 -6.05 -23.77
C ILE A 861 -12.72 -4.93 -23.54
N VAL A 862 -12.86 -4.19 -22.44
CA VAL A 862 -11.90 -3.11 -22.23
C VAL A 862 -10.55 -3.66 -21.75
N MET A 863 -10.54 -4.79 -21.02
CA MET A 863 -9.26 -5.41 -20.67
C MET A 863 -8.56 -5.98 -21.89
N LEU A 864 -9.35 -6.55 -22.81
CA LEU A 864 -8.80 -7.08 -24.05
C LEU A 864 -8.23 -5.96 -24.92
N GLU A 865 -8.89 -4.80 -24.90
CA GLU A 865 -8.39 -3.62 -25.60
C GLU A 865 -7.05 -3.17 -25.06
N VAL A 866 -6.92 -3.12 -23.73
CA VAL A 866 -5.66 -2.67 -23.10
C VAL A 866 -4.51 -3.62 -23.43
N ILE A 867 -4.75 -4.93 -23.32
CA ILE A 867 -3.70 -5.91 -23.60
C ILE A 867 -3.31 -5.88 -25.07
N LEU A 868 -4.27 -5.67 -25.96
CA LEU A 868 -3.98 -5.66 -27.38
C LEU A 868 -3.18 -4.41 -27.78
N LYS A 869 -3.46 -3.27 -27.15
CA LYS A 869 -2.68 -2.08 -27.42
C LYS A 869 -1.23 -2.22 -26.94
N THR A 870 -1.04 -2.90 -25.80
CA THR A 870 0.33 -3.09 -25.32
C THR A 870 1.10 -4.05 -26.24
N LEU A 871 0.40 -5.04 -26.81
CA LEU A 871 1.04 -5.92 -27.78
C LEU A 871 1.45 -5.16 -29.04
N LEU A 872 0.59 -4.23 -29.48
CA LEU A 872 0.93 -3.36 -30.60
C LEU A 872 2.11 -2.44 -30.29
N ARG A 873 2.33 -2.12 -29.01
CA ARG A 873 3.55 -1.39 -28.71
C ARG A 873 4.79 -2.27 -28.73
N SER A 874 4.66 -3.55 -28.40
CA SER A 874 5.84 -4.43 -28.42
C SER A 874 6.16 -5.04 -29.79
N THR A 875 5.32 -4.78 -30.81
CA THR A 875 5.49 -5.44 -32.11
C THR A 875 6.84 -5.15 -32.79
N VAL A 876 7.51 -4.04 -32.51
CA VAL A 876 8.75 -3.78 -33.25
C VAL A 876 9.90 -4.64 -32.71
N VAL A 877 9.93 -4.86 -31.38
CA VAL A 877 10.89 -5.78 -30.79
C VAL A 877 10.60 -7.20 -31.26
N PHE A 878 9.31 -7.53 -31.39
CA PHE A 878 8.93 -8.81 -32.00
C PHE A 878 9.52 -8.98 -33.39
N ILE A 879 9.35 -7.96 -34.24
CA ILE A 879 9.78 -8.04 -35.64
C ILE A 879 11.29 -8.22 -35.75
N PHE A 880 12.05 -7.44 -34.98
CA PHE A 880 13.50 -7.50 -35.14
C PHE A 880 14.09 -8.79 -34.58
N LEU A 881 13.62 -9.23 -33.40
CA LEU A 881 14.14 -10.45 -32.80
C LEU A 881 13.75 -11.67 -33.64
N LEU A 882 12.51 -11.70 -34.12
CA LEU A 882 12.04 -12.80 -34.94
C LEU A 882 12.72 -12.83 -36.30
N LEU A 883 13.06 -11.67 -36.85
CA LEU A 883 13.74 -11.67 -38.14
C LEU A 883 15.17 -12.15 -38.00
N ALA A 884 15.83 -11.81 -36.88
CA ALA A 884 17.15 -12.36 -36.56
C ALA A 884 17.15 -13.87 -36.55
N PHE A 885 16.28 -14.47 -35.72
CA PHE A 885 16.26 -15.93 -35.62
C PHE A 885 15.79 -16.59 -36.92
N GLY A 886 14.90 -15.93 -37.67
CA GLY A 886 14.42 -16.52 -38.90
C GLY A 886 15.48 -16.60 -39.98
N LEU A 887 16.26 -15.53 -40.16
CA LEU A 887 17.30 -15.59 -41.18
C LEU A 887 18.46 -16.48 -40.74
N SER A 888 18.72 -16.58 -39.44
CA SER A 888 19.73 -17.50 -38.95
C SER A 888 19.34 -18.95 -39.23
N PHE A 889 18.09 -19.32 -38.95
CA PHE A 889 17.66 -20.68 -39.27
C PHE A 889 17.53 -20.92 -40.76
N TYR A 890 17.29 -19.86 -41.55
CA TYR A 890 17.28 -20.03 -43.00
C TYR A 890 18.67 -20.38 -43.52
N ILE A 891 19.72 -19.78 -42.97
CA ILE A 891 21.06 -20.12 -43.43
C ILE A 891 21.46 -21.50 -42.92
N LEU A 892 21.16 -21.82 -41.66
CA LEU A 892 21.63 -23.06 -41.06
C LEU A 892 20.94 -24.30 -41.64
N LEU A 893 19.62 -24.26 -41.77
CA LEU A 893 18.82 -25.44 -42.01
C LEU A 893 18.20 -25.43 -43.40
N ASN A 894 18.98 -25.09 -44.41
CA ASN A 894 18.46 -24.83 -45.74
C ASN A 894 17.93 -26.09 -46.42
N LEU A 895 18.51 -27.25 -46.12
CA LEU A 895 18.15 -28.46 -46.84
C LEU A 895 16.79 -29.02 -46.46
N GLN A 896 16.17 -28.52 -45.41
CA GLN A 896 14.88 -29.04 -44.97
C GLN A 896 13.74 -28.27 -45.62
N ASP A 897 12.60 -28.93 -45.75
CA ASP A 897 11.44 -28.28 -46.36
C ASP A 897 10.84 -27.09 -45.62
N PRO A 898 10.77 -27.03 -44.26
CA PRO A 898 10.22 -25.82 -43.65
C PRO A 898 11.09 -24.59 -43.76
N PHE A 899 12.35 -24.73 -44.11
CA PHE A 899 13.26 -23.60 -44.20
C PHE A 899 13.77 -23.41 -45.62
N SER A 900 12.95 -23.74 -46.61
CA SER A 900 13.40 -23.64 -48.00
C SER A 900 13.50 -22.20 -48.45
N SER A 901 12.49 -21.40 -48.18
CA SER A 901 12.41 -19.99 -48.50
C SER A 901 12.65 -19.15 -47.26
N PRO A 902 13.04 -17.88 -47.40
CA PRO A 902 13.19 -17.06 -46.20
C PRO A 902 11.88 -16.69 -45.53
N LEU A 903 10.82 -16.44 -46.31
CA LEU A 903 9.54 -16.09 -45.72
C LEU A 903 8.92 -17.27 -45.00
N LEU A 904 9.08 -18.48 -45.55
CA LEU A 904 8.65 -19.68 -44.88
C LEU A 904 9.44 -19.92 -43.59
N SER A 905 10.71 -19.54 -43.58
CA SER A 905 11.52 -19.66 -42.36
C SER A 905 11.05 -18.70 -41.29
N ILE A 906 10.65 -17.49 -41.70
CA ILE A 906 10.13 -16.51 -40.74
C ILE A 906 8.81 -16.97 -40.15
N ILE A 907 7.92 -17.52 -40.98
CA ILE A 907 6.65 -18.03 -40.46
C ILE A 907 6.87 -19.26 -39.58
N GLN A 908 7.87 -20.08 -39.90
CA GLN A 908 8.18 -21.24 -39.06
C GLN A 908 8.70 -20.83 -37.69
N THR A 909 9.57 -19.81 -37.62
CA THR A 909 10.01 -19.35 -36.31
C THR A 909 8.90 -18.69 -35.52
N PHE A 910 7.99 -17.98 -36.21
CA PHE A 910 6.83 -17.44 -35.52
C PHE A 910 5.94 -18.54 -34.96
N SER A 911 5.85 -19.67 -35.65
CA SER A 911 5.09 -20.78 -35.10
C SER A 911 5.84 -21.47 -33.96
N MET A 912 7.17 -21.47 -34.03
CA MET A 912 7.99 -22.05 -32.96
C MET A 912 8.02 -21.20 -31.71
N MET A 913 7.54 -19.96 -31.79
CA MET A 913 7.51 -19.04 -30.64
C MET A 913 6.86 -19.63 -29.39
N LEU A 914 5.76 -20.36 -29.56
CA LEU A 914 5.01 -20.82 -28.39
C LEU A 914 5.64 -22.03 -27.70
N GLY A 915 6.58 -22.70 -28.32
CA GLY A 915 7.22 -23.83 -27.67
C GLY A 915 7.13 -25.12 -28.44
N ASP A 916 6.63 -25.05 -29.67
CA ASP A 916 6.56 -26.22 -30.54
C ASP A 916 7.83 -26.23 -31.39
N ILE A 917 8.92 -26.68 -30.77
CA ILE A 917 10.24 -26.53 -31.35
C ILE A 917 10.48 -27.56 -32.45
N ASN A 918 9.88 -28.75 -32.34
CA ASN A 918 10.14 -29.92 -33.17
C ASN A 918 11.62 -30.29 -33.11
N TYR A 919 12.07 -30.64 -31.91
CA TYR A 919 13.47 -30.98 -31.69
C TYR A 919 13.84 -32.30 -32.37
N ARG A 920 13.03 -33.33 -32.19
CA ARG A 920 13.37 -34.65 -32.73
C ARG A 920 13.31 -34.65 -34.25
N GLU A 921 12.37 -33.95 -34.83
CA GLU A 921 12.17 -34.05 -36.27
C GLU A 921 13.15 -33.20 -37.06
N SER A 922 13.55 -32.04 -36.54
CA SER A 922 14.35 -31.09 -37.30
C SER A 922 15.80 -31.00 -36.87
N PHE A 923 16.15 -31.45 -35.67
CA PHE A 923 17.51 -31.30 -35.17
C PHE A 923 18.20 -32.62 -34.92
N LEU A 924 17.55 -33.56 -34.23
CA LEU A 924 18.22 -34.78 -33.81
C LEU A 924 18.32 -35.79 -34.93
N GLU A 925 17.19 -36.14 -35.53
CA GLU A 925 17.20 -37.12 -36.61
C GLU A 925 17.95 -36.71 -37.87
N PRO A 926 18.03 -35.43 -38.28
CA PRO A 926 19.04 -35.10 -39.29
C PRO A 926 20.47 -35.22 -38.80
N TYR A 927 20.71 -35.05 -37.51
CA TYR A 927 22.08 -35.14 -37.00
C TYR A 927 22.56 -36.58 -36.98
N LEU A 928 21.68 -37.52 -36.66
CA LEU A 928 22.11 -38.91 -36.62
C LEU A 928 22.21 -39.55 -38.00
N ARG A 929 21.88 -38.83 -39.06
CA ARG A 929 22.04 -39.32 -40.42
C ARG A 929 23.05 -38.51 -41.20
N ASN A 930 23.83 -37.66 -40.53
CA ASN A 930 24.85 -36.78 -41.11
C ASN A 930 24.25 -35.87 -42.17
N GLU A 931 23.07 -35.33 -41.90
CA GLU A 931 22.37 -34.47 -42.83
C GLU A 931 22.39 -33.01 -42.40
N LEU A 932 23.15 -32.67 -41.37
CA LEU A 932 23.31 -31.29 -40.92
C LEU A 932 24.67 -30.78 -41.32
N ALA A 933 24.70 -29.77 -42.18
CA ALA A 933 25.87 -28.92 -42.26
C ALA A 933 25.87 -28.01 -41.04
N HIS A 934 27.07 -27.79 -40.48
CA HIS A 934 27.34 -27.02 -39.27
C HIS A 934 26.53 -27.50 -38.08
N PRO A 935 26.85 -28.66 -37.49
CA PRO A 935 26.00 -29.17 -36.41
C PRO A 935 26.16 -28.44 -35.09
N VAL A 936 27.39 -28.03 -34.73
CA VAL A 936 27.64 -27.38 -33.45
C VAL A 936 26.96 -26.01 -33.41
N LEU A 937 27.09 -25.27 -34.52
CA LEU A 937 26.43 -23.98 -34.66
C LEU A 937 24.92 -24.12 -34.63
N SER A 938 24.41 -25.25 -35.14
CA SER A 938 22.98 -25.49 -35.15
C SER A 938 22.44 -25.75 -33.75
N PHE A 939 23.13 -26.59 -32.96
CA PHE A 939 22.65 -26.83 -31.60
C PHE A 939 22.82 -25.58 -30.72
N ALA A 940 23.85 -24.77 -30.97
CA ALA A 940 24.00 -23.54 -30.20
C ALA A 940 22.89 -22.55 -30.56
N GLN A 941 22.49 -22.51 -31.82
CA GLN A 941 21.36 -21.68 -32.21
C GLN A 941 20.06 -22.18 -31.58
N LEU A 942 19.92 -23.50 -31.46
CA LEU A 942 18.74 -24.09 -30.83
C LEU A 942 18.62 -23.68 -29.37
N VAL A 943 19.71 -23.81 -28.60
CA VAL A 943 19.63 -23.47 -27.18
C VAL A 943 19.49 -21.96 -26.99
N SER A 944 20.07 -21.14 -27.87
CA SER A 944 19.89 -19.70 -27.76
C SER A 944 18.45 -19.28 -28.07
N PHE A 945 17.84 -19.90 -29.09
CA PHE A 945 16.45 -19.61 -29.39
C PHE A 945 15.53 -20.05 -28.27
N THR A 946 15.81 -21.21 -27.66
CA THR A 946 14.95 -21.68 -26.57
C THR A 946 15.07 -20.79 -25.34
N ILE A 947 16.24 -20.20 -25.11
CA ILE A 947 16.37 -19.30 -23.96
C ILE A 947 15.68 -17.96 -24.23
N PHE A 948 15.88 -17.37 -25.42
CA PHE A 948 15.36 -16.02 -25.64
C PHE A 948 13.85 -16.00 -25.81
N VAL A 949 13.32 -16.65 -26.85
CA VAL A 949 11.94 -16.35 -27.25
C VAL A 949 10.88 -17.03 -26.38
N PRO A 950 10.84 -18.36 -26.15
CA PRO A 950 9.73 -18.89 -25.36
C PRO A 950 9.85 -18.66 -23.87
N ILE A 951 11.04 -18.39 -23.35
CA ILE A 951 11.20 -18.19 -21.92
C ILE A 951 11.04 -16.72 -21.58
N VAL A 952 11.92 -15.87 -22.13
CA VAL A 952 12.00 -14.50 -21.67
C VAL A 952 10.86 -13.65 -22.21
N LEU A 953 10.61 -13.74 -23.52
CA LEU A 953 9.66 -12.84 -24.17
C LEU A 953 8.23 -13.14 -23.75
N MET A 954 7.90 -14.42 -23.62
CA MET A 954 6.56 -14.81 -23.19
C MET A 954 6.30 -14.40 -21.74
N ASN A 955 7.30 -14.53 -20.88
CA ASN A 955 7.12 -14.08 -19.50
C ASN A 955 7.04 -12.56 -19.41
N LEU A 956 7.69 -11.86 -20.35
CA LEU A 956 7.53 -10.41 -20.41
C LEU A 956 6.10 -10.03 -20.77
N LEU A 957 5.51 -10.74 -21.74
CA LEU A 957 4.12 -10.48 -22.09
C LEU A 957 3.17 -10.82 -20.95
N ILE A 958 3.47 -11.89 -20.19
CA ILE A 958 2.64 -12.26 -19.05
C ILE A 958 2.70 -11.19 -17.96
N GLY A 959 3.89 -10.67 -17.67
CA GLY A 959 4.01 -9.64 -16.65
C GLY A 959 3.32 -8.34 -17.03
N LEU A 960 3.42 -7.96 -18.31
CA LEU A 960 2.70 -6.78 -18.80
C LEU A 960 1.19 -6.97 -18.71
N ALA A 961 0.70 -8.16 -19.02
CA ALA A 961 -0.74 -8.41 -18.95
C ALA A 961 -1.24 -8.39 -17.51
N VAL A 962 -0.46 -8.93 -16.58
CA VAL A 962 -0.86 -8.92 -15.16
C VAL A 962 -0.93 -7.50 -14.64
N GLY A 963 0.07 -6.68 -14.98
CA GLY A 963 0.04 -5.29 -14.55
C GLY A 963 -1.11 -4.49 -15.11
N ASP A 964 -1.42 -4.70 -16.40
CA ASP A 964 -2.51 -3.96 -17.02
C ASP A 964 -3.87 -4.38 -16.48
N ILE A 965 -4.06 -5.68 -16.21
CA ILE A 965 -5.34 -6.13 -15.68
C ILE A 965 -5.55 -5.67 -14.25
N ALA A 966 -4.47 -5.63 -13.44
CA ALA A 966 -4.60 -5.07 -12.10
C ALA A 966 -4.94 -3.58 -12.14
N GLU A 967 -4.36 -2.87 -13.10
CA GLU A 967 -4.67 -1.46 -13.24
C GLU A 967 -6.11 -1.25 -13.63
N VAL A 968 -6.65 -2.08 -14.51
CA VAL A 968 -8.04 -1.92 -14.92
C VAL A 968 -8.98 -2.26 -13.77
N GLN A 969 -8.75 -3.39 -13.11
CA GLN A 969 -9.64 -3.79 -12.01
C GLN A 969 -9.47 -2.96 -10.76
N LYS A 970 -8.50 -2.05 -10.71
CA LYS A 970 -8.49 -1.07 -9.63
C LYS A 970 -9.70 -0.14 -9.68
N HIS A 971 -10.22 0.14 -10.88
CA HIS A 971 -11.30 1.11 -11.06
C HIS A 971 -12.44 0.52 -11.89
N ALA A 972 -12.89 -0.68 -11.55
CA ALA A 972 -13.89 -1.34 -12.39
C ALA A 972 -15.29 -0.82 -12.10
N SER A 973 -15.64 -0.71 -10.81
CA SER A 973 -17.00 -0.41 -10.43
C SER A 973 -17.40 1.02 -10.80
N LEU A 974 -16.43 1.93 -10.84
CA LEU A 974 -16.73 3.25 -11.36
C LEU A 974 -16.85 3.24 -12.87
N LYS A 975 -16.05 2.41 -13.54
CA LYS A 975 -16.02 2.39 -15.00
C LYS A 975 -17.32 1.86 -15.57
N ARG A 976 -17.94 0.89 -14.89
CA ARG A 976 -19.22 0.33 -15.35
C ARG A 976 -20.33 1.38 -15.34
N ILE A 977 -20.46 2.10 -14.22
CA ILE A 977 -21.53 3.08 -14.10
C ILE A 977 -21.23 4.29 -14.97
N ALA A 978 -19.94 4.59 -15.17
CA ALA A 978 -19.58 5.66 -16.09
C ALA A 978 -19.97 5.34 -17.53
N MET A 979 -19.78 4.08 -17.95
CA MET A 979 -20.19 3.71 -19.29
C MET A 979 -21.71 3.75 -19.45
N GLN A 980 -22.44 3.34 -18.40
CA GLN A 980 -23.90 3.39 -18.48
C GLN A 980 -24.42 4.83 -18.55
N VAL A 981 -23.89 5.72 -17.70
CA VAL A 981 -24.38 7.08 -17.70
C VAL A 981 -23.94 7.82 -18.96
N GLU A 982 -22.79 7.44 -19.53
CA GLU A 982 -22.37 8.05 -20.79
C GLU A 982 -23.24 7.60 -21.94
N LEU A 983 -23.66 6.33 -21.93
CA LEU A 983 -24.57 5.81 -22.94
C LEU A 983 -25.91 6.54 -22.90
N HIS A 984 -26.45 6.74 -21.70
CA HIS A 984 -27.74 7.42 -21.61
C HIS A 984 -27.63 8.90 -21.94
N THR A 985 -26.58 9.58 -21.49
CA THR A 985 -26.48 11.01 -21.78
C THR A 985 -26.06 11.28 -23.21
N SER A 986 -25.52 10.29 -23.92
CA SER A 986 -25.30 10.46 -25.34
C SER A 986 -26.53 10.12 -26.15
N LEU A 987 -27.35 9.19 -25.67
CA LEU A 987 -28.55 8.85 -26.41
C LEU A 987 -29.62 9.91 -26.24
N GLU A 988 -29.64 10.61 -25.11
CA GLU A 988 -30.72 11.55 -24.83
C GLU A 988 -30.61 12.84 -25.63
N LYS A 989 -29.42 13.18 -26.11
CA LYS A 989 -29.23 14.43 -26.84
C LYS A 989 -29.84 14.41 -28.23
N LYS A 990 -30.24 13.25 -28.74
CA LYS A 990 -30.77 13.17 -30.10
C LYS A 990 -32.28 13.05 -30.17
N LEU A 991 -32.91 12.66 -29.08
CA LEU A 991 -34.36 12.46 -29.08
C LEU A 991 -35.08 13.80 -29.04
N PRO A 992 -36.28 13.89 -29.62
CA PRO A 992 -37.03 15.15 -29.56
C PRO A 992 -37.59 15.41 -28.18
N LEU A 993 -37.87 16.69 -27.93
CA LEU A 993 -38.16 17.15 -26.58
C LEU A 993 -39.54 16.71 -26.10
N TRP A 994 -40.51 16.61 -27.01
CA TRP A 994 -41.85 16.16 -26.63
C TRP A 994 -41.84 14.70 -26.22
N PHE A 995 -40.97 13.89 -26.84
CA PHE A 995 -40.85 12.50 -26.44
C PHE A 995 -40.24 12.39 -25.04
N LEU A 996 -39.28 13.29 -24.73
CA LEU A 996 -38.72 13.34 -23.38
C LEU A 996 -39.79 13.74 -22.37
N ARG A 997 -40.63 14.72 -22.70
CA ARG A 997 -41.69 15.12 -21.79
C ARG A 997 -42.73 14.02 -21.62
N LYS A 998 -42.90 13.20 -22.64
CA LYS A 998 -43.90 12.14 -22.56
C LYS A 998 -43.41 10.82 -21.96
N VAL A 999 -42.11 10.60 -21.89
CA VAL A 999 -41.64 9.33 -21.37
C VAL A 999 -41.07 9.41 -19.95
N ASP A 1000 -40.67 10.60 -19.50
CA ASP A 1000 -39.97 10.66 -18.22
C ASP A 1000 -40.95 10.58 -17.05
N GLN A 1001 -40.37 10.52 -15.86
CA GLN A 1001 -41.12 10.46 -14.61
C GLN A 1001 -40.39 11.31 -13.59
N LYS A 1002 -40.99 11.42 -12.41
CA LYS A 1002 -40.38 12.16 -11.32
C LYS A 1002 -40.30 11.37 -10.02
N SER A 1003 -41.01 10.26 -9.91
CA SER A 1003 -40.97 9.46 -8.70
C SER A 1003 -41.30 8.02 -9.04
N THR A 1004 -40.74 7.10 -8.26
CA THR A 1004 -41.04 5.68 -8.41
C THR A 1004 -41.53 5.12 -7.08
N ILE A 1005 -42.34 4.07 -7.16
CA ILE A 1005 -42.91 3.41 -5.99
C ILE A 1005 -42.56 1.94 -6.08
N VAL A 1006 -41.91 1.42 -5.03
CA VAL A 1006 -41.42 0.05 -5.01
C VAL A 1006 -42.09 -0.70 -3.87
N TYR A 1007 -42.70 -1.85 -4.18
CA TYR A 1007 -43.24 -2.75 -3.18
C TYR A 1007 -42.25 -3.88 -2.96
N PRO A 1008 -41.51 -3.89 -1.85
CA PRO A 1008 -40.51 -4.96 -1.65
C PRO A 1008 -41.14 -6.30 -1.32
N ASN A 1009 -42.35 -6.33 -0.77
CA ASN A 1009 -42.98 -7.59 -0.41
C ASN A 1009 -43.52 -8.31 -1.64
N LYS A 1010 -44.13 -7.59 -2.55
CA LYS A 1010 -44.69 -8.19 -3.76
C LYS A 1010 -43.57 -8.49 -4.75
N PRO A 1011 -43.47 -9.73 -5.24
CA PRO A 1011 -42.44 -10.03 -6.25
C PRO A 1011 -42.76 -9.40 -7.59
N ARG A 1012 -41.70 -9.14 -8.36
CA ARG A 1012 -41.85 -8.57 -9.69
C ARG A 1012 -42.35 -9.63 -10.68
N SER A 1013 -42.80 -9.16 -11.84
CA SER A 1013 -43.32 -10.05 -12.87
C SER A 1013 -42.20 -10.81 -13.56
N MET A 1016 -40.63 -16.35 -14.48
CA MET A 1016 -40.66 -17.00 -15.79
C MET A 1016 -39.57 -16.45 -16.70
N LEU A 1017 -39.98 -15.60 -17.65
CA LEU A 1017 -39.01 -14.98 -18.54
C LEU A 1017 -38.16 -13.94 -17.80
N PHE A 1018 -38.78 -13.22 -16.86
CA PHE A 1018 -38.02 -12.29 -16.02
C PHE A 1018 -37.09 -13.04 -15.07
N HIS A 1019 -37.48 -14.24 -14.62
CA HIS A 1019 -36.60 -15.05 -13.79
C HIS A 1019 -35.40 -15.57 -14.60
N ILE A 1020 -35.63 -15.91 -15.87
CA ILE A 1020 -34.52 -16.35 -16.72
C ILE A 1020 -33.61 -15.18 -17.06
N PHE A 1021 -34.18 -13.99 -17.24
CA PHE A 1021 -33.37 -12.80 -17.48
C PHE A 1021 -32.57 -12.40 -16.25
N CYS A 1022 -33.13 -12.61 -15.05
CA CYS A 1022 -32.38 -12.35 -13.83
C CYS A 1022 -31.31 -13.39 -13.59
N PHE A 1023 -31.54 -14.64 -14.03
CA PHE A 1023 -30.52 -15.66 -13.91
C PHE A 1023 -29.38 -15.44 -14.91
N LEU A 1024 -29.70 -14.93 -16.10
CA LEU A 1024 -28.68 -14.60 -17.08
C LEU A 1024 -27.96 -13.29 -16.76
N PHE A 1025 -28.61 -12.39 -16.01
CA PHE A 1025 -28.01 -11.12 -15.62
C PHE A 1025 -27.22 -11.21 -14.32
N CYS A 1026 -27.07 -12.40 -13.75
CA CYS A 1026 -26.31 -12.57 -12.52
C CYS A 1026 -24.98 -13.26 -12.78
N SER A 1040 -8.74 6.02 2.67
CA SER A 1040 -9.52 7.16 3.12
C SER A 1040 -8.75 7.95 4.17
N LEU A 1041 -7.44 7.71 4.24
CA LEU A 1041 -6.62 8.38 5.25
C LEU A 1041 -6.37 9.84 4.88
N GLU A 1042 -6.43 10.17 3.59
CA GLU A 1042 -6.03 11.49 3.13
C GLU A 1042 -7.00 12.58 3.59
N MET A 1043 -8.30 12.30 3.50
CA MET A 1043 -9.30 13.25 3.99
C MET A 1043 -9.25 13.39 5.51
N GLU A 1044 -8.87 12.31 6.21
CA GLU A 1044 -8.76 12.39 7.66
C GLU A 1044 -7.58 13.25 8.08
N ILE A 1045 -6.44 13.10 7.41
CA ILE A 1045 -5.28 13.95 7.72
C ILE A 1045 -5.53 15.39 7.26
N LEU A 1046 -6.36 15.59 6.24
CA LEU A 1046 -6.73 16.94 5.84
C LEU A 1046 -7.62 17.62 6.89
N LYS A 1047 -8.55 16.87 7.47
CA LYS A 1047 -9.36 17.39 8.56
C LYS A 1047 -8.52 17.67 9.80
N GLN A 1048 -7.53 16.81 10.05
CA GLN A 1048 -6.53 17.02 11.09
C GLN A 1048 -5.81 18.35 10.91
N LYS A 1049 -5.41 18.64 9.67
CA LYS A 1049 -4.69 19.88 9.37
C LYS A 1049 -5.58 21.10 9.58
N TYR A 1050 -6.86 21.00 9.19
CA TYR A 1050 -7.79 22.11 9.42
C TYR A 1050 -7.97 22.41 10.90
N ARG A 1051 -8.13 21.36 11.71
CA ARG A 1051 -8.34 21.56 13.13
C ARG A 1051 -7.10 22.13 13.81
N LEU A 1052 -5.91 21.71 13.36
CA LEU A 1052 -4.69 22.25 13.96
C LEU A 1052 -4.46 23.70 13.58
N LYS A 1053 -4.86 24.09 12.36
CA LYS A 1053 -4.74 25.50 11.96
C LYS A 1053 -5.67 26.39 12.76
N ASP A 1054 -6.91 25.93 13.01
CA ASP A 1054 -7.82 26.68 13.88
C ASP A 1054 -7.27 26.81 15.29
N LEU A 1055 -6.62 25.74 15.77
CA LEU A 1055 -6.04 25.73 17.10
C LEU A 1055 -4.93 26.78 17.25
N THR A 1056 -4.05 26.86 16.26
CA THR A 1056 -2.94 27.81 16.39
C THR A 1056 -3.41 29.26 16.23
N PHE A 1057 -4.49 29.48 15.47
CA PHE A 1057 -5.06 30.83 15.40
C PHE A 1057 -5.60 31.29 16.74
N LEU A 1058 -6.35 30.40 17.42
CA LEU A 1058 -6.91 30.77 18.71
C LEU A 1058 -5.82 30.96 19.76
N LEU A 1059 -4.75 30.17 19.69
CA LEU A 1059 -3.68 30.33 20.66
C LEU A 1059 -2.93 31.64 20.46
N GLU A 1060 -2.80 32.09 19.21
CA GLU A 1060 -2.20 33.40 18.95
C GLU A 1060 -3.01 34.53 19.57
N LYS A 1061 -4.34 34.49 19.42
CA LYS A 1061 -5.19 35.53 20.03
C LYS A 1061 -5.06 35.54 21.55
N GLN A 1062 -5.00 34.34 22.15
CA GLN A 1062 -4.87 34.24 23.60
C GLN A 1062 -3.54 34.80 24.10
N HIS A 1063 -2.45 34.56 23.35
CA HIS A 1063 -1.15 35.11 23.72
C HIS A 1063 -1.16 36.64 23.68
N GLU A 1064 -1.88 37.21 22.70
CA GLU A 1064 -1.99 38.67 22.64
C GLU A 1064 -2.73 39.22 23.85
N LEU A 1065 -3.79 38.53 24.29
CA LEU A 1065 -4.52 38.99 25.47
C LEU A 1065 -3.66 38.94 26.74
N ILE A 1066 -2.81 37.92 26.86
CA ILE A 1066 -1.96 37.83 28.05
C ILE A 1066 -0.91 38.94 28.08
N LYS A 1067 -0.36 39.28 26.91
CA LYS A 1067 0.55 40.43 26.86
C LYS A 1067 -0.17 41.73 27.21
N LEU A 1068 -1.45 41.85 26.86
CA LEU A 1068 -2.22 43.02 27.27
C LEU A 1068 -2.42 43.06 28.79
N ILE A 1069 -2.61 41.88 29.41
CA ILE A 1069 -2.75 41.82 30.87
C ILE A 1069 -1.49 42.33 31.55
N ILE A 1070 -0.33 41.89 31.08
CA ILE A 1070 0.92 42.35 31.68
C ILE A 1070 1.14 43.84 31.43
N GLN A 1071 0.67 44.34 30.28
CA GLN A 1071 0.84 45.75 29.98
C GLN A 1071 -0.02 46.62 30.89
N LYS A 1072 -1.21 46.18 31.26
CA LYS A 1072 -2.09 47.01 32.06
C LYS A 1072 -2.12 46.66 33.55
N MET A 1073 -1.30 45.72 33.99
CA MET A 1073 -1.36 45.23 35.36
C MET A 1073 -0.80 46.28 36.33
N GLU A 1074 -1.33 46.28 37.55
CA GLU A 1074 -0.88 47.18 38.59
C GLU A 1074 0.07 46.45 39.54
N ILE A 1075 1.26 47.01 39.74
CA ILE A 1075 2.28 46.39 40.57
C ILE A 1075 2.63 47.34 41.70
N ILE A 1076 2.26 46.96 42.91
CA ILE A 1076 2.69 47.62 44.14
C ILE A 1076 3.26 46.52 45.02
N SER A 1077 4.33 46.84 45.77
CA SER A 1077 4.98 45.96 46.74
C SER A 1077 5.61 44.73 46.10
N GLU A 1078 5.90 44.79 44.81
CA GLU A 1078 6.71 43.78 44.14
C GLU A 1078 7.75 44.41 43.23
N THR A 1079 7.90 45.73 43.26
CA THR A 1079 8.82 46.42 42.38
C THR A 1079 10.26 46.22 42.84
N GLU A 1080 11.19 46.56 41.94
CA GLU A 1080 12.63 46.54 42.16
C GLU A 1080 13.17 45.17 42.61
N LYS B 447 -27.33 40.77 47.45
CA LYS B 447 -26.07 40.20 47.89
C LYS B 447 -25.91 38.77 47.42
N LYS B 448 -26.89 38.29 46.65
CA LYS B 448 -26.84 36.92 46.14
C LYS B 448 -25.82 36.77 45.04
N SER B 449 -25.75 37.74 44.14
CA SER B 449 -24.76 37.70 43.07
C SER B 449 -23.30 37.81 43.53
N PRO B 450 -22.92 38.61 44.54
CA PRO B 450 -21.55 38.48 45.06
C PRO B 450 -21.24 37.13 45.67
N LEU B 451 -22.21 36.50 46.34
CA LEU B 451 -21.97 35.17 46.87
C LEU B 451 -21.84 34.13 45.77
N HIS B 452 -22.62 34.27 44.69
CA HIS B 452 -22.50 33.36 43.57
C HIS B 452 -21.17 33.51 42.86
N PHE B 453 -20.69 34.76 42.70
CA PHE B 453 -19.39 34.95 42.07
C PHE B 453 -18.25 34.48 42.96
N ALA B 454 -18.39 34.66 44.28
CA ALA B 454 -17.33 34.25 45.18
C ALA B 454 -17.27 32.74 45.33
N ALA B 455 -18.42 32.07 45.25
CA ALA B 455 -18.43 30.62 45.37
C ALA B 455 -18.11 29.94 44.06
N SER B 456 -18.38 30.59 42.94
CA SER B 456 -18.11 29.98 41.64
C SER B 456 -16.63 29.95 41.28
N TYR B 457 -15.78 30.65 42.03
CA TYR B 457 -14.36 30.71 41.70
C TYR B 457 -13.45 30.46 42.90
N GLY B 458 -13.99 29.96 44.00
CA GLY B 458 -13.14 29.51 45.08
C GLY B 458 -12.58 30.58 45.97
N ARG B 459 -13.18 31.76 46.00
CA ARG B 459 -12.74 32.83 46.90
C ARG B 459 -13.23 32.52 48.30
N ILE B 460 -12.36 31.95 49.13
CA ILE B 460 -12.82 31.45 50.41
C ILE B 460 -12.99 32.57 51.44
N ASN B 461 -12.18 33.62 51.36
CA ASN B 461 -12.26 34.68 52.37
C ASN B 461 -13.48 35.57 52.15
N THR B 462 -13.83 35.81 50.89
CA THR B 462 -15.05 36.54 50.58
C THR B 462 -16.27 35.75 51.01
N CYS B 463 -16.23 34.42 50.88
CA CYS B 463 -17.33 33.59 51.36
C CYS B 463 -17.39 33.55 52.87
N GLN B 464 -16.26 33.67 53.56
CA GLN B 464 -16.30 33.77 55.02
C GLN B 464 -16.87 35.10 55.47
N ARG B 465 -16.54 36.18 54.75
CA ARG B 465 -17.03 37.49 55.14
C ARG B 465 -18.51 37.65 54.83
N LEU B 466 -18.98 37.06 53.73
CA LEU B 466 -20.41 37.15 53.41
C LEU B 466 -21.26 36.30 54.33
N LEU B 467 -20.71 35.19 54.83
CA LEU B 467 -21.45 34.28 55.70
C LEU B 467 -21.18 34.54 57.17
N GLN B 468 -20.87 35.79 57.53
CA GLN B 468 -20.63 36.10 58.93
C GLN B 468 -21.94 36.22 59.70
N ASP B 469 -22.94 36.87 59.11
CA ASP B 469 -24.27 36.95 59.71
C ASP B 469 -25.03 35.67 59.38
N ILE B 470 -25.21 34.81 60.37
CA ILE B 470 -25.77 33.49 60.17
C ILE B 470 -27.25 33.44 60.55
N SER B 471 -27.93 34.59 60.55
CA SER B 471 -29.33 34.63 60.93
C SER B 471 -30.22 34.07 59.82
N ASP B 472 -30.21 34.70 58.66
CA ASP B 472 -31.06 34.29 57.54
C ASP B 472 -30.34 33.29 56.67
N THR B 473 -30.95 32.12 56.48
CA THR B 473 -30.41 31.10 55.60
C THR B 473 -31.14 31.04 54.27
N ARG B 474 -32.09 31.95 54.03
CA ARG B 474 -32.76 32.00 52.73
C ARG B 474 -31.81 32.47 51.64
N LEU B 475 -30.82 33.27 52.01
CA LEU B 475 -29.78 33.69 51.07
C LEU B 475 -28.76 32.58 50.81
N LEU B 476 -28.62 31.65 51.76
CA LEU B 476 -27.66 30.56 51.60
C LEU B 476 -28.09 29.52 50.57
N ASN B 477 -29.36 29.16 50.55
CA ASN B 477 -29.85 28.17 49.59
C ASN B 477 -30.69 28.78 48.49
N GLU B 478 -30.42 30.04 48.16
CA GLU B 478 -31.18 30.74 47.14
C GLU B 478 -30.90 30.16 45.76
N GLY B 479 -31.77 30.50 44.81
CA GLY B 479 -31.68 29.99 43.47
C GLY B 479 -30.96 30.93 42.52
N ASP B 480 -30.75 30.44 41.31
CA ASP B 480 -30.10 31.17 40.24
C ASP B 480 -31.11 31.31 39.10
N LEU B 481 -30.69 31.96 38.01
CA LEU B 481 -31.48 31.95 36.78
C LEU B 481 -31.62 30.53 36.25
N HIS B 482 -30.56 29.75 36.31
CA HIS B 482 -30.63 28.33 36.02
C HIS B 482 -30.86 27.48 37.25
N GLY B 483 -31.23 28.10 38.37
CA GLY B 483 -31.63 27.34 39.54
C GLY B 483 -30.53 26.60 40.25
N MET B 484 -29.31 27.13 40.23
CA MET B 484 -28.18 26.50 40.91
C MET B 484 -27.87 27.23 42.20
N THR B 485 -27.70 26.48 43.28
CA THR B 485 -27.31 27.02 44.56
C THR B 485 -25.81 27.35 44.52
N PRO B 486 -25.30 28.11 45.49
CA PRO B 486 -23.84 28.22 45.62
C PRO B 486 -23.13 26.91 45.89
N LEU B 487 -23.83 25.92 46.47
CA LEU B 487 -23.28 24.57 46.57
C LEU B 487 -23.01 23.99 45.20
N HIS B 488 -23.93 24.17 44.26
CA HIS B 488 -23.75 23.68 42.90
C HIS B 488 -22.61 24.40 42.19
N LEU B 489 -22.50 25.71 42.40
CA LEU B 489 -21.42 26.47 41.75
C LEU B 489 -20.06 26.09 42.31
N ALA B 490 -19.99 25.85 43.61
CA ALA B 490 -18.71 25.45 44.20
C ALA B 490 -18.35 24.02 43.83
N ALA B 491 -19.34 23.17 43.60
CA ALA B 491 -19.04 21.80 43.21
C ALA B 491 -18.76 21.64 41.74
N LYS B 492 -19.28 22.55 40.89
CA LYS B 492 -19.08 22.43 39.45
C LYS B 492 -17.62 22.67 39.07
N ASN B 493 -16.98 23.65 39.68
CA ASN B 493 -15.60 23.96 39.36
C ASN B 493 -14.61 23.25 40.26
N GLY B 494 -15.07 22.55 41.29
CA GLY B 494 -14.21 21.68 42.06
C GLY B 494 -13.37 22.38 43.10
N HIS B 495 -14.01 23.13 43.98
CA HIS B 495 -13.32 23.77 45.10
C HIS B 495 -13.77 23.09 46.38
N ASP B 496 -12.88 22.31 46.96
CA ASP B 496 -13.26 21.46 48.09
C ASP B 496 -13.41 22.24 49.39
N LYS B 497 -12.60 23.28 49.59
CA LYS B 497 -12.69 24.01 50.84
C LYS B 497 -13.93 24.88 50.90
N VAL B 498 -14.37 25.40 49.76
CA VAL B 498 -15.58 26.21 49.71
C VAL B 498 -16.80 25.35 49.97
N VAL B 499 -16.85 24.16 49.35
CA VAL B 499 -18.01 23.30 49.56
C VAL B 499 -17.99 22.70 50.96
N GLN B 500 -16.79 22.51 51.55
CA GLN B 500 -16.71 22.08 52.94
C GLN B 500 -17.20 23.17 53.88
N LEU B 501 -16.90 24.43 53.58
CA LEU B 501 -17.37 25.54 54.40
C LEU B 501 -18.89 25.70 54.28
N LEU B 502 -19.44 25.56 53.08
CA LEU B 502 -20.87 25.67 52.91
C LEU B 502 -21.62 24.50 53.55
N LEU B 503 -21.03 23.32 53.59
CA LEU B 503 -21.68 22.23 54.30
C LEU B 503 -21.53 22.36 55.80
N LYS B 504 -20.45 22.97 56.28
CA LYS B 504 -20.30 23.21 57.71
C LYS B 504 -21.28 24.27 58.19
N LYS B 505 -21.51 25.30 57.39
CA LYS B 505 -22.52 26.29 57.75
C LYS B 505 -23.94 25.75 57.60
N GLY B 506 -24.12 24.69 56.84
CA GLY B 506 -25.43 24.08 56.70
C GLY B 506 -26.11 24.47 55.41
N ALA B 507 -26.07 23.58 54.43
CA ALA B 507 -26.74 23.77 53.16
C ALA B 507 -27.52 22.53 52.82
N LEU B 508 -28.46 22.66 51.89
CA LEU B 508 -29.36 21.58 51.53
C LEU B 508 -29.05 21.08 50.13
N PHE B 509 -29.06 19.76 49.96
CA PHE B 509 -28.81 19.13 48.67
C PHE B 509 -30.04 19.29 47.79
N LEU B 510 -30.22 20.49 47.26
CA LEU B 510 -31.35 20.77 46.41
C LEU B 510 -31.07 20.27 45.00
N SER B 511 -32.01 20.51 44.10
CA SER B 511 -31.91 20.00 42.75
C SER B 511 -31.90 21.15 41.75
N ASP B 512 -31.26 20.89 40.62
CA ASP B 512 -31.26 21.79 39.48
C ASP B 512 -32.62 21.73 38.79
N HIS B 513 -32.83 22.64 37.82
CA HIS B 513 -34.00 22.51 36.96
C HIS B 513 -33.93 21.28 36.08
N ASN B 514 -32.72 20.81 35.77
CA ASN B 514 -32.55 19.54 35.07
C ASN B 514 -32.22 18.41 36.03
N GLY B 515 -32.58 18.54 37.30
CA GLY B 515 -32.50 17.45 38.26
C GLY B 515 -31.11 17.12 38.76
N TRP B 516 -30.11 17.92 38.42
CA TRP B 516 -28.74 17.66 38.84
C TRP B 516 -28.58 17.93 40.33
N THR B 517 -27.51 17.38 40.90
CA THR B 517 -27.17 17.64 42.28
C THR B 517 -25.71 18.12 42.28
N ALA B 518 -25.19 18.45 43.47
CA ALA B 518 -23.77 18.82 43.59
C ALA B 518 -22.88 17.65 43.22
N LEU B 519 -23.28 16.43 43.58
CA LEU B 519 -22.50 15.26 43.24
C LEU B 519 -22.53 14.96 41.75
N HIS B 520 -23.64 15.30 41.10
CA HIS B 520 -23.70 15.17 39.64
C HIS B 520 -22.73 16.12 38.95
N HIS B 521 -22.61 17.35 39.45
CA HIS B 521 -21.65 18.28 38.86
C HIS B 521 -20.21 17.88 39.16
N ALA B 522 -19.96 17.39 40.38
CA ALA B 522 -18.60 16.97 40.73
C ALA B 522 -18.19 15.72 39.97
N SER B 523 -19.15 14.89 39.58
CA SER B 523 -18.81 13.73 38.77
C SER B 523 -18.74 14.06 37.29
N MET B 524 -19.51 15.05 36.84
CA MET B 524 -19.39 15.54 35.47
C MET B 524 -18.03 16.17 35.25
N GLY B 525 -17.51 16.87 36.26
CA GLY B 525 -16.18 17.44 36.14
C GLY B 525 -15.07 16.46 36.39
N GLY B 526 -15.27 15.51 37.29
CA GLY B 526 -14.23 14.55 37.62
C GLY B 526 -13.34 14.96 38.75
N TYR B 527 -13.84 15.75 39.71
CA TYR B 527 -13.05 16.24 40.82
C TYR B 527 -13.26 15.31 42.00
N THR B 528 -12.21 14.59 42.38
CA THR B 528 -12.35 13.58 43.42
C THR B 528 -12.43 14.16 44.82
N GLN B 529 -11.87 15.34 45.05
CA GLN B 529 -11.82 15.89 46.40
C GLN B 529 -13.19 16.33 46.89
N THR B 530 -13.89 17.13 46.07
CA THR B 530 -15.22 17.58 46.43
C THR B 530 -16.19 16.41 46.51
N MET B 531 -15.99 15.44 45.61
CA MET B 531 -16.76 14.21 45.62
C MET B 531 -16.56 13.43 46.92
N LYS B 532 -15.32 13.35 47.38
CA LYS B 532 -15.02 12.65 48.63
C LYS B 532 -15.61 13.38 49.83
N VAL B 533 -15.62 14.72 49.79
CA VAL B 533 -16.20 15.49 50.88
C VAL B 533 -17.71 15.29 50.94
N ILE B 534 -18.38 15.35 49.78
CA ILE B 534 -19.83 15.17 49.74
C ILE B 534 -20.20 13.76 50.18
N LEU B 535 -19.40 12.76 49.79
CA LEU B 535 -19.69 11.40 50.24
C LEU B 535 -19.38 11.19 51.72
N ASP B 536 -18.40 11.92 52.26
CA ASP B 536 -18.13 11.78 53.69
C ASP B 536 -19.14 12.50 54.57
N THR B 537 -19.87 13.48 54.04
CA THR B 537 -20.91 14.10 54.86
C THR B 537 -22.14 13.20 54.96
N ASN B 538 -22.78 12.92 53.83
CA ASN B 538 -24.01 12.13 53.82
C ASN B 538 -23.89 10.98 52.85
N LEU B 539 -24.64 9.91 53.13
CA LEU B 539 -24.70 8.76 52.25
C LEU B 539 -26.02 8.63 51.52
N LYS B 540 -26.99 9.50 51.81
CA LYS B 540 -28.30 9.45 51.17
C LYS B 540 -28.37 10.27 49.89
N CYS B 541 -27.22 10.67 49.34
CA CYS B 541 -27.17 11.48 48.15
C CYS B 541 -26.69 10.69 46.92
N THR B 542 -26.14 9.50 47.12
CA THR B 542 -25.53 8.74 46.03
C THR B 542 -26.57 8.27 45.02
N ASP B 543 -27.51 7.44 45.47
CA ASP B 543 -28.57 6.95 44.61
C ASP B 543 -29.56 8.09 44.40
N ARG B 544 -29.39 8.84 43.31
CA ARG B 544 -30.25 9.97 43.03
C ARG B 544 -30.40 10.09 41.53
N LEU B 545 -31.62 10.33 41.07
CA LEU B 545 -31.92 10.38 39.65
C LEU B 545 -32.15 11.81 39.20
N ASP B 546 -31.77 12.10 37.97
CA ASP B 546 -32.06 13.39 37.35
C ASP B 546 -33.38 13.29 36.61
N GLU B 547 -33.67 14.26 35.73
CA GLU B 547 -34.87 14.19 34.90
C GLU B 547 -34.77 13.13 33.81
N ASP B 548 -33.58 12.57 33.55
CA ASP B 548 -33.40 11.58 32.52
C ASP B 548 -33.08 10.21 33.11
N GLY B 549 -33.07 10.08 34.44
CA GLY B 549 -32.81 8.81 35.07
C GLY B 549 -31.36 8.47 35.27
N ASN B 550 -30.44 9.37 34.94
CA ASN B 550 -29.03 9.10 35.14
C ASN B 550 -28.64 9.32 36.59
N THR B 551 -27.61 8.63 37.03
CA THR B 551 -26.99 8.85 38.32
C THR B 551 -25.66 9.55 38.13
N ALA B 552 -24.94 9.77 39.22
CA ALA B 552 -23.61 10.36 39.13
C ALA B 552 -22.62 9.41 38.49
N LEU B 553 -22.82 8.10 38.68
CA LEU B 553 -21.94 7.11 38.10
C LEU B 553 -22.08 7.07 36.58
N HIS B 554 -23.27 7.39 36.07
CA HIS B 554 -23.48 7.50 34.63
C HIS B 554 -22.63 8.60 34.01
N PHE B 555 -22.64 9.79 34.63
CA PHE B 555 -21.85 10.89 34.10
C PHE B 555 -20.36 10.63 34.27
N ALA B 556 -19.96 10.07 35.41
CA ALA B 556 -18.54 9.81 35.66
C ALA B 556 -17.99 8.74 34.74
N ALA B 557 -18.83 7.80 34.31
CA ALA B 557 -18.37 6.84 33.33
C ALA B 557 -18.48 7.37 31.91
N ARG B 558 -19.41 8.30 31.66
CA ARG B 558 -19.56 8.84 30.31
C ARG B 558 -18.41 9.75 29.96
N GLU B 559 -17.92 10.54 30.90
CA GLU B 559 -16.85 11.48 30.60
C GLU B 559 -15.47 10.85 30.74
N GLY B 560 -15.38 9.61 31.20
CA GLY B 560 -14.09 8.93 31.20
C GLY B 560 -13.18 9.32 32.34
N HIS B 561 -13.69 9.43 33.56
CA HIS B 561 -12.88 9.74 34.72
C HIS B 561 -12.77 8.48 35.56
N ALA B 562 -11.59 7.86 35.55
CA ALA B 562 -11.45 6.53 36.14
C ALA B 562 -11.48 6.58 37.65
N LYS B 563 -10.83 7.57 38.25
CA LYS B 563 -10.76 7.63 39.71
C LYS B 563 -12.10 7.99 40.32
N ALA B 564 -12.92 8.76 39.60
CA ALA B 564 -14.26 9.07 40.08
C ALA B 564 -15.15 7.83 40.06
N VAL B 565 -15.01 7.00 39.02
CA VAL B 565 -15.76 5.76 38.95
C VAL B 565 -15.31 4.79 40.03
N ALA B 566 -14.00 4.71 40.27
CA ALA B 566 -13.49 3.87 41.35
C ALA B 566 -13.92 4.37 42.72
N LEU B 567 -14.08 5.68 42.88
CA LEU B 567 -14.50 6.22 44.17
C LEU B 567 -15.98 5.96 44.42
N LEU B 568 -16.83 6.18 43.42
CA LEU B 568 -18.24 5.82 43.57
C LEU B 568 -18.45 4.32 43.63
N LEU B 569 -17.51 3.53 43.13
CA LEU B 569 -17.68 2.09 43.09
C LEU B 569 -17.14 1.41 44.34
N SER B 570 -16.18 2.04 45.02
CA SER B 570 -15.75 1.55 46.33
C SER B 570 -16.87 1.70 47.35
N HIS B 571 -17.65 2.77 47.25
CA HIS B 571 -18.89 2.87 47.98
C HIS B 571 -19.99 2.14 47.20
N ASN B 572 -21.12 1.94 47.84
CA ASN B 572 -22.23 1.27 47.19
C ASN B 572 -22.88 2.22 46.19
N ALA B 573 -22.87 1.85 44.92
CA ALA B 573 -23.25 2.77 43.87
C ALA B 573 -24.68 2.62 43.37
N ASP B 574 -25.32 1.46 43.63
CA ASP B 574 -26.71 1.17 43.28
C ASP B 574 -26.94 1.30 41.76
N ILE B 575 -26.34 0.35 41.04
CA ILE B 575 -26.38 0.32 39.58
C ILE B 575 -27.81 0.17 39.09
N VAL B 576 -28.24 1.08 38.21
CA VAL B 576 -29.59 1.10 37.68
C VAL B 576 -29.51 1.48 36.21
N LEU B 577 -30.58 1.24 35.49
CA LEU B 577 -30.63 1.55 34.06
C LEU B 577 -31.05 3.00 33.84
N ASN B 578 -31.02 3.40 32.57
CA ASN B 578 -31.31 4.75 32.14
C ASN B 578 -32.78 4.83 31.73
N LYS B 579 -33.21 6.00 31.26
CA LYS B 579 -34.48 6.10 30.56
C LYS B 579 -34.45 5.28 29.27
N GLN B 580 -33.29 5.24 28.61
CA GLN B 580 -33.08 4.39 27.45
C GLN B 580 -32.48 3.05 27.83
N GLN B 581 -32.59 2.65 29.10
CA GLN B 581 -32.21 1.33 29.63
C GLN B 581 -30.73 1.04 29.39
N ALA B 582 -29.89 2.08 29.50
CA ALA B 582 -28.46 1.94 29.31
C ALA B 582 -27.76 2.03 30.66
N SER B 583 -26.93 1.05 30.96
CA SER B 583 -26.14 1.11 32.18
C SER B 583 -24.98 2.08 31.99
N PHE B 584 -24.22 2.28 33.07
CA PHE B 584 -23.03 3.12 32.97
C PHE B 584 -21.94 2.44 32.17
N LEU B 585 -21.94 1.10 32.16
CA LEU B 585 -20.92 0.37 31.43
C LEU B 585 -21.14 0.49 29.92
N HIS B 586 -22.40 0.41 29.48
CA HIS B 586 -22.68 0.63 28.06
C HIS B 586 -22.43 2.07 27.67
N LEU B 587 -22.73 2.99 28.58
CA LEU B 587 -22.51 4.40 28.30
C LEU B 587 -21.02 4.73 28.22
N ALA B 588 -20.19 3.95 28.91
CA ALA B 588 -18.75 4.06 28.74
C ALA B 588 -18.28 3.39 27.46
N LEU B 589 -18.90 2.27 27.07
CA LEU B 589 -18.45 1.58 25.86
C LEU B 589 -18.83 2.32 24.59
N HIS B 590 -19.95 3.04 24.58
CA HIS B 590 -20.30 3.75 23.35
C HIS B 590 -19.43 4.98 23.11
N ASN B 591 -18.68 5.44 24.11
CA ASN B 591 -17.80 6.58 23.95
C ASN B 591 -16.33 6.18 23.92
N LYS B 592 -16.05 4.88 23.90
CA LYS B 592 -14.71 4.30 23.72
C LYS B 592 -13.74 4.77 24.81
N ARG B 593 -14.20 4.73 26.05
CA ARG B 593 -13.38 5.13 27.19
C ARG B 593 -12.70 3.89 27.73
N LYS B 594 -11.42 3.72 27.39
CA LYS B 594 -10.73 2.47 27.68
C LYS B 594 -10.44 2.31 29.16
N GLU B 595 -10.03 3.40 29.82
CA GLU B 595 -9.53 3.29 31.17
C GLU B 595 -10.63 3.00 32.18
N VAL B 596 -11.84 3.53 31.95
CA VAL B 596 -12.89 3.27 32.92
C VAL B 596 -13.43 1.85 32.78
N VAL B 597 -13.48 1.29 31.57
CA VAL B 597 -13.96 -0.08 31.48
C VAL B 597 -12.87 -1.04 31.94
N LEU B 598 -11.61 -0.65 31.82
CA LEU B 598 -10.54 -1.46 32.37
C LEU B 598 -10.58 -1.47 33.90
N THR B 599 -10.85 -0.32 34.52
CA THR B 599 -10.91 -0.33 35.97
C THR B 599 -12.24 -0.86 36.50
N ILE B 600 -13.26 -0.99 35.67
CA ILE B 600 -14.44 -1.76 36.08
C ILE B 600 -14.13 -3.25 36.02
N ILE B 601 -13.35 -3.68 35.02
CA ILE B 601 -12.92 -5.07 34.94
C ILE B 601 -12.04 -5.44 36.12
N ARG B 602 -11.13 -4.54 36.53
CA ARG B 602 -10.28 -4.82 37.68
C ARG B 602 -11.03 -4.81 39.01
N SER B 603 -12.27 -4.32 39.04
CA SER B 603 -13.02 -4.21 40.28
C SER B 603 -13.56 -5.56 40.72
N LYS B 604 -14.33 -5.54 41.81
CA LYS B 604 -14.92 -6.74 42.38
C LYS B 604 -16.42 -6.83 42.11
N ARG B 605 -17.01 -5.82 41.49
CA ARG B 605 -18.43 -5.80 41.23
C ARG B 605 -18.74 -6.23 39.79
N TRP B 606 -17.70 -6.69 39.06
CA TRP B 606 -17.77 -6.90 37.62
C TRP B 606 -18.87 -7.86 37.21
N ASP B 607 -18.97 -8.99 37.93
CA ASP B 607 -19.99 -9.99 37.66
C ASP B 607 -21.38 -9.39 37.80
N GLU B 608 -21.60 -8.60 38.86
CA GLU B 608 -22.85 -7.87 39.02
C GLU B 608 -23.05 -6.88 37.88
N CYS B 609 -21.97 -6.22 37.45
CA CYS B 609 -22.04 -5.31 36.31
C CYS B 609 -22.33 -6.04 35.02
N LEU B 610 -22.08 -7.35 34.98
CA LEU B 610 -22.39 -8.13 33.79
C LEU B 610 -23.85 -8.57 33.77
N LYS B 611 -24.54 -8.52 34.91
CA LYS B 611 -25.84 -9.19 35.00
C LYS B 611 -26.94 -8.41 34.29
N ILE B 612 -26.93 -7.11 34.53
CA ILE B 612 -27.97 -6.18 34.07
C ILE B 612 -27.97 -5.53 32.70
N PHE B 613 -28.96 -5.87 31.88
CA PHE B 613 -29.15 -5.15 30.63
C PHE B 613 -30.58 -5.42 30.17
N SER B 614 -30.94 -4.94 28.99
CA SER B 614 -32.29 -5.08 28.46
C SER B 614 -32.27 -6.01 27.26
N HIS B 615 -33.19 -6.98 27.25
CA HIS B 615 -33.28 -7.92 26.15
C HIS B 615 -34.05 -7.38 24.95
N ASN B 616 -34.65 -6.20 25.06
CA ASN B 616 -35.52 -5.70 24.02
C ASN B 616 -34.96 -4.53 23.24
N SER B 617 -34.01 -3.80 23.79
CA SER B 617 -33.50 -2.61 23.11
C SER B 617 -32.52 -3.01 22.01
N PRO B 618 -32.58 -2.35 20.86
CA PRO B 618 -31.66 -2.70 19.76
C PRO B 618 -30.26 -2.11 19.94
N GLY B 619 -30.18 -0.90 20.51
CA GLY B 619 -28.90 -0.24 20.66
C GLY B 619 -28.10 -0.78 21.82
N ASN B 620 -28.77 -1.01 22.94
CA ASN B 620 -28.15 -1.61 24.11
C ASN B 620 -28.30 -3.12 24.04
N LYS B 621 -27.17 -3.82 24.05
CA LYS B 621 -27.16 -5.27 23.97
C LYS B 621 -26.35 -5.87 25.11
N CYS B 622 -26.04 -7.16 25.00
CA CYS B 622 -25.15 -7.80 25.97
C CYS B 622 -23.78 -7.16 25.94
N PRO B 623 -23.19 -6.82 27.08
CA PRO B 623 -21.96 -6.01 27.07
C PRO B 623 -20.73 -6.73 26.57
N ILE B 624 -20.73 -8.06 26.50
CA ILE B 624 -19.57 -8.75 25.94
C ILE B 624 -19.50 -8.54 24.44
N THR B 625 -20.65 -8.62 23.76
CA THR B 625 -20.70 -8.28 22.34
C THR B 625 -20.39 -6.81 22.10
N GLU B 626 -20.74 -5.94 23.06
CA GLU B 626 -20.40 -4.53 22.95
C GLU B 626 -18.90 -4.32 23.06
N MET B 627 -18.24 -5.05 23.96
CA MET B 627 -16.79 -4.96 24.07
C MET B 627 -16.11 -5.51 22.83
N ILE B 628 -16.67 -6.56 22.23
CA ILE B 628 -16.10 -7.07 21.00
C ILE B 628 -16.27 -6.07 19.87
N GLU B 629 -17.40 -5.37 19.84
CA GLU B 629 -17.65 -4.43 18.76
C GLU B 629 -16.82 -3.17 18.88
N TYR B 630 -16.65 -2.65 20.09
CA TYR B 630 -16.06 -1.32 20.27
C TYR B 630 -14.62 -1.34 20.77
N LEU B 631 -14.33 -2.01 21.89
CA LEU B 631 -13.02 -1.98 22.52
C LEU B 631 -12.47 -3.40 22.63
N PRO B 632 -11.87 -3.92 21.56
CA PRO B 632 -11.42 -5.32 21.59
C PRO B 632 -10.21 -5.54 22.47
N GLU B 633 -9.37 -4.53 22.65
CA GLU B 633 -8.18 -4.68 23.48
C GLU B 633 -8.50 -4.75 24.96
N CYS B 634 -9.71 -4.40 25.38
CA CYS B 634 -10.14 -4.70 26.73
C CYS B 634 -10.65 -6.12 26.85
N MET B 635 -11.29 -6.63 25.79
CA MET B 635 -11.69 -8.04 25.75
C MET B 635 -10.49 -8.95 25.76
N LYS B 636 -9.35 -8.49 25.21
CA LYS B 636 -8.11 -9.25 25.32
C LYS B 636 -7.67 -9.42 26.77
N VAL B 637 -7.78 -8.35 27.56
CA VAL B 637 -7.41 -8.43 28.97
C VAL B 637 -8.39 -9.31 29.73
N LEU B 638 -9.67 -9.21 29.38
CA LEU B 638 -10.70 -10.05 30.02
C LEU B 638 -10.46 -11.52 29.71
N LEU B 639 -10.00 -11.85 28.51
CA LEU B 639 -9.62 -13.23 28.23
C LEU B 639 -8.32 -13.61 28.91
N ASP B 640 -7.43 -12.64 29.14
CA ASP B 640 -6.20 -12.93 29.87
C ASP B 640 -6.47 -13.27 31.33
N PHE B 641 -7.57 -12.78 31.90
CA PHE B 641 -7.92 -13.22 33.24
C PHE B 641 -8.45 -14.64 33.28
N CYS B 642 -8.87 -15.21 32.15
CA CYS B 642 -9.44 -16.55 32.13
C CYS B 642 -8.38 -17.64 32.00
N MET B 643 -7.11 -17.29 31.91
CA MET B 643 -6.02 -18.25 31.80
C MET B 643 -5.31 -18.33 33.14
N LEU B 644 -5.25 -19.53 33.71
CA LEU B 644 -4.71 -19.72 35.05
C LEU B 644 -3.48 -20.62 34.99
N HIS B 645 -2.38 -20.15 35.54
CA HIS B 645 -1.16 -20.94 35.67
C HIS B 645 -1.11 -21.53 37.08
N SER B 646 -0.69 -22.79 37.16
CA SER B 646 -0.79 -23.50 38.44
C SER B 646 0.37 -23.18 39.36
N THR B 647 1.60 -23.53 38.96
CA THR B 647 2.75 -23.50 39.85
C THR B 647 3.82 -22.51 39.44
N GLU B 648 3.68 -21.88 38.25
CA GLU B 648 4.66 -20.95 37.68
C GLU B 648 6.05 -21.59 37.55
N ASP B 649 6.07 -22.88 37.20
CA ASP B 649 7.30 -23.62 37.01
C ASP B 649 7.13 -24.50 35.78
N LYS B 650 7.77 -24.12 34.68
CA LYS B 650 7.58 -24.80 33.40
C LYS B 650 8.27 -26.15 33.33
N SER B 651 9.19 -26.45 34.26
CA SER B 651 9.93 -27.71 34.22
C SER B 651 9.22 -28.84 34.94
N CYS B 652 8.18 -28.56 35.71
CA CYS B 652 7.51 -29.59 36.48
C CYS B 652 6.65 -30.48 35.59
N ARG B 653 6.69 -31.78 35.85
CA ARG B 653 5.85 -32.71 35.11
C ARG B 653 4.40 -32.63 35.55
N ASP B 654 4.16 -32.24 36.81
CA ASP B 654 2.82 -32.04 37.33
C ASP B 654 2.29 -30.64 37.06
N TYR B 655 3.01 -29.83 36.31
CA TYR B 655 2.57 -28.48 36.00
C TYR B 655 1.46 -28.50 34.96
N TYR B 656 0.45 -27.66 35.18
CA TYR B 656 -0.68 -27.57 34.26
C TYR B 656 -1.14 -26.13 34.15
N ILE B 657 -2.02 -25.88 33.20
CA ILE B 657 -2.72 -24.62 33.06
C ILE B 657 -4.20 -24.92 32.82
N GLU B 658 -5.05 -24.02 33.32
CA GLU B 658 -6.49 -24.20 33.25
C GLU B 658 -7.11 -23.12 32.38
N TYR B 659 -7.98 -23.53 31.48
CA TYR B 659 -8.75 -22.62 30.64
C TYR B 659 -10.20 -22.62 31.10
N ASN B 660 -10.74 -21.44 31.35
CA ASN B 660 -12.12 -21.26 31.77
C ASN B 660 -12.90 -20.62 30.63
N PHE B 661 -14.09 -21.13 30.36
CA PHE B 661 -14.89 -20.70 29.23
C PHE B 661 -16.21 -20.09 29.69
N LYS B 662 -16.18 -19.32 30.77
CA LYS B 662 -17.43 -18.82 31.32
C LYS B 662 -17.96 -17.59 30.60
N TYR B 663 -17.12 -16.86 29.89
CA TYR B 663 -17.55 -15.64 29.22
C TYR B 663 -17.81 -15.81 27.74
N LEU B 664 -17.51 -16.97 27.18
CA LEU B 664 -17.55 -17.12 25.73
C LEU B 664 -18.92 -17.48 25.18
N GLN B 665 -19.87 -17.84 26.03
CA GLN B 665 -21.18 -18.24 25.52
C GLN B 665 -22.26 -17.93 26.54
N CYS B 666 -23.48 -17.80 26.03
CA CYS B 666 -24.65 -17.63 26.87
C CYS B 666 -25.01 -18.96 27.51
N PRO B 667 -25.86 -18.96 28.53
CA PRO B 667 -26.45 -20.23 28.99
C PRO B 667 -27.32 -20.86 27.90
N LEU B 668 -27.34 -22.19 27.90
CA LEU B 668 -27.91 -22.95 26.79
C LEU B 668 -29.42 -22.87 26.72
N GLU B 669 -30.09 -22.41 27.77
CA GLU B 669 -31.54 -22.32 27.73
C GLU B 669 -32.02 -21.22 26.79
N PHE B 670 -31.22 -20.18 26.62
CA PHE B 670 -31.56 -19.11 25.69
C PHE B 670 -31.28 -19.47 24.25
N THR B 671 -30.56 -20.58 24.01
CA THR B 671 -30.23 -20.96 22.65
C THR B 671 -31.44 -21.54 21.92
N LYS B 672 -32.05 -22.57 22.51
CA LYS B 672 -33.18 -23.23 21.87
C LYS B 672 -34.44 -22.36 21.97
N LYS B 673 -35.26 -22.43 20.93
CA LYS B 673 -36.53 -21.71 20.93
C LYS B 673 -37.47 -22.30 21.98
N THR B 674 -38.05 -21.42 22.80
CA THR B 674 -38.87 -21.81 23.91
C THR B 674 -40.15 -20.97 23.90
N PRO B 675 -41.31 -21.58 24.17
CA PRO B 675 -42.55 -20.78 24.21
C PRO B 675 -42.60 -19.75 25.34
N THR B 676 -41.80 -19.92 26.39
CA THR B 676 -41.74 -18.91 27.43
C THR B 676 -40.74 -17.81 27.12
N GLN B 677 -39.52 -18.19 26.73
CA GLN B 677 -38.48 -17.22 26.41
C GLN B 677 -38.67 -16.74 24.98
N ASP B 678 -39.14 -15.50 24.83
CA ASP B 678 -39.39 -14.96 23.50
C ASP B 678 -38.11 -14.65 22.75
N VAL B 679 -37.06 -14.24 23.46
CA VAL B 679 -35.79 -13.93 22.83
C VAL B 679 -34.94 -15.19 22.74
N ILE B 680 -34.11 -15.25 21.70
CA ILE B 680 -33.20 -16.35 21.48
C ILE B 680 -31.82 -15.78 21.15
N TYR B 681 -30.81 -16.63 21.34
CA TYR B 681 -29.45 -16.31 20.96
C TYR B 681 -28.87 -17.50 20.21
N GLU B 682 -28.14 -17.21 19.13
CA GLU B 682 -27.46 -18.27 18.41
C GLU B 682 -26.31 -18.80 19.28
N PRO B 683 -25.99 -20.08 19.18
CA PRO B 683 -24.89 -20.62 19.97
C PRO B 683 -23.55 -20.09 19.49
N LEU B 684 -22.54 -20.22 20.37
CA LEU B 684 -21.21 -19.66 20.22
C LEU B 684 -21.30 -18.14 19.99
N THR B 685 -21.80 -17.45 21.03
CA THR B 685 -22.20 -16.06 20.89
C THR B 685 -21.00 -15.14 20.66
N ALA B 686 -20.02 -15.22 21.56
CA ALA B 686 -18.86 -14.35 21.47
C ALA B 686 -18.02 -14.65 20.25
N LEU B 687 -17.98 -15.91 19.82
CA LEU B 687 -17.20 -16.27 18.64
C LEU B 687 -17.86 -15.73 17.37
N ASN B 688 -19.19 -15.80 17.30
CA ASN B 688 -19.88 -15.22 16.15
C ASN B 688 -19.75 -13.71 16.13
N ALA B 689 -19.77 -13.08 17.30
CA ALA B 689 -19.57 -11.63 17.37
C ALA B 689 -18.15 -11.25 16.98
N MET B 690 -17.17 -12.09 17.30
CA MET B 690 -15.81 -11.81 16.89
C MET B 690 -15.59 -12.05 15.40
N VAL B 691 -16.32 -12.99 14.81
CA VAL B 691 -16.18 -13.24 13.39
C VAL B 691 -16.84 -12.12 12.59
N GLN B 692 -18.01 -11.65 13.03
CA GLN B 692 -18.69 -10.59 12.29
C GLN B 692 -18.01 -9.23 12.40
N ASN B 693 -17.02 -9.07 13.27
CA ASN B 693 -16.32 -7.80 13.41
C ASN B 693 -14.84 -7.91 13.05
N ASN B 694 -14.42 -9.05 12.51
CA ASN B 694 -13.08 -9.25 11.92
C ASN B 694 -11.97 -9.07 12.95
N ARG B 695 -12.19 -9.55 14.17
CA ARG B 695 -11.23 -9.38 15.25
C ARG B 695 -10.36 -10.64 15.32
N ILE B 696 -9.43 -10.76 14.37
CA ILE B 696 -8.68 -12.00 14.22
C ILE B 696 -7.64 -12.17 15.34
N GLU B 697 -7.18 -11.06 15.93
CA GLU B 697 -6.23 -11.15 17.03
C GLU B 697 -6.88 -11.72 18.29
N LEU B 698 -8.19 -11.66 18.39
CA LEU B 698 -8.91 -12.33 19.46
C LEU B 698 -9.23 -13.77 19.11
N LEU B 699 -9.38 -14.09 17.83
CA LEU B 699 -9.58 -15.47 17.43
C LEU B 699 -8.31 -16.29 17.62
N ASN B 700 -7.15 -15.68 17.45
CA ASN B 700 -5.89 -16.38 17.67
C ASN B 700 -5.48 -16.45 19.14
N HIS B 701 -6.32 -15.98 20.04
CA HIS B 701 -6.03 -16.09 21.46
C HIS B 701 -6.15 -17.55 21.88
N PRO B 702 -5.27 -18.02 22.79
CA PRO B 702 -5.25 -19.46 23.11
C PRO B 702 -6.50 -19.98 23.80
N VAL B 703 -7.25 -19.13 24.49
CA VAL B 703 -8.51 -19.58 25.09
C VAL B 703 -9.52 -19.91 24.02
N CYS B 704 -9.57 -19.13 22.94
CA CYS B 704 -10.48 -19.43 21.84
C CYS B 704 -10.05 -20.68 21.10
N LYS B 705 -8.75 -20.89 20.94
CA LYS B 705 -8.26 -22.11 20.29
C LYS B 705 -8.61 -23.35 21.10
N GLU B 706 -8.44 -23.28 22.42
CA GLU B 706 -8.84 -24.41 23.26
C GLU B 706 -10.35 -24.58 23.29
N TYR B 707 -11.10 -23.50 23.12
CA TYR B 707 -12.55 -23.61 23.07
C TYR B 707 -13.01 -24.33 21.80
N LEU B 708 -12.41 -24.00 20.66
CA LEU B 708 -12.73 -24.73 19.43
C LEU B 708 -12.25 -26.17 19.49
N LEU B 709 -11.11 -26.43 20.14
CA LEU B 709 -10.61 -27.80 20.23
C LEU B 709 -11.53 -28.65 21.09
N MET B 710 -12.00 -28.10 22.22
CA MET B 710 -12.97 -28.80 23.05
C MET B 710 -14.28 -29.01 22.31
N LYS B 711 -14.74 -27.99 21.56
CA LYS B 711 -16.00 -28.11 20.85
C LYS B 711 -15.92 -29.12 19.72
N TRP B 712 -14.73 -29.27 19.12
CA TRP B 712 -14.54 -30.26 18.07
C TRP B 712 -14.47 -31.66 18.65
N LEU B 713 -13.76 -31.83 19.78
CA LEU B 713 -13.68 -33.15 20.40
C LEU B 713 -14.97 -33.54 21.09
N ALA B 714 -15.87 -32.60 21.33
CA ALA B 714 -17.14 -32.94 21.98
C ALA B 714 -18.04 -33.70 21.02
N TYR B 715 -18.48 -33.04 19.95
CA TYR B 715 -19.41 -33.65 19.01
C TYR B 715 -19.10 -33.41 17.55
N GLY B 716 -18.12 -32.59 17.19
CA GLY B 716 -17.91 -32.26 15.81
C GLY B 716 -17.26 -33.37 15.01
N PHE B 717 -16.27 -34.02 15.63
CA PHE B 717 -15.54 -35.09 14.96
C PHE B 717 -16.43 -36.29 14.69
N ARG B 718 -17.32 -36.62 15.63
CA ARG B 718 -18.17 -37.78 15.46
C ARG B 718 -19.19 -37.57 14.34
N ALA B 719 -19.85 -36.42 14.33
CA ALA B 719 -20.81 -36.12 13.28
C ALA B 719 -20.13 -35.97 11.93
N HIS B 720 -18.91 -35.44 11.92
CA HIS B 720 -18.18 -35.29 10.67
C HIS B 720 -17.77 -36.64 10.10
N MET B 721 -17.25 -37.54 10.93
CA MET B 721 -16.87 -38.85 10.45
C MET B 721 -18.07 -39.70 10.08
N MET B 722 -19.21 -39.50 10.74
CA MET B 722 -20.41 -40.22 10.35
C MET B 722 -20.93 -39.75 9.00
N ASN B 723 -20.93 -38.44 8.78
CA ASN B 723 -21.36 -37.88 7.51
C ASN B 723 -20.43 -38.27 6.37
N LEU B 724 -19.14 -38.42 6.66
CA LEU B 724 -18.21 -38.83 5.62
C LEU B 724 -18.32 -40.32 5.34
N GLY B 725 -18.53 -41.14 6.38
CA GLY B 725 -18.62 -42.57 6.18
C GLY B 725 -19.88 -43.00 5.46
N SER B 726 -20.98 -42.28 5.68
CA SER B 726 -22.22 -42.61 4.98
C SER B 726 -22.14 -42.39 3.47
N TYR B 727 -21.22 -41.52 3.02
CA TYR B 727 -20.97 -41.32 1.60
C TYR B 727 -19.89 -42.23 1.08
N CYS B 728 -18.88 -42.50 1.91
CA CYS B 728 -17.78 -43.34 1.48
C CYS B 728 -18.22 -44.80 1.33
N LEU B 729 -19.27 -45.19 2.04
CA LEU B 729 -19.89 -46.50 1.90
C LEU B 729 -20.49 -46.71 0.50
N GLY B 730 -20.84 -45.64 -0.19
CA GLY B 730 -21.28 -45.78 -1.56
C GLY B 730 -20.16 -45.49 -2.54
N LEU B 731 -19.16 -44.74 -2.08
CA LEU B 731 -18.06 -44.36 -2.97
C LEU B 731 -17.14 -45.54 -3.28
N ILE B 732 -16.71 -46.27 -2.25
CA ILE B 732 -15.71 -47.34 -2.45
C ILE B 732 -16.19 -48.51 -3.32
N PRO B 733 -17.37 -49.13 -3.08
CA PRO B 733 -17.69 -50.35 -3.85
C PRO B 733 -17.89 -50.13 -5.33
N MET B 734 -18.26 -48.94 -5.77
CA MET B 734 -18.36 -48.71 -7.21
C MET B 734 -16.99 -48.67 -7.86
N THR B 735 -15.99 -48.11 -7.17
CA THR B 735 -14.64 -48.11 -7.72
C THR B 735 -14.06 -49.51 -7.74
N ILE B 736 -14.35 -50.31 -6.71
CA ILE B 736 -13.94 -51.72 -6.73
C ILE B 736 -14.60 -52.44 -7.90
N LEU B 737 -15.89 -52.19 -8.10
CA LEU B 737 -16.66 -52.87 -9.13
C LEU B 737 -16.22 -52.46 -10.53
N VAL B 738 -15.69 -51.25 -10.67
CA VAL B 738 -15.17 -50.81 -11.96
C VAL B 738 -13.79 -51.40 -12.22
N VAL B 739 -12.89 -51.33 -11.24
CA VAL B 739 -11.53 -51.82 -11.50
C VAL B 739 -11.42 -53.33 -11.49
N ASN B 740 -12.46 -54.06 -11.11
CA ASN B 740 -12.40 -55.52 -11.16
C ASN B 740 -13.23 -56.15 -12.27
N ILE B 741 -13.87 -55.35 -13.12
CA ILE B 741 -14.63 -55.86 -14.26
C ILE B 741 -14.17 -55.12 -15.50
N LYS B 742 -13.91 -55.85 -16.58
CA LYS B 742 -13.55 -55.20 -17.84
C LYS B 742 -14.76 -54.47 -18.40
N PRO B 743 -14.61 -53.20 -18.79
CA PRO B 743 -15.75 -52.43 -19.29
C PRO B 743 -16.28 -52.97 -20.61
N GLY B 744 -17.56 -52.71 -20.85
CA GLY B 744 -18.23 -53.16 -22.04
C GLY B 744 -18.92 -54.49 -21.92
N MET B 745 -18.73 -55.22 -20.82
CA MET B 745 -19.33 -56.53 -20.64
C MET B 745 -20.47 -56.46 -19.65
N ALA B 746 -21.55 -57.17 -19.95
CA ALA B 746 -22.69 -57.23 -19.05
C ALA B 746 -22.37 -58.17 -17.89
N PHE B 747 -22.58 -57.70 -16.67
CA PHE B 747 -22.31 -58.49 -15.47
C PHE B 747 -23.56 -58.56 -14.61
N ASN B 748 -23.73 -59.73 -14.00
CA ASN B 748 -24.89 -60.11 -13.16
C ASN B 748 -24.39 -60.71 -11.84
N SER B 749 -25.28 -60.79 -10.83
CA SER B 749 -24.94 -61.25 -9.49
C SER B 749 -24.17 -62.57 -9.49
N THR B 750 -24.36 -63.41 -10.49
CA THR B 750 -23.63 -64.66 -10.55
C THR B 750 -22.34 -64.55 -11.36
N GLY B 751 -22.09 -63.45 -12.04
CA GLY B 751 -20.81 -63.26 -12.69
C GLY B 751 -20.93 -62.43 -13.95
N ILE B 752 -19.95 -62.61 -14.82
CA ILE B 752 -19.78 -61.79 -16.02
C ILE B 752 -20.19 -62.61 -17.23
N ILE B 753 -21.06 -62.05 -18.05
CA ILE B 753 -21.56 -62.72 -19.24
C ILE B 753 -20.77 -62.22 -20.45
N ASN B 754 -20.14 -63.14 -21.18
CA ASN B 754 -19.55 -62.80 -22.46
C ASN B 754 -20.22 -63.61 -23.57
N ILE B 762 -21.58 -67.89 -21.72
CA ILE B 762 -20.67 -68.36 -20.69
C ILE B 762 -20.66 -67.36 -19.54
N LEU B 763 -20.34 -67.81 -18.33
CA LEU B 763 -20.29 -66.95 -17.15
C LEU B 763 -18.98 -67.14 -16.41
N ASP B 764 -18.35 -66.04 -16.02
CA ASP B 764 -17.09 -66.06 -15.27
C ASP B 764 -17.38 -65.96 -13.77
N THR B 765 -16.98 -66.99 -13.03
CA THR B 765 -17.11 -67.06 -11.58
C THR B 765 -15.79 -66.56 -10.97
N THR B 766 -15.55 -66.84 -9.68
CA THR B 766 -14.38 -66.59 -8.81
C THR B 766 -14.32 -65.14 -8.34
N ASN B 767 -15.30 -64.30 -8.68
CA ASN B 767 -15.41 -62.98 -8.07
C ASN B 767 -16.84 -62.65 -7.71
N SER B 768 -17.75 -63.62 -7.78
CA SER B 768 -19.17 -63.34 -7.63
C SER B 768 -19.53 -62.93 -6.21
N TYR B 769 -18.83 -63.49 -5.22
CA TYR B 769 -19.10 -63.12 -3.83
C TYR B 769 -18.73 -61.67 -3.55
N LEU B 770 -17.73 -61.14 -4.24
CA LEU B 770 -17.39 -59.74 -4.08
C LEU B 770 -18.32 -58.85 -4.89
N ILE B 771 -18.64 -59.27 -6.11
CA ILE B 771 -19.47 -58.46 -7.01
C ILE B 771 -20.88 -58.29 -6.46
N LYS B 772 -21.44 -59.36 -5.89
CA LYS B 772 -22.79 -59.32 -5.35
C LYS B 772 -22.89 -58.36 -4.17
N THR B 773 -21.93 -58.43 -3.26
CA THR B 773 -21.95 -57.55 -2.08
C THR B 773 -21.72 -56.10 -2.46
N CYS B 774 -20.86 -55.85 -3.46
CA CYS B 774 -20.63 -54.48 -3.89
C CYS B 774 -21.87 -53.89 -4.55
N MET B 775 -22.58 -54.69 -5.36
CA MET B 775 -23.80 -54.18 -5.98
C MET B 775 -24.90 -53.93 -4.94
N ILE B 776 -24.99 -54.79 -3.93
CA ILE B 776 -25.98 -54.58 -2.87
C ILE B 776 -25.66 -53.31 -2.08
N LEU B 777 -24.39 -53.07 -1.80
CA LEU B 777 -24.01 -51.85 -1.07
C LEU B 777 -24.30 -50.58 -1.87
N VAL B 778 -24.03 -50.61 -3.18
CA VAL B 778 -24.31 -49.42 -4.00
C VAL B 778 -25.82 -49.17 -4.10
N PHE B 779 -26.61 -50.24 -4.24
CA PHE B 779 -28.06 -50.10 -4.33
C PHE B 779 -28.66 -49.53 -3.04
N LEU B 780 -28.23 -50.07 -1.89
CA LEU B 780 -28.73 -49.60 -0.62
C LEU B 780 -28.30 -48.16 -0.33
N SER B 781 -27.06 -47.81 -0.68
CA SER B 781 -26.61 -46.44 -0.46
C SER B 781 -27.38 -45.46 -1.33
N SER B 782 -27.73 -45.87 -2.55
CA SER B 782 -28.51 -44.98 -3.42
C SER B 782 -29.93 -44.80 -2.92
N ILE B 783 -30.58 -45.86 -2.41
CA ILE B 783 -31.95 -45.65 -1.96
C ILE B 783 -32.01 -44.88 -0.63
N PHE B 784 -31.02 -45.07 0.25
CA PHE B 784 -30.99 -44.22 1.45
C PHE B 784 -30.66 -42.78 1.11
N GLY B 785 -29.87 -42.56 0.05
CA GLY B 785 -29.67 -41.20 -0.42
C GLY B 785 -30.94 -40.58 -0.96
N TYR B 786 -31.77 -41.38 -1.65
CA TYR B 786 -33.08 -40.89 -2.06
C TYR B 786 -33.95 -40.50 -0.87
N CYS B 787 -33.94 -41.32 0.19
CA CYS B 787 -34.77 -41.03 1.35
C CYS B 787 -34.32 -39.77 2.06
N LYS B 788 -33.01 -39.58 2.22
CA LYS B 788 -32.49 -38.35 2.82
C LYS B 788 -32.78 -37.14 1.93
N GLU B 789 -32.70 -37.32 0.62
CA GLU B 789 -32.97 -36.21 -0.29
C GLU B 789 -34.45 -35.82 -0.28
N ALA B 790 -35.34 -36.81 -0.19
CA ALA B 790 -36.77 -36.49 -0.09
C ALA B 790 -37.12 -35.85 1.25
N GLY B 791 -36.42 -36.24 2.31
CA GLY B 791 -36.56 -35.54 3.57
C GLY B 791 -36.14 -34.09 3.48
N GLN B 792 -35.05 -33.82 2.76
CA GLN B 792 -34.65 -32.43 2.55
C GLN B 792 -35.61 -31.69 1.61
N ILE B 793 -36.28 -32.42 0.70
CA ILE B 793 -37.31 -31.82 -0.14
C ILE B 793 -38.47 -31.33 0.72
N PHE B 794 -39.00 -32.20 1.57
CA PHE B 794 -40.12 -31.80 2.40
C PHE B 794 -39.72 -30.91 3.57
N GLN B 795 -38.43 -30.77 3.85
CA GLN B 795 -38.01 -29.85 4.90
C GLN B 795 -37.68 -28.45 4.38
N GLN B 796 -36.85 -28.34 3.34
CA GLN B 796 -36.29 -27.05 2.95
C GLN B 796 -37.28 -26.16 2.23
N LYS B 797 -38.25 -26.76 1.51
CA LYS B 797 -39.38 -26.08 0.88
C LYS B 797 -38.92 -25.02 -0.14
N ARG B 798 -38.32 -25.54 -1.23
CA ARG B 798 -38.01 -24.83 -2.47
C ARG B 798 -36.95 -23.74 -2.31
N ASN B 799 -36.23 -23.69 -1.20
CA ASN B 799 -35.06 -22.83 -1.10
C ASN B 799 -33.80 -23.51 -1.60
N TYR B 800 -33.86 -24.82 -1.84
CA TYR B 800 -32.72 -25.62 -2.26
C TYR B 800 -32.60 -25.75 -3.77
N PHE B 801 -33.46 -25.06 -4.54
CA PHE B 801 -33.44 -25.23 -5.99
C PHE B 801 -32.19 -24.62 -6.61
N MET B 802 -31.72 -23.51 -6.07
CA MET B 802 -30.51 -22.87 -6.57
C MET B 802 -29.28 -23.40 -5.83
N ASP B 803 -29.05 -24.71 -6.01
CA ASP B 803 -27.95 -25.40 -5.35
C ASP B 803 -27.43 -26.48 -6.27
N ILE B 804 -26.11 -26.53 -6.44
CA ILE B 804 -25.56 -27.50 -7.38
C ILE B 804 -25.29 -28.84 -6.67
N SER B 805 -25.13 -28.82 -5.34
CA SER B 805 -24.81 -30.05 -4.62
C SER B 805 -25.98 -31.01 -4.62
N ASN B 806 -27.20 -30.49 -4.53
CA ASN B 806 -28.39 -31.32 -4.64
C ASN B 806 -28.48 -31.95 -6.01
N VAL B 807 -28.15 -31.20 -7.06
CA VAL B 807 -28.24 -31.69 -8.44
C VAL B 807 -27.21 -32.78 -8.68
N LEU B 808 -26.00 -32.59 -8.14
CA LEU B 808 -24.97 -33.63 -8.24
C LEU B 808 -25.39 -34.89 -7.50
N GLU B 809 -26.07 -34.74 -6.37
CA GLU B 809 -26.55 -35.91 -5.65
C GLU B 809 -27.66 -36.64 -6.42
N TRP B 810 -28.55 -35.88 -7.09
CA TRP B 810 -29.57 -36.50 -7.93
C TRP B 810 -28.94 -37.33 -9.05
N ILE B 811 -27.95 -36.74 -9.73
CA ILE B 811 -27.30 -37.41 -10.85
C ILE B 811 -26.58 -38.67 -10.38
N ILE B 812 -25.84 -38.57 -9.27
CA ILE B 812 -25.11 -39.70 -8.71
C ILE B 812 -26.07 -40.82 -8.32
N TYR B 813 -27.17 -40.49 -7.67
CA TYR B 813 -28.06 -41.53 -7.14
C TYR B 813 -28.81 -42.24 -8.25
N THR B 814 -29.36 -41.48 -9.22
CA THR B 814 -30.06 -42.12 -10.33
C THR B 814 -29.12 -42.96 -11.19
N THR B 815 -27.92 -42.45 -11.45
CA THR B 815 -27.03 -43.13 -12.37
C THR B 815 -26.43 -44.37 -11.73
N GLY B 816 -26.17 -44.31 -10.42
CA GLY B 816 -25.72 -45.49 -9.71
C GLY B 816 -26.82 -46.52 -9.52
N ILE B 817 -28.09 -46.09 -9.49
CA ILE B 817 -29.18 -47.06 -9.55
C ILE B 817 -29.17 -47.80 -10.88
N ILE B 818 -29.04 -47.06 -12.00
CA ILE B 818 -29.13 -47.70 -13.31
C ILE B 818 -27.92 -48.59 -13.59
N PHE B 819 -26.77 -48.27 -13.00
CA PHE B 819 -25.58 -49.13 -13.18
C PHE B 819 -25.71 -50.48 -12.48
N VAL B 820 -26.59 -50.60 -11.50
CA VAL B 820 -26.65 -51.79 -10.65
C VAL B 820 -27.87 -52.66 -10.92
N LEU B 821 -28.94 -52.12 -11.51
CA LEU B 821 -30.23 -52.78 -11.78
C LEU B 821 -30.27 -54.18 -12.41
N PRO B 822 -29.24 -54.67 -13.17
CA PRO B 822 -29.28 -56.10 -13.58
C PRO B 822 -29.35 -57.16 -12.49
N LEU B 823 -29.27 -56.82 -11.21
CA LEU B 823 -29.64 -57.82 -10.21
C LEU B 823 -31.15 -57.93 -10.03
N PHE B 824 -31.94 -57.05 -10.65
CA PHE B 824 -33.38 -57.23 -10.74
C PHE B 824 -33.85 -57.40 -12.17
N VAL B 825 -33.57 -56.44 -13.06
CA VAL B 825 -34.14 -56.40 -14.40
C VAL B 825 -32.99 -56.39 -15.40
N GLU B 826 -33.07 -57.24 -16.42
CA GLU B 826 -32.02 -57.33 -17.41
C GLU B 826 -31.98 -56.09 -18.29
N ILE B 827 -30.79 -55.53 -18.47
CA ILE B 827 -30.55 -54.28 -19.19
C ILE B 827 -29.41 -54.54 -20.18
N PRO B 828 -29.45 -53.99 -21.40
CA PRO B 828 -28.31 -54.11 -22.30
C PRO B 828 -27.07 -53.43 -21.74
N ALA B 829 -25.91 -54.01 -22.07
CA ALA B 829 -24.65 -53.60 -21.46
C ALA B 829 -24.21 -52.20 -21.88
N HIS B 830 -24.69 -51.71 -23.02
CA HIS B 830 -24.32 -50.40 -23.51
C HIS B 830 -24.83 -49.31 -22.58
N LEU B 831 -26.11 -49.37 -22.22
CA LEU B 831 -26.69 -48.44 -21.25
C LEU B 831 -26.04 -48.57 -19.88
N GLN B 832 -25.66 -49.80 -19.51
CA GLN B 832 -25.10 -50.05 -18.19
C GLN B 832 -23.74 -49.38 -18.05
N TRP B 833 -22.86 -49.55 -19.04
CA TRP B 833 -21.57 -48.90 -18.93
C TRP B 833 -21.63 -47.41 -19.22
N GLN B 834 -22.60 -46.98 -20.03
CA GLN B 834 -22.85 -45.56 -20.23
C GLN B 834 -23.22 -44.87 -18.92
N CYS B 835 -23.99 -45.56 -18.08
CA CYS B 835 -24.30 -44.97 -16.78
C CYS B 835 -23.14 -45.11 -15.80
N GLY B 836 -22.39 -46.21 -15.87
CA GLY B 836 -21.27 -46.37 -14.97
C GLY B 836 -20.19 -45.33 -15.16
N ALA B 837 -20.00 -44.88 -16.39
CA ALA B 837 -19.01 -43.83 -16.66
C ALA B 837 -19.38 -42.51 -15.98
N ILE B 838 -20.64 -42.10 -16.13
CA ILE B 838 -21.12 -40.85 -15.55
C ILE B 838 -21.11 -40.92 -14.04
N ALA B 839 -21.45 -42.10 -13.49
CA ALA B 839 -21.46 -42.25 -12.04
C ALA B 839 -20.06 -42.19 -11.45
N VAL B 840 -19.09 -42.86 -12.08
CA VAL B 840 -17.74 -42.86 -11.51
C VAL B 840 -17.08 -41.51 -11.70
N TYR B 841 -17.48 -40.75 -12.73
CA TYR B 841 -17.02 -39.37 -12.82
C TYR B 841 -17.58 -38.51 -11.68
N PHE B 842 -18.90 -38.52 -11.51
CA PHE B 842 -19.48 -37.58 -10.56
C PHE B 842 -19.31 -37.96 -9.10
N TYR B 843 -19.07 -39.23 -8.75
CA TYR B 843 -18.75 -39.56 -7.37
C TYR B 843 -17.49 -38.86 -6.89
N TRP B 844 -16.37 -39.06 -7.60
CA TRP B 844 -15.14 -38.42 -7.20
C TRP B 844 -15.14 -36.93 -7.47
N MET B 845 -15.98 -36.45 -8.39
CA MET B 845 -16.07 -35.01 -8.56
C MET B 845 -16.83 -34.37 -7.40
N ASN B 846 -17.86 -35.04 -6.89
CA ASN B 846 -18.61 -34.52 -5.75
C ASN B 846 -17.81 -34.64 -4.46
N PHE B 847 -16.90 -35.61 -4.39
CA PHE B 847 -16.16 -35.85 -3.15
C PHE B 847 -15.20 -34.71 -2.80
N LEU B 848 -14.93 -33.79 -3.72
CA LEU B 848 -14.15 -32.61 -3.38
C LEU B 848 -14.91 -31.68 -2.46
N LEU B 849 -16.23 -31.67 -2.54
CA LEU B 849 -17.02 -30.74 -1.73
C LEU B 849 -17.06 -31.14 -0.26
N TYR B 850 -16.69 -32.36 0.08
CA TYR B 850 -16.61 -32.74 1.49
C TYR B 850 -15.27 -32.41 2.11
N LEU B 851 -14.28 -32.04 1.31
CA LEU B 851 -13.01 -31.59 1.86
C LEU B 851 -13.04 -30.13 2.28
N GLN B 852 -14.14 -29.43 2.03
CA GLN B 852 -14.25 -28.04 2.41
C GLN B 852 -14.38 -27.88 3.92
N ARG B 853 -14.84 -28.93 4.61
CA ARG B 853 -15.01 -28.87 6.06
C ARG B 853 -13.69 -28.99 6.82
N PHE B 854 -12.64 -29.52 6.19
CA PHE B 854 -11.35 -29.59 6.85
C PHE B 854 -10.68 -28.23 6.85
N GLU B 855 -9.62 -28.10 7.64
CA GLU B 855 -8.88 -26.85 7.69
C GLU B 855 -7.71 -26.82 6.73
N ASN B 856 -7.09 -27.95 6.46
CA ASN B 856 -5.89 -27.96 5.64
C ASN B 856 -6.19 -28.00 4.15
N CYS B 857 -7.46 -28.02 3.75
CA CYS B 857 -7.79 -28.28 2.36
C CYS B 857 -8.73 -27.26 1.76
N GLY B 858 -9.63 -26.69 2.59
CA GLY B 858 -10.77 -25.93 2.09
C GLY B 858 -10.42 -24.64 1.38
N ILE B 859 -9.24 -24.09 1.66
CA ILE B 859 -8.84 -22.86 0.99
C ILE B 859 -8.56 -23.11 -0.49
N PHE B 860 -8.12 -24.31 -0.85
CA PHE B 860 -7.91 -24.63 -2.25
C PHE B 860 -9.23 -24.77 -2.98
N ILE B 861 -10.24 -25.33 -2.30
CA ILE B 861 -11.56 -25.48 -2.89
C ILE B 861 -12.20 -24.11 -3.10
N VAL B 862 -12.01 -23.19 -2.16
CA VAL B 862 -12.65 -21.88 -2.36
C VAL B 862 -11.91 -21.06 -3.42
N MET B 863 -10.59 -21.24 -3.56
CA MET B 863 -9.88 -20.57 -4.65
C MET B 863 -10.28 -21.14 -6.01
N LEU B 864 -10.48 -22.45 -6.07
CA LEU B 864 -10.94 -23.09 -7.29
C LEU B 864 -12.34 -22.63 -7.67
N GLU B 865 -13.18 -22.42 -6.66
CA GLU B 865 -14.52 -21.87 -6.87
C GLU B 865 -14.47 -20.48 -7.48
N VAL B 866 -13.59 -19.62 -6.95
CA VAL B 866 -13.50 -18.24 -7.44
C VAL B 866 -13.01 -18.20 -8.89
N ILE B 867 -11.97 -18.99 -9.20
CA ILE B 867 -11.43 -19.02 -10.56
C ILE B 867 -12.45 -19.58 -11.54
N LEU B 868 -13.22 -20.59 -11.12
CA LEU B 868 -14.19 -21.20 -12.01
C LEU B 868 -15.37 -20.27 -12.29
N LYS B 869 -15.77 -19.47 -11.30
CA LYS B 869 -16.83 -18.49 -11.53
C LYS B 869 -16.38 -17.40 -12.49
N THR B 870 -15.11 -16.99 -12.39
CA THR B 870 -14.62 -15.96 -13.32
C THR B 870 -14.53 -16.51 -14.75
N LEU B 871 -14.22 -17.80 -14.88
CA LEU B 871 -14.20 -18.42 -16.21
C LEU B 871 -15.62 -18.47 -16.79
N LEU B 872 -16.61 -18.77 -15.93
CA LEU B 872 -18.01 -18.72 -16.36
C LEU B 872 -18.44 -17.32 -16.75
N ARG B 873 -17.82 -16.28 -16.19
CA ARG B 873 -18.14 -14.95 -16.69
C ARG B 873 -17.50 -14.66 -18.04
N SER B 874 -16.33 -15.24 -18.33
CA SER B 874 -15.69 -14.98 -19.62
C SER B 874 -16.16 -15.88 -20.77
N THR B 875 -17.06 -16.84 -20.47
CA THR B 875 -17.45 -17.83 -21.49
C THR B 875 -18.11 -17.23 -22.74
N VAL B 876 -18.73 -16.04 -22.66
CA VAL B 876 -19.40 -15.54 -23.86
C VAL B 876 -18.39 -14.97 -24.86
N VAL B 877 -17.34 -14.32 -24.37
CA VAL B 877 -16.25 -13.88 -25.22
C VAL B 877 -15.53 -15.08 -25.82
N PHE B 878 -15.39 -16.14 -25.02
CA PHE B 878 -14.86 -17.42 -25.53
C PHE B 878 -15.68 -17.93 -26.71
N ILE B 879 -17.01 -17.96 -26.55
CA ILE B 879 -17.89 -18.53 -27.57
C ILE B 879 -17.82 -17.74 -28.87
N PHE B 880 -17.86 -16.40 -28.78
CA PHE B 880 -17.91 -15.62 -30.00
C PHE B 880 -16.57 -15.64 -30.74
N LEU B 881 -15.46 -15.48 -30.01
CA LEU B 881 -14.15 -15.48 -30.65
C LEU B 881 -13.82 -16.84 -31.25
N LEU B 882 -14.14 -17.91 -30.51
CA LEU B 882 -13.89 -19.24 -30.99
C LEU B 882 -14.79 -19.62 -32.17
N LEU B 883 -16.01 -19.10 -32.21
CA LEU B 883 -16.87 -19.41 -33.34
C LEU B 883 -16.42 -18.68 -34.60
N ALA B 884 -15.90 -17.46 -34.44
CA ALA B 884 -15.26 -16.74 -35.54
C ALA B 884 -14.15 -17.55 -36.18
N PHE B 885 -13.16 -17.94 -35.36
CA PHE B 885 -12.02 -18.67 -35.91
C PHE B 885 -12.41 -20.05 -36.43
N GLY B 886 -13.41 -20.69 -35.81
CA GLY B 886 -13.82 -22.00 -36.26
C GLY B 886 -14.48 -21.98 -37.63
N LEU B 887 -15.39 -21.03 -37.86
CA LEU B 887 -16.02 -20.98 -39.17
C LEU B 887 -15.07 -20.48 -40.25
N SER B 888 -14.10 -19.63 -39.88
CA SER B 888 -13.08 -19.22 -40.84
C SER B 888 -12.21 -20.40 -41.26
N PHE B 889 -11.77 -21.22 -40.31
CA PHE B 889 -10.99 -22.39 -40.70
C PHE B 889 -11.83 -23.44 -41.40
N TYR B 890 -13.14 -23.49 -41.14
CA TYR B 890 -13.99 -24.40 -41.87
C TYR B 890 -14.08 -24.02 -43.34
N ILE B 891 -14.13 -22.72 -43.64
CA ILE B 891 -14.17 -22.33 -45.05
C ILE B 891 -12.82 -22.52 -45.71
N LEU B 892 -11.74 -22.16 -45.01
CA LEU B 892 -10.41 -22.20 -45.63
C LEU B 892 -9.91 -23.61 -45.87
N LEU B 893 -10.03 -24.49 -44.89
CA LEU B 893 -9.33 -25.76 -44.88
C LEU B 893 -10.29 -26.93 -45.03
N ASN B 894 -11.22 -26.83 -45.98
CA ASN B 894 -12.32 -27.78 -46.08
C ASN B 894 -11.86 -29.17 -46.51
N LEU B 895 -10.80 -29.25 -47.31
CA LEU B 895 -10.40 -30.53 -47.88
C LEU B 895 -9.75 -31.46 -46.88
N GLN B 896 -9.40 -31.00 -45.69
CA GLN B 896 -8.73 -31.83 -44.71
C GLN B 896 -9.77 -32.50 -43.79
N ASP B 897 -9.38 -33.64 -43.24
CA ASP B 897 -10.28 -34.38 -42.35
C ASP B 897 -10.66 -33.69 -41.03
N PRO B 898 -9.78 -32.94 -40.33
CA PRO B 898 -10.26 -32.29 -39.09
C PRO B 898 -11.22 -31.15 -39.32
N PHE B 899 -11.35 -30.63 -40.53
CA PHE B 899 -12.23 -29.50 -40.79
C PHE B 899 -13.33 -29.89 -41.77
N SER B 900 -13.77 -31.15 -41.74
CA SER B 900 -14.78 -31.60 -42.70
C SER B 900 -16.15 -31.02 -42.39
N SER B 901 -16.55 -31.08 -41.13
CA SER B 901 -17.81 -30.56 -40.63
C SER B 901 -17.59 -29.26 -39.88
N PRO B 902 -18.61 -28.42 -39.72
CA PRO B 902 -18.39 -27.19 -38.92
C PRO B 902 -18.23 -27.45 -37.44
N LEU B 903 -18.95 -28.42 -36.88
CA LEU B 903 -18.83 -28.69 -35.46
C LEU B 903 -17.46 -29.31 -35.14
N LEU B 904 -16.96 -30.16 -36.03
CA LEU B 904 -15.61 -30.69 -35.88
C LEU B 904 -14.57 -29.59 -35.99
N SER B 905 -14.82 -28.58 -36.82
CA SER B 905 -13.89 -27.46 -36.93
C SER B 905 -13.88 -26.63 -35.66
N ILE B 906 -15.05 -26.47 -35.03
CA ILE B 906 -15.13 -25.73 -33.78
C ILE B 906 -14.40 -26.46 -32.67
N ILE B 907 -14.56 -27.78 -32.58
CA ILE B 907 -13.85 -28.57 -31.57
C ILE B 907 -12.35 -28.58 -31.84
N GLN B 908 -11.96 -28.57 -33.12
CA GLN B 908 -10.55 -28.52 -33.46
C GLN B 908 -9.91 -27.19 -33.04
N THR B 909 -10.59 -26.07 -33.26
CA THR B 909 -10.03 -24.80 -32.81
C THR B 909 -10.00 -24.69 -31.29
N PHE B 910 -10.99 -25.28 -30.62
CA PHE B 910 -10.94 -25.33 -29.16
C PHE B 910 -9.76 -26.16 -28.67
N SER B 911 -9.40 -27.21 -29.38
CA SER B 911 -8.22 -27.97 -28.99
C SER B 911 -6.93 -27.21 -29.35
N MET B 912 -6.96 -26.42 -30.42
CA MET B 912 -5.81 -25.61 -30.80
C MET B 912 -5.57 -24.42 -29.88
N MET B 913 -6.55 -24.11 -29.02
CA MET B 913 -6.45 -22.99 -28.08
C MET B 913 -5.17 -23.00 -27.24
N LEU B 914 -4.76 -24.17 -26.76
CA LEU B 914 -3.64 -24.22 -25.84
C LEU B 914 -2.27 -24.08 -26.50
N GLY B 915 -2.19 -24.21 -27.81
CA GLY B 915 -0.91 -24.03 -28.47
C GLY B 915 -0.48 -25.21 -29.31
N ASP B 916 -1.38 -26.20 -29.46
CA ASP B 916 -1.12 -27.36 -30.30
C ASP B 916 -1.67 -27.04 -31.69
N ILE B 917 -0.90 -26.25 -32.43
CA ILE B 917 -1.40 -25.68 -33.68
C ILE B 917 -1.39 -26.71 -34.81
N ASN B 918 -0.44 -27.64 -34.78
CA ASN B 918 -0.13 -28.58 -35.87
C ASN B 918 0.18 -27.81 -37.16
N TYR B 919 1.27 -27.04 -37.09
CA TYR B 919 1.69 -26.21 -38.22
C TYR B 919 2.19 -27.06 -39.38
N ARG B 920 3.06 -28.03 -39.10
CA ARG B 920 3.67 -28.82 -40.15
C ARG B 920 2.65 -29.72 -40.83
N GLU B 921 1.71 -30.27 -40.07
CA GLU B 921 0.81 -31.27 -40.62
C GLU B 921 -0.34 -30.64 -41.40
N SER B 922 -0.84 -29.48 -40.98
CA SER B 922 -2.04 -28.91 -41.57
C SER B 922 -1.80 -27.71 -42.46
N PHE B 923 -0.65 -27.04 -42.36
CA PHE B 923 -0.40 -25.83 -43.12
C PHE B 923 0.75 -25.95 -44.10
N LEU B 924 1.89 -26.48 -43.66
CA LEU B 924 3.08 -26.46 -44.50
C LEU B 924 3.06 -27.57 -45.53
N GLU B 925 2.90 -28.81 -45.08
CA GLU B 925 2.89 -29.95 -45.99
C GLU B 925 1.74 -29.97 -46.99
N PRO B 926 0.53 -29.47 -46.71
CA PRO B 926 -0.40 -29.23 -47.83
C PRO B 926 0.04 -28.13 -48.76
N TYR B 927 0.80 -27.14 -48.28
CA TYR B 927 1.23 -26.05 -49.15
C TYR B 927 2.31 -26.50 -50.11
N LEU B 928 3.19 -27.38 -49.68
CA LEU B 928 4.25 -27.84 -50.57
C LEU B 928 3.79 -28.89 -51.57
N ARG B 929 2.53 -29.32 -51.49
CA ARG B 929 1.97 -30.25 -52.47
C ARG B 929 0.86 -29.62 -53.29
N ASN B 930 0.71 -28.29 -53.21
CA ASN B 930 -0.32 -27.52 -53.91
C ASN B 930 -1.73 -28.00 -53.55
N GLU B 931 -1.94 -28.31 -52.29
CA GLU B 931 -3.22 -28.81 -51.82
C GLU B 931 -4.00 -27.77 -51.01
N LEU B 932 -3.55 -26.53 -50.99
CA LEU B 932 -4.26 -25.46 -50.32
C LEU B 932 -4.88 -24.54 -51.35
N ALA B 933 -6.21 -24.48 -51.34
CA ALA B 933 -6.86 -23.33 -51.94
C ALA B 933 -6.72 -22.15 -51.00
N HIS B 934 -6.48 -20.98 -51.58
CA HIS B 934 -6.23 -19.71 -50.90
C HIS B 934 -5.07 -19.80 -49.91
N PRO B 935 -3.82 -19.88 -50.38
CA PRO B 935 -2.71 -20.07 -49.42
C PRO B 935 -2.36 -18.83 -48.62
N VAL B 936 -2.40 -17.64 -49.24
CA VAL B 936 -2.00 -16.41 -48.56
C VAL B 936 -2.99 -16.09 -47.45
N LEU B 937 -4.28 -16.24 -47.75
CA LEU B 937 -5.34 -16.04 -46.77
C LEU B 937 -5.22 -17.05 -45.63
N SER B 938 -4.76 -18.25 -45.95
CA SER B 938 -4.59 -19.30 -44.93
C SER B 938 -3.46 -18.97 -43.97
N PHE B 939 -2.30 -18.55 -44.49
CA PHE B 939 -1.21 -18.18 -43.59
C PHE B 939 -1.53 -16.93 -42.79
N ALA B 940 -2.28 -15.98 -43.37
CA ALA B 940 -2.67 -14.80 -42.61
C ALA B 940 -3.64 -15.16 -41.49
N GLN B 941 -4.54 -16.11 -41.75
CA GLN B 941 -5.43 -16.61 -40.71
C GLN B 941 -4.64 -17.33 -39.62
N LEU B 942 -3.58 -18.05 -40.00
CA LEU B 942 -2.74 -18.74 -39.03
C LEU B 942 -2.05 -17.77 -38.08
N VAL B 943 -1.43 -16.73 -38.63
CA VAL B 943 -0.72 -15.78 -37.76
C VAL B 943 -1.69 -14.95 -36.93
N SER B 944 -2.89 -14.66 -37.46
CA SER B 944 -3.87 -13.94 -36.65
C SER B 944 -4.40 -14.80 -35.51
N PHE B 945 -4.64 -16.08 -35.76
CA PHE B 945 -5.08 -16.97 -34.70
C PHE B 945 -4.00 -17.15 -33.64
N THR B 946 -2.74 -17.24 -34.06
CA THR B 946 -1.67 -17.42 -33.09
C THR B 946 -1.50 -16.18 -32.23
N ILE B 947 -1.74 -14.99 -32.79
CA ILE B 947 -1.63 -13.79 -31.98
C ILE B 947 -2.80 -13.65 -31.01
N PHE B 948 -4.03 -13.89 -31.46
CA PHE B 948 -5.18 -13.61 -30.59
C PHE B 948 -5.34 -14.65 -29.49
N VAL B 949 -5.56 -15.90 -29.83
CA VAL B 949 -6.07 -16.84 -28.82
C VAL B 949 -4.99 -17.39 -27.88
N PRO B 950 -3.87 -17.98 -28.30
CA PRO B 950 -2.95 -18.51 -27.29
C PRO B 950 -2.11 -17.47 -26.59
N ILE B 951 -1.93 -16.29 -27.17
CA ILE B 951 -1.11 -15.27 -26.53
C ILE B 951 -1.96 -14.39 -25.63
N VAL B 952 -2.95 -13.71 -26.21
CA VAL B 952 -3.65 -12.65 -25.50
C VAL B 952 -4.65 -13.23 -24.50
N LEU B 953 -5.47 -14.17 -24.95
CA LEU B 953 -6.58 -14.66 -24.14
C LEU B 953 -6.09 -15.48 -22.95
N MET B 954 -5.06 -16.29 -23.17
CA MET B 954 -4.50 -17.09 -22.10
C MET B 954 -3.83 -16.22 -21.04
N ASN B 955 -3.14 -15.17 -21.47
CA ASN B 955 -2.53 -14.26 -20.51
C ASN B 955 -3.60 -13.46 -19.76
N LEU B 956 -4.73 -13.19 -20.41
CA LEU B 956 -5.85 -12.56 -19.71
C LEU B 956 -6.37 -13.47 -18.61
N LEU B 957 -6.51 -14.76 -18.90
CA LEU B 957 -6.96 -15.69 -17.86
C LEU B 957 -5.95 -15.82 -16.73
N ILE B 958 -4.66 -15.77 -17.06
CA ILE B 958 -3.62 -15.85 -16.04
C ILE B 958 -3.65 -14.62 -15.13
N GLY B 959 -3.82 -13.43 -15.70
CA GLY B 959 -3.90 -12.23 -14.89
C GLY B 959 -5.11 -12.19 -13.98
N LEU B 960 -6.26 -12.64 -14.50
CA LEU B 960 -7.47 -12.74 -13.67
C LEU B 960 -7.29 -13.73 -12.53
N ALA B 961 -6.63 -14.87 -12.79
CA ALA B 961 -6.40 -15.85 -11.75
C ALA B 961 -5.46 -15.34 -10.67
N VAL B 962 -4.42 -14.61 -11.07
CA VAL B 962 -3.47 -14.06 -10.10
C VAL B 962 -4.15 -13.03 -9.20
N GLY B 963 -4.98 -12.17 -9.79
CA GLY B 963 -5.71 -11.19 -8.99
C GLY B 963 -6.69 -11.82 -8.02
N ASP B 964 -7.41 -12.85 -8.47
CA ASP B 964 -8.39 -13.51 -7.60
C ASP B 964 -7.72 -14.27 -6.46
N ILE B 965 -6.59 -14.91 -6.73
CA ILE B 965 -5.91 -15.67 -5.69
C ILE B 965 -5.29 -14.73 -4.66
N ALA B 966 -4.77 -13.58 -5.11
CA ALA B 966 -4.26 -12.60 -4.15
C ALA B 966 -5.39 -12.05 -3.28
N GLU B 967 -6.55 -11.86 -3.86
CA GLU B 967 -7.68 -11.36 -3.11
C GLU B 967 -8.12 -12.38 -2.07
N VAL B 968 -8.11 -13.67 -2.43
CA VAL B 968 -8.53 -14.69 -1.46
C VAL B 968 -7.50 -14.81 -0.34
N GLN B 969 -6.21 -14.89 -0.67
CA GLN B 969 -5.19 -15.04 0.36
C GLN B 969 -4.95 -13.77 1.17
N LYS B 970 -5.57 -12.65 0.81
CA LYS B 970 -5.57 -11.51 1.71
C LYS B 970 -6.29 -11.81 3.02
N HIS B 971 -7.32 -12.66 2.99
CA HIS B 971 -8.16 -12.92 4.15
C HIS B 971 -8.31 -14.42 4.40
N ALA B 972 -7.20 -15.15 4.40
CA ALA B 972 -7.29 -16.60 4.53
C ALA B 972 -7.50 -17.05 5.96
N SER B 973 -6.70 -16.48 6.88
CA SER B 973 -6.68 -16.95 8.26
C SER B 973 -7.99 -16.64 8.98
N LEU B 974 -8.68 -15.58 8.59
CA LEU B 974 -10.00 -15.35 9.14
C LEU B 974 -11.02 -16.30 8.52
N LYS B 975 -10.85 -16.61 7.24
CA LYS B 975 -11.83 -17.44 6.53
C LYS B 975 -11.84 -18.87 7.06
N ARG B 976 -10.67 -19.38 7.45
CA ARG B 976 -10.59 -20.73 7.99
C ARG B 976 -11.36 -20.86 9.30
N ILE B 977 -11.14 -19.93 10.23
CA ILE B 977 -11.78 -20.02 11.53
C ILE B 977 -13.25 -19.68 11.40
N ALA B 978 -13.61 -18.83 10.42
CA ALA B 978 -15.00 -18.53 10.16
C ALA B 978 -15.75 -19.76 9.66
N MET B 979 -15.12 -20.56 8.79
CA MET B 979 -15.75 -21.79 8.33
C MET B 979 -15.91 -22.80 9.45
N GLN B 980 -14.91 -22.88 10.34
CA GLN B 980 -15.01 -23.82 11.47
C GLN B 980 -16.12 -23.42 12.44
N VAL B 981 -16.19 -22.13 12.79
CA VAL B 981 -17.20 -21.71 13.75
C VAL B 981 -18.59 -21.75 13.13
N GLU B 982 -18.69 -21.55 11.80
CA GLU B 982 -19.98 -21.68 11.14
C GLU B 982 -20.44 -23.12 11.10
N LEU B 983 -19.51 -24.06 10.90
CA LEU B 983 -19.83 -25.48 10.91
C LEU B 983 -20.35 -25.90 12.28
N HIS B 984 -19.68 -25.46 13.35
CA HIS B 984 -20.13 -25.85 14.69
C HIS B 984 -21.45 -25.19 15.07
N THR B 985 -21.63 -23.90 14.74
CA THR B 985 -22.87 -23.24 15.12
C THR B 985 -24.04 -23.65 14.25
N SER B 986 -23.78 -24.24 13.09
CA SER B 986 -24.88 -24.81 12.31
C SER B 986 -25.18 -26.23 12.75
N LEU B 987 -24.19 -26.96 13.23
CA LEU B 987 -24.44 -28.32 13.68
C LEU B 987 -25.13 -28.33 15.04
N GLU B 988 -24.88 -27.33 15.87
CA GLU B 988 -25.38 -27.35 17.24
C GLU B 988 -26.87 -27.04 17.31
N LYS B 989 -27.44 -26.38 16.30
CA LYS B 989 -28.84 -26.02 16.34
C LYS B 989 -29.79 -27.19 16.16
N LYS B 990 -29.29 -28.36 15.75
CA LYS B 990 -30.16 -29.50 15.49
C LYS B 990 -30.12 -30.55 16.59
N LEU B 991 -29.11 -30.54 17.42
CA LEU B 991 -28.98 -31.56 18.47
C LEU B 991 -29.94 -31.27 19.61
N PRO B 992 -30.42 -32.30 20.31
CA PRO B 992 -31.31 -32.07 21.45
C PRO B 992 -30.57 -31.49 22.64
N LEU B 993 -31.34 -30.84 23.51
CA LEU B 993 -30.77 -30.01 24.57
C LEU B 993 -30.13 -30.85 25.68
N TRP B 994 -30.69 -32.03 25.96
CA TRP B 994 -30.11 -32.88 26.99
C TRP B 994 -28.76 -33.43 26.56
N PHE B 995 -28.58 -33.67 25.26
CA PHE B 995 -27.28 -34.09 24.77
C PHE B 995 -26.26 -32.98 24.89
N LEU B 996 -26.69 -31.73 24.67
CA LEU B 996 -25.81 -30.59 24.90
C LEU B 996 -25.42 -30.46 26.36
N ARG B 997 -26.38 -30.66 27.27
CA ARG B 997 -26.06 -30.60 28.70
C ARG B 997 -25.15 -31.73 29.11
N LYS B 998 -25.23 -32.86 28.43
CA LYS B 998 -24.42 -34.01 28.80
C LYS B 998 -23.04 -34.07 28.15
N VAL B 999 -22.82 -33.32 27.07
CA VAL B 999 -21.52 -33.42 26.42
C VAL B 999 -20.63 -32.21 26.67
N ASP B 1000 -21.17 -31.07 27.07
CA ASP B 1000 -20.34 -29.87 27.14
C ASP B 1000 -19.50 -29.86 28.42
N GLN B 1001 -18.64 -28.85 28.51
CA GLN B 1001 -17.75 -28.65 29.64
C GLN B 1001 -17.68 -27.16 29.90
N LYS B 1002 -16.98 -26.80 30.97
CA LYS B 1002 -16.77 -25.41 31.32
C LYS B 1002 -15.31 -25.04 31.52
N SER B 1003 -14.42 -26.01 31.67
CA SER B 1003 -13.01 -25.73 31.86
C SER B 1003 -12.20 -26.90 31.35
N THR B 1004 -10.99 -26.61 30.90
CA THR B 1004 -10.05 -27.63 30.47
C THR B 1004 -8.74 -27.49 31.23
N ILE B 1005 -8.03 -28.60 31.38
CA ILE B 1005 -6.76 -28.64 32.10
C ILE B 1005 -5.73 -29.25 31.16
N VAL B 1006 -4.64 -28.54 30.94
CA VAL B 1006 -3.60 -28.94 29.99
C VAL B 1006 -2.29 -29.11 30.73
N TYR B 1007 -1.67 -30.29 30.57
CA TYR B 1007 -0.33 -30.54 31.08
C TYR B 1007 0.66 -30.39 29.94
N PRO B 1008 1.43 -29.30 29.87
CA PRO B 1008 2.36 -29.14 28.74
C PRO B 1008 3.57 -30.06 28.82
N ASN B 1009 3.94 -30.51 30.01
CA ASN B 1009 5.11 -31.38 30.14
C ASN B 1009 4.80 -32.80 29.69
N LYS B 1010 3.64 -33.32 30.05
CA LYS B 1010 3.27 -34.67 29.66
C LYS B 1010 2.82 -34.70 28.20
N PRO B 1011 3.39 -35.56 27.37
CA PRO B 1011 2.94 -35.65 25.98
C PRO B 1011 1.57 -36.28 25.87
N ARG B 1012 0.86 -35.92 24.79
CA ARG B 1012 -0.45 -36.46 24.52
C ARG B 1012 -0.35 -37.90 24.01
N SER B 1013 -1.49 -38.59 24.01
CA SER B 1013 -1.54 -39.98 23.57
C SER B 1013 -1.43 -40.09 22.05
N MET B 1016 2.02 -42.57 18.07
CA MET B 1016 1.62 -43.69 17.22
C MET B 1016 0.60 -43.22 16.17
N LEU B 1017 -0.67 -43.56 16.41
CA LEU B 1017 -1.72 -43.13 15.50
C LEU B 1017 -1.96 -41.62 15.62
N PHE B 1018 -1.87 -41.09 16.84
CA PHE B 1018 -1.97 -39.64 17.03
C PHE B 1018 -0.76 -38.92 16.43
N HIS B 1019 0.41 -39.56 16.44
CA HIS B 1019 1.57 -38.96 15.80
C HIS B 1019 1.42 -38.94 14.28
N ILE B 1020 0.82 -39.98 13.71
CA ILE B 1020 0.57 -40.01 12.28
C ILE B 1020 -0.51 -39.01 11.89
N PHE B 1021 -1.51 -38.83 12.76
CA PHE B 1021 -2.54 -37.82 12.51
C PHE B 1021 -1.98 -36.42 12.63
N CYS B 1022 -1.03 -36.20 13.54
CA CYS B 1022 -0.38 -34.90 13.64
C CYS B 1022 0.56 -34.64 12.47
N PHE B 1023 1.18 -35.70 11.93
CA PHE B 1023 2.01 -35.54 10.75
C PHE B 1023 1.18 -35.27 9.50
N LEU B 1024 0.00 -35.87 9.41
CA LEU B 1024 -0.90 -35.61 8.29
C LEU B 1024 -1.63 -34.28 8.43
N PHE B 1025 -1.79 -33.79 9.66
CA PHE B 1025 -2.45 -32.52 9.91
C PHE B 1025 -1.50 -31.33 9.86
N CYS B 1026 -0.24 -31.55 9.51
CA CYS B 1026 0.74 -30.46 9.43
C CYS B 1026 1.08 -30.13 7.98
N SER B 1040 -2.43 -0.90 10.62
CA SER B 1040 -2.96 -0.52 11.92
C SER B 1040 -2.84 0.97 12.14
N LEU B 1041 -2.59 1.71 11.04
CA LEU B 1041 -2.39 3.15 11.16
C LEU B 1041 -3.70 3.87 11.41
N GLU B 1042 -4.82 3.29 10.99
CA GLU B 1042 -6.11 3.98 11.02
C GLU B 1042 -6.60 4.20 12.45
N MET B 1043 -6.47 3.19 13.31
CA MET B 1043 -6.85 3.35 14.71
C MET B 1043 -5.92 4.32 15.43
N GLU B 1044 -4.65 4.38 15.02
CA GLU B 1044 -3.72 5.32 15.63
C GLU B 1044 -4.05 6.76 15.28
N ILE B 1045 -4.39 7.01 14.00
CA ILE B 1045 -4.79 8.35 13.61
C ILE B 1045 -6.16 8.71 14.20
N LEU B 1046 -7.01 7.72 14.44
CA LEU B 1046 -8.27 7.98 15.11
C LEU B 1046 -8.07 8.39 16.57
N LYS B 1047 -7.14 7.72 17.26
CA LYS B 1047 -6.78 8.11 18.63
C LYS B 1047 -6.15 9.50 18.66
N GLN B 1048 -5.33 9.79 17.64
CA GLN B 1048 -4.77 11.13 17.44
C GLN B 1048 -5.87 12.19 17.35
N LYS B 1049 -6.91 11.89 16.59
CA LYS B 1049 -8.02 12.83 16.40
C LYS B 1049 -8.78 13.04 17.71
N TYR B 1050 -8.98 11.97 18.48
CA TYR B 1050 -9.66 12.10 19.77
C TYR B 1050 -8.87 13.00 20.72
N ARG B 1051 -7.56 12.79 20.79
CA ARG B 1051 -6.73 13.57 21.71
C ARG B 1051 -6.68 15.04 21.30
N LEU B 1052 -6.66 15.31 19.98
CA LEU B 1052 -6.64 16.69 19.54
C LEU B 1052 -7.97 17.40 19.79
N LYS B 1053 -9.08 16.67 19.70
CA LYS B 1053 -10.38 17.26 20.00
C LYS B 1053 -10.51 17.62 21.49
N ASP B 1054 -10.01 16.74 22.37
CA ASP B 1054 -9.99 17.06 23.79
C ASP B 1054 -9.12 18.28 24.08
N LEU B 1055 -8.00 18.38 23.35
CA LEU B 1055 -7.08 19.50 23.52
C LEU B 1055 -7.74 20.83 23.16
N THR B 1056 -8.47 20.87 22.04
CA THR B 1056 -9.06 22.15 21.65
C THR B 1056 -10.24 22.53 22.53
N PHE B 1057 -10.93 21.55 23.12
CA PHE B 1057 -11.98 21.86 24.09
C PHE B 1057 -11.41 22.54 25.34
N LEU B 1058 -10.31 21.97 25.87
CA LEU B 1058 -9.70 22.55 27.06
C LEU B 1058 -9.12 23.93 26.78
N LEU B 1059 -8.57 24.14 25.58
CA LEU B 1059 -8.02 25.45 25.26
C LEU B 1059 -9.11 26.51 25.13
N GLU B 1060 -10.29 26.11 24.64
CA GLU B 1060 -11.42 27.04 24.60
C GLU B 1060 -11.84 27.49 25.99
N LYS B 1061 -11.93 26.55 26.95
CA LYS B 1061 -12.28 26.92 28.32
C LYS B 1061 -11.26 27.87 28.95
N GLN B 1062 -9.97 27.61 28.67
CA GLN B 1062 -8.91 28.46 29.20
C GLN B 1062 -8.97 29.87 28.63
N HIS B 1063 -9.29 30.00 27.35
CA HIS B 1063 -9.44 31.32 26.72
C HIS B 1063 -10.58 32.10 27.35
N GLU B 1064 -11.67 31.42 27.69
CA GLU B 1064 -12.77 32.09 28.37
C GLU B 1064 -12.38 32.59 29.75
N LEU B 1065 -11.58 31.82 30.49
CA LEU B 1065 -11.12 32.27 31.80
C LEU B 1065 -10.22 33.50 31.70
N ILE B 1066 -9.37 33.57 30.66
CA ILE B 1066 -8.50 34.72 30.52
C ILE B 1066 -9.29 35.99 30.18
N LYS B 1067 -10.32 35.85 29.34
CA LYS B 1067 -11.19 37.01 29.10
C LYS B 1067 -11.92 37.45 30.37
N LEU B 1068 -12.25 36.51 31.25
CA LEU B 1068 -12.84 36.89 32.53
C LEU B 1068 -11.84 37.64 33.40
N ILE B 1069 -10.56 37.25 33.36
CA ILE B 1069 -9.53 37.96 34.12
C ILE B 1069 -9.42 39.41 33.67
N ILE B 1070 -9.42 39.64 32.36
CA ILE B 1070 -9.32 41.00 31.86
C ILE B 1070 -10.58 41.79 32.19
N GLN B 1071 -11.73 41.12 32.23
CA GLN B 1071 -12.97 41.81 32.56
C GLN B 1071 -13.01 42.25 34.02
N LYS B 1072 -12.44 41.47 34.93
CA LYS B 1072 -12.52 41.81 36.35
C LYS B 1072 -11.26 42.45 36.91
N MET B 1073 -10.25 42.71 36.08
CA MET B 1073 -8.96 43.19 36.57
C MET B 1073 -9.07 44.65 37.02
N GLU B 1074 -8.25 45.01 38.00
CA GLU B 1074 -8.20 46.37 38.51
C GLU B 1074 -7.01 47.11 37.92
N ILE B 1075 -7.27 48.27 37.31
CA ILE B 1075 -6.25 49.06 36.64
C ILE B 1075 -6.17 50.43 37.30
N ILE B 1076 -5.07 50.68 37.99
CA ILE B 1076 -4.72 51.99 38.50
C ILE B 1076 -3.31 52.27 38.01
N SER B 1077 -3.03 53.53 37.67
CA SER B 1077 -1.71 54.02 37.24
C SER B 1077 -1.24 53.40 35.93
N GLU B 1078 -2.16 52.87 35.14
CA GLU B 1078 -1.85 52.48 33.77
C GLU B 1078 -2.93 52.93 32.80
N THR B 1079 -3.87 53.75 33.25
CA THR B 1079 -4.97 54.20 32.41
C THR B 1079 -4.49 55.26 31.42
N GLU B 1080 -5.34 55.50 30.42
CA GLU B 1080 -5.17 56.52 29.38
C GLU B 1080 -3.85 56.39 28.61
N LYS C 447 2.30 31.46 60.68
CA LYS C 447 3.02 32.21 59.66
C LYS C 447 3.76 31.27 58.70
N LYS C 448 3.58 29.97 58.91
CA LYS C 448 4.25 28.99 58.06
C LYS C 448 3.60 28.93 56.68
N SER C 449 2.27 28.96 56.63
CA SER C 449 1.57 28.95 55.35
C SER C 449 1.81 30.18 54.47
N PRO C 450 1.92 31.43 54.99
CA PRO C 450 2.36 32.52 54.09
C PRO C 450 3.77 32.34 53.57
N LEU C 451 4.67 31.77 54.36
CA LEU C 451 6.03 31.54 53.85
C LEU C 451 6.03 30.44 52.80
N HIS C 452 5.20 29.41 52.97
CA HIS C 452 5.11 28.36 51.97
C HIS C 452 4.50 28.88 50.67
N PHE C 453 3.49 29.74 50.75
CA PHE C 453 2.91 30.29 49.54
C PHE C 453 3.87 31.27 48.87
N ALA C 454 4.63 32.04 49.65
CA ALA C 454 5.54 32.99 49.06
C ALA C 454 6.76 32.32 48.45
N ALA C 455 7.19 31.20 49.02
CA ALA C 455 8.34 30.50 48.47
C ALA C 455 7.95 29.59 47.31
N SER C 456 6.70 29.12 47.29
CA SER C 456 6.28 28.23 46.22
C SER C 456 6.05 28.94 44.90
N TYR C 457 6.05 30.27 44.87
CA TYR C 457 5.77 30.99 43.64
C TYR C 457 6.77 32.12 43.38
N GLY C 458 7.88 32.15 44.10
CA GLY C 458 8.96 33.05 43.73
C GLY C 458 8.78 34.49 44.17
N ARG C 459 7.93 34.75 45.15
CA ARG C 459 7.75 36.10 45.67
C ARG C 459 8.93 36.44 46.57
N ILE C 460 9.91 37.15 46.03
CA ILE C 460 11.16 37.33 46.76
C ILE C 460 11.03 38.41 47.85
N ASN C 461 10.21 39.43 47.63
CA ASN C 461 10.12 40.51 48.61
C ASN C 461 9.31 40.10 49.83
N THR C 462 8.27 39.28 49.62
CA THR C 462 7.53 38.72 50.74
C THR C 462 8.41 37.78 51.56
N CYS C 463 9.28 37.04 50.90
CA CYS C 463 10.22 36.19 51.62
C CYS C 463 11.28 36.99 52.36
N GLN C 464 11.66 38.16 51.84
CA GLN C 464 12.58 39.00 52.59
C GLN C 464 11.90 39.62 53.81
N ARG C 465 10.63 39.99 53.67
CA ARG C 465 9.93 40.59 54.80
C ARG C 465 9.60 39.57 55.88
N LEU C 466 9.28 38.34 55.49
CA LEU C 466 9.01 37.31 56.48
C LEU C 466 10.26 36.85 57.21
N LEU C 467 11.41 36.90 56.54
CA LEU C 467 12.67 36.45 57.12
C LEU C 467 13.47 37.60 57.71
N GLN C 468 12.80 38.65 58.16
CA GLN C 468 13.52 39.77 58.76
C GLN C 468 13.95 39.46 60.18
N ASP C 469 13.08 38.82 60.96
CA ASP C 469 13.44 38.38 62.30
C ASP C 469 14.15 37.04 62.20
N ILE C 470 15.46 37.04 62.43
CA ILE C 470 16.29 35.87 62.22
C ILE C 470 16.58 35.14 63.53
N SER C 471 15.73 35.31 64.54
CA SER C 471 15.96 34.67 65.83
C SER C 471 15.63 33.19 65.76
N ASP C 472 14.37 32.86 65.49
CA ASP C 472 13.91 31.48 65.48
C ASP C 472 14.06 30.90 64.07
N THR C 473 14.78 29.79 63.96
CA THR C 473 14.93 29.09 62.70
C THR C 473 14.08 27.83 62.63
N ARG C 474 13.25 27.58 63.65
CA ARG C 474 12.34 26.44 63.59
C ARG C 474 11.24 26.68 62.56
N LEU C 475 10.91 27.93 62.30
CA LEU C 475 9.97 28.26 61.24
C LEU C 475 10.60 28.17 59.86
N LEU C 476 11.93 28.30 59.78
CA LEU C 476 12.62 28.24 58.50
C LEU C 476 12.68 26.83 57.91
N ASN C 477 12.93 25.83 58.74
CA ASN C 477 13.01 24.46 58.26
C ASN C 477 11.81 23.62 58.66
N GLU C 478 10.67 24.27 58.83
CA GLU C 478 9.46 23.57 59.26
C GLU C 478 8.95 22.65 58.16
N GLY C 479 8.06 21.75 58.55
CA GLY C 479 7.52 20.76 57.64
C GLY C 479 6.18 21.18 57.04
N ASP C 480 5.73 20.36 56.11
CA ASP C 480 4.45 20.53 55.43
C ASP C 480 3.58 19.33 55.75
N LEU C 481 2.36 19.31 55.20
CA LEU C 481 1.53 18.11 55.24
C LEU C 481 2.21 16.96 54.50
N HIS C 482 2.83 17.24 53.37
CA HIS C 482 3.67 16.28 52.68
C HIS C 482 5.13 16.39 53.07
N GLY C 483 5.44 17.13 54.13
CA GLY C 483 6.79 17.15 54.67
C GLY C 483 7.82 17.86 53.83
N MET C 484 7.42 18.89 53.09
CA MET C 484 8.34 19.65 52.25
C MET C 484 8.68 20.97 52.91
N THR C 485 9.97 21.29 52.96
CA THR C 485 10.43 22.56 53.47
C THR C 485 10.17 23.65 52.43
N PRO C 486 10.27 24.93 52.80
CA PRO C 486 10.28 25.98 51.77
C PRO C 486 11.42 25.88 50.78
N LEU C 487 12.54 25.25 51.16
CA LEU C 487 13.59 24.94 50.22
C LEU C 487 13.09 24.02 49.12
N HIS C 488 12.32 23.00 49.49
CA HIS C 488 11.75 22.07 48.51
C HIS C 488 10.74 22.77 47.60
N LEU C 489 9.92 23.66 48.16
CA LEU C 489 8.94 24.35 47.35
C LEU C 489 9.59 25.33 46.39
N ALA C 490 10.66 26.00 46.82
CA ALA C 490 11.34 26.92 45.94
C ALA C 490 12.13 26.18 44.88
N ALA C 491 12.60 24.97 45.18
CA ALA C 491 13.35 24.21 44.19
C ALA C 491 12.45 23.45 43.22
N LYS C 492 11.23 23.14 43.62
CA LYS C 492 10.34 22.37 42.75
C LYS C 492 9.89 23.19 41.55
N ASN C 493 9.60 24.47 41.75
CA ASN C 493 9.15 25.32 40.66
C ASN C 493 10.29 26.07 39.99
N GLY C 494 11.50 25.99 40.53
CA GLY C 494 12.65 26.53 39.83
C GLY C 494 12.83 28.02 39.97
N HIS C 495 12.90 28.52 41.18
CA HIS C 495 13.17 29.92 41.45
C HIS C 495 14.55 30.02 42.09
N ASP C 496 15.52 30.49 41.32
CA ASP C 496 16.91 30.45 41.78
C ASP C 496 17.21 31.51 42.82
N LYS C 497 16.59 32.68 42.74
CA LYS C 497 16.90 33.73 43.69
C LYS C 497 16.31 33.44 45.05
N VAL C 498 15.14 32.80 45.10
CA VAL C 498 14.52 32.45 46.36
C VAL C 498 15.33 31.36 47.06
N VAL C 499 15.79 30.35 46.32
CA VAL C 499 16.56 29.29 46.94
C VAL C 499 17.95 29.79 47.31
N GLN C 500 18.48 30.77 46.58
CA GLN C 500 19.74 31.39 46.97
C GLN C 500 19.59 32.19 48.25
N LEU C 501 18.46 32.88 48.41
CA LEU C 501 18.19 33.63 49.63
C LEU C 501 18.00 32.71 50.82
N LEU C 502 17.29 31.60 50.63
CA LEU C 502 17.09 30.66 51.73
C LEU C 502 18.38 29.94 52.11
N LEU C 503 19.28 29.71 51.15
CA LEU C 503 20.57 29.12 51.53
C LEU C 503 21.49 30.15 52.16
N LYS C 504 21.36 31.42 51.80
CA LYS C 504 22.16 32.46 52.44
C LYS C 504 21.71 32.69 53.87
N LYS C 505 20.40 32.62 54.13
CA LYS C 505 19.92 32.72 55.51
C LYS C 505 20.21 31.47 56.31
N GLY C 506 20.48 30.35 55.64
CA GLY C 506 20.83 29.13 56.35
C GLY C 506 19.68 28.17 56.44
N ALA C 507 19.67 27.16 55.58
CA ALA C 507 18.66 26.12 55.60
C ALA C 507 19.35 24.77 55.53
N LEU C 508 18.61 23.73 55.88
CA LEU C 508 19.16 22.38 55.96
C LEU C 508 18.58 21.51 54.85
N PHE C 509 19.44 20.71 54.24
CA PHE C 509 19.01 19.80 53.17
C PHE C 509 18.30 18.61 53.79
N LEU C 510 17.06 18.84 54.19
CA LEU C 510 16.28 17.78 54.81
C LEU C 510 15.69 16.88 53.72
N SER C 511 14.91 15.91 54.15
CA SER C 511 14.35 14.93 53.23
C SER C 511 12.84 14.97 53.24
N ASP C 512 12.26 14.57 52.12
CA ASP C 512 10.83 14.41 51.98
C ASP C 512 10.39 13.12 52.70
N HIS C 513 9.08 12.93 52.81
CA HIS C 513 8.58 11.63 53.27
C HIS C 513 8.90 10.52 52.28
N ASN C 514 9.03 10.86 50.99
CA ASN C 514 9.48 9.89 50.00
C ASN C 514 10.96 10.04 49.69
N GLY C 515 11.73 10.61 50.62
CA GLY C 515 13.17 10.64 50.53
C GLY C 515 13.76 11.63 49.55
N TRP C 516 12.94 12.48 48.95
CA TRP C 516 13.42 13.44 47.97
C TRP C 516 14.23 14.54 48.65
N THR C 517 15.03 15.24 47.84
CA THR C 517 15.77 16.39 48.31
C THR C 517 15.43 17.56 47.39
N ALA C 518 15.98 18.74 47.66
CA ALA C 518 15.79 19.88 46.77
C ALA C 518 16.40 19.62 45.40
N LEU C 519 17.54 18.92 45.37
CA LEU C 519 18.17 18.61 44.10
C LEU C 519 17.37 17.58 43.32
N HIS C 520 16.68 16.68 44.02
CA HIS C 520 15.79 15.75 43.35
C HIS C 520 14.63 16.46 42.68
N HIS C 521 14.06 17.48 43.33
CA HIS C 521 12.97 18.23 42.71
C HIS C 521 13.47 19.08 41.56
N ALA C 522 14.66 19.69 41.71
CA ALA C 522 15.21 20.52 40.65
C ALA C 522 15.61 19.69 39.44
N SER C 523 15.96 18.42 39.65
CA SER C 523 16.25 17.56 38.51
C SER C 523 15.00 16.93 37.92
N MET C 524 13.98 16.71 38.74
CA MET C 524 12.69 16.26 38.22
C MET C 524 12.07 17.32 37.33
N GLY C 525 12.25 18.60 37.69
CA GLY C 525 11.74 19.66 36.85
C GLY C 525 12.64 19.98 35.68
N GLY C 526 13.95 19.87 35.85
CA GLY C 526 14.86 20.20 34.78
C GLY C 526 15.33 21.63 34.78
N TYR C 527 15.40 22.27 35.94
CA TYR C 527 15.81 23.66 36.05
C TYR C 527 17.29 23.71 36.36
N THR C 528 18.07 24.21 35.41
CA THR C 528 19.52 24.18 35.56
C THR C 528 20.04 25.24 36.52
N GLN C 529 19.33 26.34 36.70
CA GLN C 529 19.85 27.44 37.51
C GLN C 529 19.86 27.10 38.99
N THR C 530 18.72 26.62 39.50
CA THR C 530 18.63 26.22 40.90
C THR C 530 19.55 25.04 41.18
N MET C 531 19.65 24.14 40.21
CA MET C 531 20.56 23.00 40.28
C MET C 531 22.01 23.47 40.39
N LYS C 532 22.39 24.47 39.61
CA LYS C 532 23.74 25.00 39.65
C LYS C 532 24.01 25.70 40.97
N VAL C 533 23.01 26.38 41.53
CA VAL C 533 23.18 27.05 42.81
C VAL C 533 23.37 26.03 43.94
N ILE C 534 22.54 24.98 43.95
CA ILE C 534 22.65 23.94 44.98
C ILE C 534 23.99 23.21 44.87
N LEU C 535 24.46 22.97 43.64
CA LEU C 535 25.75 22.33 43.49
C LEU C 535 26.91 23.26 43.83
N ASP C 536 26.76 24.56 43.65
CA ASP C 536 27.81 25.48 44.02
C ASP C 536 27.88 25.73 45.52
N THR C 537 26.81 25.49 46.26
CA THR C 537 26.92 25.64 47.72
C THR C 537 27.64 24.45 48.35
N ASN C 538 27.08 23.25 48.20
CA ASN C 538 27.65 22.06 48.82
C ASN C 538 27.83 20.96 47.78
N LEU C 539 28.81 20.09 48.04
CA LEU C 539 29.06 18.94 47.19
C LEU C 539 28.66 17.62 47.83
N LYS C 540 28.22 17.64 49.09
CA LYS C 540 27.82 16.43 49.80
C LYS C 540 26.35 16.09 49.61
N CYS C 541 25.68 16.71 48.63
CA CYS C 541 24.28 16.49 48.38
C CYS C 541 24.02 15.66 47.12
N THR C 542 25.04 15.49 46.27
CA THR C 542 24.85 14.85 44.97
C THR C 542 24.51 13.37 45.11
N ASP C 543 25.43 12.61 45.70
CA ASP C 543 25.20 11.19 45.92
C ASP C 543 24.22 11.04 47.09
N ARG C 544 22.94 10.94 46.77
CA ARG C 544 21.91 10.82 47.80
C ARG C 544 20.81 9.93 47.26
N LEU C 545 20.31 9.03 48.11
CA LEU C 545 19.32 8.05 47.70
C LEU C 545 17.96 8.42 48.29
N ASP C 546 16.91 8.11 47.55
CA ASP C 546 15.55 8.25 48.04
C ASP C 546 15.12 6.94 48.69
N GLU C 547 13.81 6.77 48.92
CA GLU C 547 13.29 5.51 49.43
C GLU C 547 13.34 4.39 48.41
N ASP C 548 13.56 4.70 47.13
CA ASP C 548 13.60 3.69 46.08
C ASP C 548 15.01 3.50 45.53
N GLY C 549 15.99 4.20 46.08
CA GLY C 549 17.36 4.06 45.63
C GLY C 549 17.75 4.90 44.45
N ASN C 550 16.86 5.76 43.96
CA ASN C 550 17.19 6.62 42.84
C ASN C 550 18.01 7.81 43.30
N THR C 551 18.82 8.34 42.40
CA THR C 551 19.54 9.59 42.61
C THR C 551 18.89 10.68 41.78
N ALA C 552 19.47 11.87 41.81
CA ALA C 552 18.97 12.97 40.99
C ALA C 552 19.24 12.72 39.52
N LEU C 553 20.33 12.01 39.20
CA LEU C 553 20.65 11.71 37.82
C LEU C 553 19.66 10.73 37.22
N HIS C 554 19.07 9.86 38.05
CA HIS C 554 18.02 8.96 37.60
C HIS C 554 16.80 9.72 37.13
N PHE C 555 16.35 10.70 37.92
CA PHE C 555 15.17 11.47 37.52
C PHE C 555 15.47 12.37 36.33
N ALA C 556 16.66 12.98 36.32
CA ALA C 556 17.01 13.87 35.22
C ALA C 556 17.17 13.13 33.91
N ALA C 557 17.58 11.86 33.96
CA ALA C 557 17.62 11.07 32.73
C ALA C 557 16.26 10.48 32.40
N ARG C 558 15.42 10.24 33.40
CA ARG C 558 14.10 9.66 33.13
C ARG C 558 13.19 10.66 32.45
N GLU C 559 13.25 11.92 32.86
CA GLU C 559 12.36 12.92 32.28
C GLU C 559 12.91 13.54 31.00
N GLY C 560 14.13 13.21 30.61
CA GLY C 560 14.64 13.64 29.33
C GLY C 560 15.12 15.07 29.29
N HIS C 561 15.86 15.51 30.30
CA HIS C 561 16.43 16.85 30.34
C HIS C 561 17.93 16.72 30.10
N ALA C 562 18.37 17.13 28.92
CA ALA C 562 19.74 16.86 28.51
C ALA C 562 20.75 17.72 29.25
N LYS C 563 20.42 19.01 29.44
CA LYS C 563 21.36 19.91 30.08
C LYS C 563 21.51 19.60 31.56
N ALA C 564 20.46 19.10 32.20
CA ALA C 564 20.57 18.69 33.60
C ALA C 564 21.46 17.47 33.75
N VAL C 565 21.36 16.53 32.81
CA VAL C 565 22.22 15.35 32.83
C VAL C 565 23.67 15.74 32.56
N ALA C 566 23.88 16.67 31.63
CA ALA C 566 25.24 17.15 31.36
C ALA C 566 25.81 17.93 32.54
N LEU C 567 24.94 18.62 33.30
CA LEU C 567 25.43 19.37 34.45
C LEU C 567 25.80 18.46 35.60
N LEU C 568 24.96 17.46 35.89
CA LEU C 568 25.33 16.48 36.91
C LEU C 568 26.47 15.58 36.47
N LEU C 569 26.71 15.47 35.17
CA LEU C 569 27.73 14.58 34.68
C LEU C 569 29.07 15.27 34.53
N SER C 570 29.07 16.60 34.37
CA SER C 570 30.33 17.35 34.43
C SER C 570 30.91 17.32 35.83
N HIS C 571 30.05 17.34 36.85
CA HIS C 571 30.48 17.03 38.19
C HIS C 571 30.49 15.51 38.38
N ASN C 572 31.07 15.06 39.47
CA ASN C 572 31.12 13.63 39.75
C ASN C 572 29.75 13.16 40.20
N ALA C 573 29.15 12.23 39.45
CA ALA C 573 27.76 11.89 39.65
C ALA C 573 27.54 10.63 40.47
N ASP C 574 28.56 9.76 40.59
CA ASP C 574 28.54 8.53 41.39
C ASP C 574 27.42 7.59 40.93
N ILE C 575 27.62 7.06 39.72
CA ILE C 575 26.65 6.18 39.07
C ILE C 575 26.43 4.92 39.90
N VAL C 576 25.16 4.64 40.21
CA VAL C 576 24.80 3.49 41.04
C VAL C 576 23.52 2.90 40.45
N LEU C 577 23.19 1.68 40.86
CA LEU C 577 22.00 1.01 40.38
C LEU C 577 20.79 1.38 41.21
N ASN C 578 19.64 0.88 40.78
CA ASN C 578 18.35 1.17 41.38
C ASN C 578 18.01 0.06 42.37
N LYS C 579 16.83 0.14 42.98
CA LYS C 579 16.29 -1.01 43.69
C LYS C 579 16.01 -2.15 42.73
N GLN C 580 15.59 -1.82 41.51
CA GLN C 580 15.43 -2.81 40.45
C GLN C 580 16.68 -2.93 39.58
N GLN C 581 17.83 -2.48 40.09
CA GLN C 581 19.14 -2.63 39.47
C GLN C 581 19.21 -1.99 38.08
N ALA C 582 18.52 -0.86 37.92
CA ALA C 582 18.48 -0.14 36.66
C ALA C 582 19.33 1.12 36.77
N SER C 583 20.27 1.29 35.85
CA SER C 583 21.04 2.51 35.83
C SER C 583 20.21 3.65 35.24
N PHE C 584 20.79 4.85 35.23
CA PHE C 584 20.10 5.98 34.62
C PHE C 584 20.07 5.85 33.11
N LEU C 585 21.03 5.14 32.54
CA LEU C 585 21.08 4.95 31.09
C LEU C 585 19.97 4.03 30.63
N HIS C 586 19.72 2.94 31.36
CA HIS C 586 18.60 2.08 31.02
C HIS C 586 17.28 2.77 31.27
N LEU C 587 17.21 3.60 32.30
CA LEU C 587 15.99 4.31 32.61
C LEU C 587 15.70 5.38 31.56
N ALA C 588 16.74 5.87 30.89
CA ALA C 588 16.54 6.74 29.74
C ALA C 588 16.16 5.95 28.50
N LEU C 589 16.71 4.75 28.33
CA LEU C 589 16.41 3.98 27.13
C LEU C 589 15.00 3.40 27.14
N HIS C 590 14.46 3.07 28.32
CA HIS C 590 13.11 2.53 28.33
C HIS C 590 12.05 3.58 28.07
N ASN C 591 12.38 4.86 28.14
CA ASN C 591 11.44 5.93 27.86
C ASN C 591 11.71 6.62 26.55
N LYS C 592 12.66 6.10 25.76
CA LYS C 592 12.95 6.53 24.38
C LYS C 592 13.35 8.01 24.34
N ARG C 593 14.22 8.42 25.24
CA ARG C 593 14.69 9.79 25.30
C ARG C 593 15.97 9.86 24.49
N LYS C 594 15.87 10.39 23.27
CA LYS C 594 16.99 10.33 22.32
C LYS C 594 18.10 11.28 22.72
N GLU C 595 17.76 12.47 23.17
CA GLU C 595 18.75 13.51 23.35
C GLU C 595 19.65 13.24 24.55
N VAL C 596 19.11 12.64 25.60
CA VAL C 596 19.96 12.39 26.76
C VAL C 596 20.90 11.23 26.51
N VAL C 597 20.49 10.20 25.76
CA VAL C 597 21.44 9.12 25.50
C VAL C 597 22.45 9.56 24.46
N LEU C 598 22.08 10.50 23.59
CA LEU C 598 23.05 11.05 22.66
C LEU C 598 24.09 11.88 23.40
N THR C 599 23.67 12.68 24.37
CA THR C 599 24.67 13.48 25.10
C THR C 599 25.43 12.68 26.14
N ILE C 600 24.95 11.48 26.50
CA ILE C 600 25.80 10.57 27.27
C ILE C 600 26.84 9.94 26.37
N ILE C 601 26.48 9.62 25.13
CA ILE C 601 27.45 9.11 24.15
C ILE C 601 28.53 10.15 23.86
N ARG C 602 28.14 11.42 23.72
CA ARG C 602 29.13 12.47 23.47
C ARG C 602 30.02 12.77 24.67
N SER C 603 29.69 12.27 25.87
CA SER C 603 30.44 12.57 27.06
C SER C 603 31.74 11.76 27.11
N LYS C 604 32.46 11.91 28.22
CA LYS C 604 33.72 11.23 28.43
C LYS C 604 33.62 10.10 29.43
N ARG C 605 32.46 9.91 30.04
CA ARG C 605 32.25 8.87 31.04
C ARG C 605 31.60 7.63 30.43
N TRP C 606 31.45 7.61 29.09
CA TRP C 606 30.60 6.64 28.39
C TRP C 606 31.05 5.21 28.64
N ASP C 607 32.37 4.97 28.57
CA ASP C 607 32.91 3.63 28.82
C ASP C 607 32.57 3.16 30.22
N GLU C 608 32.70 4.06 31.21
CA GLU C 608 32.27 3.73 32.57
C GLU C 608 30.78 3.49 32.63
N CYS C 609 30.01 4.26 31.87
CA CYS C 609 28.57 4.06 31.79
C CYS C 609 28.22 2.75 31.10
N LEU C 610 29.15 2.18 30.34
CA LEU C 610 28.92 0.91 29.71
C LEU C 610 29.23 -0.25 30.64
N LYS C 611 29.97 -0.01 31.73
CA LYS C 611 30.52 -1.12 32.49
C LYS C 611 29.46 -1.82 33.35
N ILE C 612 28.67 -0.99 34.02
CA ILE C 612 27.68 -1.41 35.00
C ILE C 612 26.27 -1.84 34.65
N PHE C 613 25.97 -3.12 34.90
CA PHE C 613 24.59 -3.58 34.78
C PHE C 613 24.48 -4.87 35.57
N SER C 614 23.33 -5.51 35.50
CA SER C 614 23.06 -6.74 36.25
C SER C 614 22.93 -7.91 35.29
N HIS C 615 23.63 -9.00 35.60
CA HIS C 615 23.59 -10.19 34.76
C HIS C 615 22.38 -11.07 35.03
N ASN C 616 21.58 -10.76 36.05
CA ASN C 616 20.51 -11.63 36.47
C ASN C 616 19.11 -11.11 36.17
N SER C 617 18.96 -9.81 36.00
CA SER C 617 17.62 -9.26 35.79
C SER C 617 17.17 -9.48 34.35
N PRO C 618 15.90 -9.83 34.15
CA PRO C 618 15.42 -10.06 32.78
C PRO C 618 15.10 -8.77 32.03
N GLY C 619 14.60 -7.76 32.73
CA GLY C 619 14.21 -6.52 32.09
C GLY C 619 15.40 -5.64 31.77
N ASN C 620 16.33 -5.55 32.72
CA ASN C 620 17.56 -4.79 32.52
C ASN C 620 18.62 -5.74 31.95
N LYS C 621 19.14 -5.38 30.78
CA LYS C 621 20.15 -6.20 30.12
C LYS C 621 21.37 -5.35 29.75
N CYS C 622 22.24 -5.89 28.92
CA CYS C 622 23.37 -5.13 28.40
C CYS C 622 22.87 -3.95 27.58
N PRO C 623 23.41 -2.75 27.79
CA PRO C 623 22.79 -1.55 27.18
C PRO C 623 22.99 -1.45 25.68
N ILE C 624 23.92 -2.19 25.08
CA ILE C 624 24.05 -2.15 23.63
C ILE C 624 22.86 -2.86 22.98
N THR C 625 22.46 -4.00 23.52
CA THR C 625 21.25 -4.67 23.05
C THR C 625 20.01 -3.83 23.33
N GLU C 626 20.02 -3.06 24.41
CA GLU C 626 18.91 -2.15 24.70
C GLU C 626 18.84 -1.03 23.67
N MET C 627 19.98 -0.49 23.26
CA MET C 627 19.99 0.53 22.21
C MET C 627 19.54 -0.04 20.88
N ILE C 628 19.91 -1.29 20.60
CA ILE C 628 19.45 -1.90 19.36
C ILE C 628 17.95 -2.13 19.40
N GLU C 629 17.42 -2.48 20.57
CA GLU C 629 16.00 -2.78 20.67
C GLU C 629 15.15 -1.50 20.62
N TYR C 630 15.60 -0.43 21.27
CA TYR C 630 14.75 0.74 21.44
C TYR C 630 15.10 1.92 20.55
N LEU C 631 16.34 2.39 20.57
CA LEU C 631 16.75 3.59 19.84
C LEU C 631 17.86 3.24 18.86
N PRO C 632 17.51 2.73 17.68
CA PRO C 632 18.57 2.29 16.75
C PRO C 632 19.32 3.43 16.11
N GLU C 633 18.71 4.60 15.96
CA GLU C 633 19.38 5.74 15.36
C GLU C 633 20.45 6.35 16.26
N CYS C 634 20.46 6.01 17.55
CA CYS C 634 21.60 6.36 18.38
C CYS C 634 22.74 5.35 18.23
N MET C 635 22.39 4.08 18.01
CA MET C 635 23.38 3.07 17.71
C MET C 635 24.06 3.34 16.38
N LYS C 636 23.35 3.98 15.45
CA LYS C 636 23.98 4.42 14.20
C LYS C 636 25.08 5.43 14.45
N VAL C 637 24.84 6.38 15.36
CA VAL C 637 25.85 7.38 15.68
C VAL C 637 27.02 6.74 16.42
N LEU C 638 26.71 5.79 17.32
CA LEU C 638 27.76 5.06 18.03
C LEU C 638 28.64 4.26 17.09
N LEU C 639 28.05 3.69 16.04
CA LEU C 639 28.88 3.03 15.03
C LEU C 639 29.63 4.04 14.16
N ASP C 640 29.07 5.24 13.99
CA ASP C 640 29.77 6.28 13.24
C ASP C 640 31.01 6.77 13.98
N PHE C 641 31.04 6.66 15.30
CA PHE C 641 32.27 6.97 16.01
C PHE C 641 33.35 5.91 15.84
N CYS C 642 32.99 4.71 15.40
CA CYS C 642 33.96 3.63 15.26
C CYS C 642 34.69 3.63 13.91
N MET C 643 34.36 4.57 13.03
CA MET C 643 34.99 4.68 11.72
C MET C 643 35.96 5.85 11.75
N LEU C 644 37.23 5.59 11.46
CA LEU C 644 38.28 6.58 11.57
C LEU C 644 38.89 6.84 10.20
N HIS C 645 38.91 8.10 9.79
CA HIS C 645 39.59 8.52 8.58
C HIS C 645 40.97 9.04 8.92
N SER C 646 41.96 8.70 8.11
CA SER C 646 43.35 8.98 8.47
C SER C 646 43.74 10.41 8.12
N THR C 647 43.73 10.75 6.83
CA THR C 647 44.30 12.01 6.37
C THR C 647 43.30 12.97 5.75
N GLU C 648 42.04 12.54 5.59
CA GLU C 648 40.97 13.32 4.96
C GLU C 648 41.34 13.78 3.54
N ASP C 649 42.04 12.91 2.82
CA ASP C 649 42.46 13.18 1.45
C ASP C 649 42.27 11.89 0.65
N LYS C 650 41.25 11.87 -0.19
CA LYS C 650 40.88 10.66 -0.92
C LYS C 650 41.83 10.35 -2.07
N SER C 651 42.66 11.29 -2.49
CA SER C 651 43.56 11.07 -3.61
C SER C 651 44.88 10.43 -3.22
N CYS C 652 45.20 10.37 -1.93
CA CYS C 652 46.48 9.84 -1.49
C CYS C 652 46.53 8.33 -1.62
N ARG C 653 47.67 7.82 -2.08
CA ARG C 653 47.85 6.38 -2.17
C ARG C 653 48.09 5.76 -0.79
N ASP C 654 48.65 6.54 0.13
CA ASP C 654 48.86 6.10 1.50
C ASP C 654 47.66 6.35 2.40
N TYR C 655 46.54 6.79 1.83
CA TYR C 655 45.34 7.06 2.60
C TYR C 655 44.64 5.77 2.98
N TYR C 656 44.18 5.70 4.23
CA TYR C 656 43.50 4.51 4.72
C TYR C 656 42.37 4.93 5.65
N ILE C 657 41.54 3.95 6.00
CA ILE C 657 40.52 4.10 7.02
C ILE C 657 40.58 2.89 7.93
N GLU C 658 40.26 3.10 9.21
CA GLU C 658 40.35 2.07 10.22
C GLU C 658 38.96 1.76 10.77
N TYR C 659 38.64 0.47 10.85
CA TYR C 659 37.41 -0.01 11.45
C TYR C 659 37.73 -0.65 12.79
N ASN C 660 37.03 -0.22 13.83
CA ASN C 660 37.18 -0.76 15.17
C ASN C 660 35.93 -1.55 15.54
N PHE C 661 36.14 -2.73 16.12
CA PHE C 661 35.05 -3.65 16.41
C PHE C 661 34.91 -3.88 17.91
N LYS C 662 35.08 -2.84 18.70
CA LYS C 662 35.09 -3.05 20.15
C LYS C 662 33.70 -3.15 20.75
N TYR C 663 32.68 -2.64 20.08
CA TYR C 663 31.32 -2.64 20.63
C TYR C 663 30.45 -3.74 20.07
N LEU C 664 30.92 -4.50 19.09
CA LEU C 664 30.04 -5.43 18.39
C LEU C 664 29.94 -6.79 19.05
N GLN C 665 30.79 -7.09 20.03
CA GLN C 665 30.73 -8.41 20.64
C GLN C 665 31.19 -8.34 22.08
N CYS C 666 30.76 -9.33 22.85
CA CYS C 666 31.19 -9.50 24.22
C CYS C 666 32.61 -10.06 24.23
N PRO C 667 33.31 -10.01 25.38
CA PRO C 667 34.54 -10.78 25.50
C PRO C 667 34.27 -12.28 25.40
N LEU C 668 35.24 -13.01 24.85
CA LEU C 668 35.04 -14.39 24.46
C LEU C 668 34.94 -15.35 25.63
N GLU C 669 35.33 -14.93 26.84
CA GLU C 669 35.24 -15.80 28.00
C GLU C 669 33.78 -16.06 28.40
N PHE C 670 32.90 -15.10 28.14
CA PHE C 670 31.48 -15.28 28.45
C PHE C 670 30.77 -16.12 27.39
N THR C 671 31.42 -16.39 26.27
CA THR C 671 30.78 -17.17 25.21
C THR C 671 30.72 -18.64 25.57
N LYS C 672 31.87 -19.24 25.89
CA LYS C 672 31.91 -20.66 26.19
C LYS C 672 31.35 -20.93 27.57
N LYS C 673 30.69 -22.08 27.72
CA LYS C 673 30.16 -22.50 29.01
C LYS C 673 31.31 -22.80 29.97
N THR C 674 31.22 -22.23 31.17
CA THR C 674 32.26 -22.31 32.16
C THR C 674 31.63 -22.69 33.50
N PRO C 675 32.26 -23.57 34.27
CA PRO C 675 31.71 -23.91 35.60
C PRO C 675 31.72 -22.75 36.59
N THR C 676 32.56 -21.74 36.38
CA THR C 676 32.53 -20.57 37.26
C THR C 676 31.50 -19.54 36.79
N GLN C 677 31.52 -19.20 35.50
CA GLN C 677 30.59 -18.22 34.96
C GLN C 677 29.26 -18.90 34.66
N ASP C 678 28.25 -18.62 35.48
CA ASP C 678 26.95 -19.26 35.30
C ASP C 678 26.21 -18.71 34.08
N VAL C 679 26.40 -17.44 33.77
CA VAL C 679 25.74 -16.83 32.62
C VAL C 679 26.60 -17.02 31.38
N ILE C 680 25.94 -17.13 30.24
CA ILE C 680 26.60 -17.27 28.94
C ILE C 680 25.96 -16.29 27.97
N TYR C 681 26.71 -16.00 26.91
CA TYR C 681 26.21 -15.19 25.81
C TYR C 681 26.58 -15.88 24.50
N GLU C 682 25.63 -15.89 23.57
CA GLU C 682 25.93 -16.43 22.25
C GLU C 682 26.89 -15.49 21.53
N PRO C 683 27.77 -16.03 20.68
CA PRO C 683 28.71 -15.16 19.96
C PRO C 683 27.99 -14.32 18.93
N LEU C 684 28.69 -13.27 18.49
CA LEU C 684 28.16 -12.21 17.63
C LEU C 684 26.90 -11.60 18.23
N THR C 685 27.09 -10.95 19.39
CA THR C 685 25.98 -10.55 20.24
C THR C 685 25.15 -9.45 19.59
N ALA C 686 25.82 -8.35 19.21
CA ALA C 686 25.12 -7.21 18.63
C ALA C 686 24.51 -7.56 17.29
N LEU C 687 25.14 -8.42 16.52
CA LEU C 687 24.60 -8.81 15.23
C LEU C 687 23.35 -9.67 15.39
N ASN C 688 23.34 -10.58 16.36
CA ASN C 688 22.14 -11.37 16.60
C ASN C 688 21.01 -10.50 17.13
N ALA C 689 21.35 -9.50 17.97
CA ALA C 689 20.33 -8.58 18.46
C ALA C 689 19.78 -7.70 17.33
N MET C 690 20.62 -7.35 16.35
CA MET C 690 20.14 -6.58 15.22
C MET C 690 19.31 -7.42 14.27
N VAL C 691 19.60 -8.72 14.17
CA VAL C 691 18.81 -9.58 13.30
C VAL C 691 17.45 -9.86 13.92
N GLN C 692 17.40 -10.09 15.23
CA GLN C 692 16.12 -10.37 15.88
C GLN C 692 15.20 -9.17 15.98
N ASN C 693 15.66 -7.96 15.68
CA ASN C 693 14.83 -6.77 15.74
C ASN C 693 14.67 -6.11 14.38
N ASN C 694 15.14 -6.76 13.31
CA ASN C 694 14.90 -6.36 11.91
C ASN C 694 15.45 -4.98 11.60
N ARG C 695 16.63 -4.67 12.12
CA ARG C 695 17.25 -3.37 11.94
C ARG C 695 18.22 -3.44 10.77
N ILE C 696 17.66 -3.46 9.56
CA ILE C 696 18.46 -3.74 8.37
C ILE C 696 19.34 -2.53 7.99
N GLU C 697 18.94 -1.33 8.39
CA GLU C 697 19.75 -0.15 8.13
C GLU C 697 21.02 -0.13 8.95
N LEU C 698 21.05 -0.87 10.06
CA LEU C 698 22.26 -1.06 10.82
C LEU C 698 23.08 -2.22 10.30
N LEU C 699 22.45 -3.21 9.69
CA LEU C 699 23.19 -4.30 9.05
C LEU C 699 23.92 -3.83 7.82
N ASN C 700 23.36 -2.87 7.10
CA ASN C 700 24.02 -2.33 5.91
C ASN C 700 25.06 -1.27 6.24
N HIS C 701 25.34 -1.02 7.51
CA HIS C 701 26.38 -0.09 7.89
C HIS C 701 27.75 -0.69 7.55
N PRO C 702 28.70 0.12 7.09
CA PRO C 702 29.98 -0.44 6.61
C PRO C 702 30.82 -1.11 7.67
N VAL C 703 30.67 -0.74 8.94
CA VAL C 703 31.40 -1.41 10.01
C VAL C 703 30.92 -2.85 10.16
N CYS C 704 29.61 -3.07 10.03
CA CYS C 704 29.09 -4.43 10.11
C CYS C 704 29.51 -5.26 8.90
N LYS C 705 29.56 -4.63 7.72
CA LYS C 705 30.01 -5.35 6.52
C LYS C 705 31.47 -5.76 6.64
N GLU C 706 32.32 -4.86 7.15
CA GLU C 706 33.71 -5.23 7.36
C GLU C 706 33.86 -6.25 8.48
N TYR C 707 32.95 -6.25 9.45
CA TYR C 707 33.00 -7.24 10.50
C TYR C 707 32.66 -8.63 9.97
N LEU C 708 31.64 -8.74 9.12
CA LEU C 708 31.35 -10.03 8.50
C LEU C 708 32.45 -10.45 7.53
N LEU C 709 33.07 -9.50 6.83
CA LEU C 709 34.14 -9.86 5.91
C LEU C 709 35.36 -10.39 6.65
N MET C 710 35.72 -9.76 7.77
CA MET C 710 36.79 -10.26 8.61
C MET C 710 36.44 -11.62 9.21
N LYS C 711 35.20 -11.79 9.64
CA LYS C 711 34.80 -13.05 10.26
C LYS C 711 34.77 -14.18 9.24
N TRP C 712 34.47 -13.86 7.98
CA TRP C 712 34.49 -14.86 6.92
C TRP C 712 35.91 -15.23 6.54
N LEU C 713 36.79 -14.23 6.42
CA LEU C 713 38.18 -14.53 6.09
C LEU C 713 38.95 -15.15 7.25
N ALA C 714 38.42 -15.07 8.46
CA ALA C 714 39.11 -15.68 9.59
C ALA C 714 39.01 -17.20 9.54
N TYR C 715 37.80 -17.72 9.67
CA TYR C 715 37.63 -19.18 9.70
C TYR C 715 36.45 -19.70 8.89
N GLY C 716 35.60 -18.85 8.32
CA GLY C 716 34.42 -19.33 7.65
C GLY C 716 34.69 -19.97 6.31
N PHE C 717 35.58 -19.34 5.54
CA PHE C 717 35.92 -19.82 4.21
C PHE C 717 36.62 -21.17 4.26
N ARG C 718 37.49 -21.36 5.26
CA ARG C 718 38.23 -22.62 5.34
C ARG C 718 37.32 -23.78 5.71
N ALA C 719 36.47 -23.59 6.72
CA ALA C 719 35.54 -24.63 7.10
C ALA C 719 34.51 -24.90 6.01
N HIS C 720 34.11 -23.86 5.29
CA HIS C 720 33.15 -24.03 4.20
C HIS C 720 33.75 -24.82 3.05
N MET C 721 34.98 -24.49 2.64
CA MET C 721 35.62 -25.22 1.56
C MET C 721 35.98 -26.64 1.97
N MET C 722 36.30 -26.87 3.25
CA MET C 722 36.56 -28.23 3.70
C MET C 722 35.29 -29.07 3.68
N ASN C 723 34.18 -28.51 4.14
CA ASN C 723 32.91 -29.21 4.12
C ASN C 723 32.43 -29.47 2.71
N LEU C 724 32.73 -28.58 1.77
CA LEU C 724 32.32 -28.82 0.40
C LEU C 724 33.23 -29.84 -0.28
N GLY C 725 34.53 -29.80 0.01
CA GLY C 725 35.45 -30.73 -0.62
C GLY C 725 35.28 -32.16 -0.16
N SER C 726 34.89 -32.35 1.12
CA SER C 726 34.67 -33.70 1.61
C SER C 726 33.48 -34.39 0.96
N TYR C 727 32.54 -33.62 0.40
CA TYR C 727 31.42 -34.17 -0.35
C TYR C 727 31.74 -34.27 -1.84
N CYS C 728 32.49 -33.30 -2.35
CA CYS C 728 32.82 -33.29 -3.76
C CYS C 728 33.79 -34.43 -4.12
N LEU C 729 34.56 -34.88 -3.13
CA LEU C 729 35.42 -36.05 -3.28
C LEU C 729 34.64 -37.33 -3.55
N GLY C 730 33.38 -37.40 -3.13
CA GLY C 730 32.54 -38.53 -3.48
C GLY C 730 31.67 -38.23 -4.68
N LEU C 731 31.42 -36.94 -4.92
CA LEU C 731 30.55 -36.55 -6.03
C LEU C 731 31.20 -36.78 -7.39
N ILE C 732 32.44 -36.31 -7.56
CA ILE C 732 33.09 -36.36 -8.88
C ILE C 732 33.36 -37.77 -9.42
N PRO C 733 33.97 -38.71 -8.65
CA PRO C 733 34.35 -39.99 -9.27
C PRO C 733 33.18 -40.86 -9.70
N MET C 734 32.00 -40.71 -9.11
CA MET C 734 30.86 -41.48 -9.60
C MET C 734 30.38 -40.96 -10.95
N THR C 735 30.45 -39.65 -11.17
CA THR C 735 30.08 -39.11 -12.47
C THR C 735 31.08 -39.50 -13.54
N ILE C 736 32.37 -39.51 -13.18
CA ILE C 736 33.40 -40.02 -14.10
C ILE C 736 33.14 -41.48 -14.44
N LEU C 737 32.81 -42.27 -13.42
CA LEU C 737 32.61 -43.70 -13.58
C LEU C 737 31.36 -44.02 -14.39
N VAL C 738 30.37 -43.12 -14.35
CA VAL C 738 29.17 -43.29 -15.17
C VAL C 738 29.43 -42.90 -16.61
N VAL C 739 30.05 -41.73 -16.84
CA VAL C 739 30.23 -41.29 -18.22
C VAL C 739 31.35 -42.01 -18.95
N ASN C 740 32.14 -42.83 -18.27
CA ASN C 740 33.18 -43.59 -18.96
C ASN C 740 32.88 -45.08 -19.09
N ILE C 741 31.72 -45.56 -18.65
CA ILE C 741 31.32 -46.95 -18.79
C ILE C 741 29.93 -46.97 -19.42
N LYS C 742 29.73 -47.82 -20.42
CA LYS C 742 28.42 -47.97 -21.01
C LYS C 742 27.49 -48.66 -20.02
N PRO C 743 26.30 -48.12 -19.76
CA PRO C 743 25.39 -48.72 -18.78
C PRO C 743 24.88 -50.08 -19.21
N GLY C 744 24.54 -50.88 -18.21
CA GLY C 744 24.05 -52.22 -18.43
C GLY C 744 25.12 -53.30 -18.39
N MET C 745 26.39 -52.93 -18.34
CA MET C 745 27.48 -53.90 -18.37
C MET C 745 28.10 -54.01 -16.98
N ALA C 746 28.43 -55.23 -16.58
CA ALA C 746 29.08 -55.46 -15.31
C ALA C 746 30.56 -55.10 -15.43
N PHE C 747 31.04 -54.29 -14.50
CA PHE C 747 32.43 -53.84 -14.50
C PHE C 747 33.06 -54.18 -13.16
N ASN C 748 34.35 -54.56 -13.24
CA ASN C 748 35.20 -55.00 -12.11
C ASN C 748 36.53 -54.25 -12.15
N SER C 749 37.27 -54.27 -11.04
CA SER C 749 38.53 -53.54 -10.87
C SER C 749 39.49 -53.75 -12.03
N THR C 750 39.43 -54.89 -12.70
CA THR C 750 40.30 -55.12 -13.84
C THR C 750 39.68 -54.72 -15.17
N GLY C 751 38.40 -54.36 -15.20
CA GLY C 751 37.83 -53.84 -16.42
C GLY C 751 36.36 -54.19 -16.55
N ILE C 752 35.90 -54.17 -17.78
CA ILE C 752 34.48 -54.32 -18.11
C ILE C 752 34.26 -55.69 -18.71
N ILE C 753 33.29 -56.42 -18.17
CA ILE C 753 32.97 -57.77 -18.62
C ILE C 753 31.79 -57.69 -19.58
N ASN C 754 31.97 -58.21 -20.79
CA ASN C 754 30.84 -58.39 -21.70
C ASN C 754 30.69 -59.88 -22.03
N ILE C 762 35.09 -61.93 -21.94
CA ILE C 762 36.13 -61.02 -22.38
C ILE C 762 36.17 -59.83 -21.43
N LEU C 763 37.33 -59.18 -21.31
CA LEU C 763 37.50 -58.01 -20.44
C LEU C 763 38.14 -56.86 -21.21
N ASP C 764 37.60 -55.66 -21.05
CA ASP C 764 38.12 -54.46 -21.69
C ASP C 764 39.06 -53.73 -20.74
N THR C 765 40.32 -53.60 -21.14
CA THR C 765 41.36 -52.89 -20.40
C THR C 765 41.40 -51.45 -20.94
N THR C 766 42.49 -50.71 -20.65
CA THR C 766 42.89 -49.35 -21.05
C THR C 766 42.16 -48.27 -20.28
N ASN C 767 41.30 -48.62 -19.31
CA ASN C 767 40.75 -47.65 -18.38
C ASN C 767 40.76 -48.17 -16.96
N SER C 768 41.42 -49.30 -16.69
CA SER C 768 41.31 -49.96 -15.39
C SER C 768 41.97 -49.16 -14.29
N TYR C 769 43.06 -48.45 -14.61
CA TYR C 769 43.74 -47.62 -13.61
C TYR C 769 42.87 -46.46 -13.15
N LEU C 770 42.00 -45.95 -14.03
CA LEU C 770 41.08 -44.90 -13.62
C LEU C 770 39.88 -45.47 -12.88
N ILE C 771 39.35 -46.60 -13.37
CA ILE C 771 38.14 -47.20 -12.81
C ILE C 771 38.40 -47.69 -11.38
N LYS C 772 39.57 -48.28 -11.14
CA LYS C 772 39.91 -48.80 -9.82
C LYS C 772 40.02 -47.68 -8.79
N THR C 773 40.68 -46.58 -9.14
CA THR C 773 40.83 -45.47 -8.21
C THR C 773 39.51 -44.78 -7.95
N CYS C 774 38.66 -44.66 -8.97
CA CYS C 774 37.35 -44.05 -8.76
C CYS C 774 36.47 -44.89 -7.85
N MET C 775 36.50 -46.22 -8.01
CA MET C 775 35.72 -47.07 -7.13
C MET C 775 36.24 -47.03 -5.69
N ILE C 776 37.56 -46.97 -5.52
CA ILE C 776 38.12 -46.88 -4.17
C ILE C 776 37.72 -45.56 -3.51
N LEU C 777 37.73 -44.46 -4.27
CA LEU C 777 37.33 -43.17 -3.71
C LEU C 777 35.87 -43.14 -3.32
N VAL C 778 34.99 -43.72 -4.14
CA VAL C 778 33.57 -43.74 -3.80
C VAL C 778 33.32 -44.61 -2.56
N PHE C 779 34.01 -45.75 -2.47
CA PHE C 779 33.84 -46.64 -1.32
C PHE C 779 34.31 -45.98 -0.02
N LEU C 780 35.48 -45.34 -0.05
CA LEU C 780 35.99 -44.68 1.13
C LEU C 780 35.14 -43.49 1.55
N SER C 781 34.64 -42.72 0.57
CA SER C 781 33.77 -41.59 0.90
C SER C 781 32.47 -42.05 1.51
N SER C 782 31.94 -43.19 1.05
CA SER C 782 30.71 -43.70 1.63
C SER C 782 30.91 -44.20 3.06
N ILE C 783 32.03 -44.88 3.34
CA ILE C 783 32.18 -45.38 4.71
C ILE C 783 32.52 -44.25 5.69
N PHE C 784 33.26 -43.22 5.24
CA PHE C 784 33.46 -42.07 6.13
C PHE C 784 32.17 -41.30 6.34
N GLY C 785 31.29 -41.28 5.33
CA GLY C 785 29.96 -40.71 5.53
C GLY C 785 29.14 -41.48 6.53
N TYR C 786 29.27 -42.83 6.53
CA TYR C 786 28.63 -43.63 7.58
C TYR C 786 29.15 -43.29 8.96
N CYS C 787 30.47 -43.10 9.09
CA CYS C 787 31.04 -42.81 10.39
C CYS C 787 30.60 -41.45 10.91
N LYS C 788 30.56 -40.44 10.04
CA LYS C 788 30.07 -39.12 10.42
C LYS C 788 28.59 -39.17 10.76
N GLU C 789 27.82 -39.97 10.03
CA GLU C 789 26.39 -40.08 10.29
C GLU C 789 26.12 -40.78 11.61
N ALA C 790 26.90 -41.82 11.93
CA ALA C 790 26.73 -42.49 13.22
C ALA C 790 27.18 -41.61 14.38
N GLY C 791 28.19 -40.77 14.16
CA GLY C 791 28.53 -39.76 15.15
C GLY C 791 27.39 -38.79 15.40
N GLN C 792 26.71 -38.36 14.33
CA GLN C 792 25.54 -37.50 14.51
C GLN C 792 24.37 -38.25 15.15
N ILE C 793 24.28 -39.56 14.94
CA ILE C 793 23.27 -40.38 15.61
C ILE C 793 23.50 -40.36 17.12
N PHE C 794 24.72 -40.67 17.55
CA PHE C 794 24.99 -40.69 18.98
C PHE C 794 25.12 -39.30 19.59
N GLN C 795 25.21 -38.25 18.77
CA GLN C 795 25.26 -36.89 19.32
C GLN C 795 23.87 -36.26 19.42
N GLN C 796 23.09 -36.27 18.33
CA GLN C 796 21.88 -35.46 18.27
C GLN C 796 20.72 -36.03 19.09
N LYS C 797 20.68 -37.35 19.26
CA LYS C 797 19.74 -38.07 20.14
C LYS C 797 18.28 -37.81 19.76
N ARG C 798 17.92 -38.32 18.58
CA ARG C 798 16.56 -38.45 18.07
C ARG C 798 15.86 -37.13 17.78
N ASN C 799 16.59 -36.02 17.76
CA ASN C 799 16.02 -34.77 17.26
C ASN C 799 16.18 -34.62 15.75
N TYR C 800 16.98 -35.49 15.12
CA TYR C 800 17.28 -35.44 13.70
C TYR C 800 16.35 -36.31 12.86
N PHE C 801 15.33 -36.91 13.47
CA PHE C 801 14.46 -37.82 12.72
C PHE C 801 13.59 -37.07 11.72
N MET C 802 13.15 -35.87 12.07
CA MET C 802 12.33 -35.05 11.17
C MET C 802 13.23 -34.15 10.32
N ASP C 803 14.06 -34.79 9.51
CA ASP C 803 15.03 -34.10 8.67
C ASP C 803 15.19 -34.87 7.37
N ILE C 804 15.11 -34.17 6.24
CA ILE C 804 15.19 -34.87 4.97
C ILE C 804 16.64 -35.00 4.52
N SER C 805 17.53 -34.13 5.01
CA SER C 805 18.93 -34.17 4.57
C SER C 805 19.64 -35.42 5.07
N ASN C 806 19.31 -35.85 6.29
CA ASN C 806 19.85 -37.10 6.80
C ASN C 806 19.38 -38.28 5.97
N VAL C 807 18.10 -38.27 5.56
CA VAL C 807 17.55 -39.37 4.78
C VAL C 807 18.18 -39.44 3.40
N LEU C 808 18.40 -38.28 2.78
CA LEU C 808 19.09 -38.23 1.50
C LEU C 808 20.52 -38.74 1.63
N GLU C 809 21.18 -38.45 2.75
CA GLU C 809 22.53 -38.96 2.95
C GLU C 809 22.54 -40.47 3.15
N TRP C 810 21.53 -41.01 3.86
CA TRP C 810 21.41 -42.46 4.00
C TRP C 810 21.26 -43.14 2.64
N ILE C 811 20.36 -42.61 1.81
CA ILE C 811 20.10 -43.19 0.50
C ILE C 811 21.35 -43.14 -0.38
N ILE C 812 22.02 -41.98 -0.40
CA ILE C 812 23.24 -41.81 -1.19
C ILE C 812 24.32 -42.78 -0.75
N TYR C 813 24.52 -42.92 0.56
CA TYR C 813 25.64 -43.72 1.04
C TYR C 813 25.41 -45.20 0.81
N THR C 814 24.19 -45.70 1.11
CA THR C 814 23.91 -47.12 0.88
C THR C 814 23.94 -47.46 -0.60
N THR C 815 23.40 -46.58 -1.44
CA THR C 815 23.27 -46.91 -2.84
C THR C 815 24.61 -46.82 -3.54
N GLY C 816 25.46 -45.88 -3.13
CA GLY C 816 26.81 -45.82 -3.65
C GLY C 816 27.69 -46.94 -3.14
N ILE C 817 27.39 -47.49 -1.96
CA ILE C 817 28.06 -48.73 -1.54
C ILE C 817 27.70 -49.86 -2.50
N ILE C 818 26.41 -50.03 -2.78
CA ILE C 818 25.98 -51.19 -3.59
C ILE C 818 26.45 -51.05 -5.04
N PHE C 819 26.62 -49.83 -5.53
CA PHE C 819 27.12 -49.64 -6.91
C PHE C 819 28.59 -50.03 -7.06
N VAL C 820 29.34 -50.09 -5.96
CA VAL C 820 30.79 -50.26 -6.04
C VAL C 820 31.25 -51.65 -5.59
N LEU C 821 30.45 -52.37 -4.79
CA LEU C 821 30.75 -53.68 -4.20
C LEU C 821 31.35 -54.81 -5.05
N PRO C 822 31.19 -54.86 -6.41
CA PRO C 822 31.96 -55.86 -7.17
C PRO C 822 33.49 -55.86 -7.07
N LEU C 823 34.11 -54.89 -6.40
CA LEU C 823 35.52 -55.09 -6.08
C LEU C 823 35.72 -55.98 -4.86
N PHE C 824 34.65 -56.36 -4.16
CA PHE C 824 34.73 -57.42 -3.16
C PHE C 824 33.88 -58.63 -3.53
N VAL C 825 32.58 -58.45 -3.74
CA VAL C 825 31.63 -59.54 -3.90
C VAL C 825 30.94 -59.39 -5.25
N GLU C 826 30.88 -60.48 -6.01
CA GLU C 826 30.28 -60.43 -7.34
C GLU C 826 28.76 -60.26 -7.24
N ILE C 827 28.23 -59.32 -8.01
CA ILE C 827 26.82 -58.92 -8.00
C ILE C 827 26.34 -58.89 -9.45
N PRO C 828 25.11 -59.34 -9.74
CA PRO C 828 24.58 -59.20 -11.10
C PRO C 828 24.46 -57.74 -11.52
N ALA C 829 24.65 -57.50 -12.82
CA ALA C 829 24.78 -56.15 -13.34
C ALA C 829 23.47 -55.37 -13.28
N HIS C 830 22.34 -56.08 -13.23
CA HIS C 830 21.04 -55.42 -13.17
C HIS C 830 20.87 -54.63 -11.89
N LEU C 831 21.16 -55.27 -10.75
CA LEU C 831 21.14 -54.59 -9.46
C LEU C 831 22.17 -53.46 -9.39
N GLN C 832 23.32 -53.67 -10.03
CA GLN C 832 24.39 -52.69 -9.98
C GLN C 832 24.00 -51.39 -10.69
N TRP C 833 23.45 -51.50 -11.89
CA TRP C 833 23.05 -50.28 -12.58
C TRP C 833 21.74 -49.71 -12.03
N GLN C 834 20.89 -50.56 -11.46
CA GLN C 834 19.70 -50.06 -10.75
C GLN C 834 20.10 -49.19 -9.57
N CYS C 835 21.17 -49.55 -8.87
CA CYS C 835 21.63 -48.69 -7.78
C CYS C 835 22.38 -47.48 -8.29
N GLY C 836 23.15 -47.64 -9.38
CA GLY C 836 23.87 -46.50 -9.92
C GLY C 836 22.98 -45.37 -10.39
N ALA C 837 21.81 -45.72 -10.91
CA ALA C 837 20.86 -44.70 -11.35
C ALA C 837 20.36 -43.86 -10.20
N ILE C 838 19.96 -44.52 -9.11
CA ILE C 838 19.43 -43.82 -7.94
C ILE C 838 20.51 -42.99 -7.28
N ALA C 839 21.74 -43.50 -7.26
CA ALA C 839 22.84 -42.76 -6.66
C ALA C 839 23.20 -41.52 -7.45
N VAL C 840 23.26 -41.62 -8.78
CA VAL C 840 23.64 -40.45 -9.57
C VAL C 840 22.52 -39.43 -9.59
N TYR C 841 21.27 -39.86 -9.43
CA TYR C 841 20.19 -38.89 -9.24
C TYR C 841 20.33 -38.16 -7.92
N PHE C 842 20.46 -38.89 -6.81
CA PHE C 842 20.41 -38.20 -5.52
C PHE C 842 21.68 -37.47 -5.15
N TYR C 843 22.85 -37.79 -5.72
CA TYR C 843 24.04 -36.98 -5.47
C TYR C 843 23.85 -35.54 -5.94
N TRP C 844 23.51 -35.35 -7.22
CA TRP C 844 23.32 -34.00 -7.72
C TRP C 844 22.03 -33.37 -7.21
N MET C 845 21.05 -34.17 -6.77
CA MET C 845 19.89 -33.56 -6.16
C MET C 845 20.21 -33.03 -4.77
N ASN C 846 21.04 -33.75 -4.01
CA ASN C 846 21.45 -33.29 -2.69
C ASN C 846 22.40 -32.12 -2.77
N PHE C 847 23.17 -32.02 -3.85
CA PHE C 847 24.17 -30.97 -3.97
C PHE C 847 23.58 -29.57 -4.07
N LEU C 848 22.27 -29.44 -4.32
CA LEU C 848 21.64 -28.13 -4.26
C LEU C 848 21.59 -27.58 -2.84
N LEU C 849 21.52 -28.46 -1.84
CA LEU C 849 21.39 -27.99 -0.47
C LEU C 849 22.68 -27.40 0.08
N TYR C 850 23.81 -27.61 -0.57
CA TYR C 850 25.04 -26.96 -0.15
C TYR C 850 25.22 -25.59 -0.76
N LEU C 851 24.41 -25.23 -1.75
CA LEU C 851 24.45 -23.89 -2.30
C LEU C 851 23.67 -22.89 -1.46
N GLN C 852 22.98 -23.36 -0.42
CA GLN C 852 22.22 -22.46 0.43
C GLN C 852 23.13 -21.60 1.30
N ARG C 853 24.37 -22.04 1.53
CA ARG C 853 25.31 -21.29 2.35
C ARG C 853 25.90 -20.10 1.62
N PHE C 854 25.88 -20.08 0.29
CA PHE C 854 26.38 -18.93 -0.44
C PHE C 854 25.36 -17.79 -0.38
N GLU C 855 25.81 -16.60 -0.80
CA GLU C 855 24.93 -15.45 -0.81
C GLU C 855 24.25 -15.24 -2.15
N ASN C 856 24.90 -15.61 -3.25
CA ASN C 856 24.35 -15.34 -4.56
C ASN C 856 23.37 -16.40 -5.03
N CYS C 857 23.11 -17.43 -4.22
CA CYS C 857 22.36 -18.57 -4.73
C CYS C 857 21.20 -18.97 -3.82
N GLY C 858 21.35 -18.75 -2.51
CA GLY C 858 20.45 -19.35 -1.53
C GLY C 858 19.02 -18.85 -1.57
N ILE C 859 18.81 -17.66 -2.13
CA ILE C 859 17.46 -17.14 -2.22
C ILE C 859 16.62 -17.95 -3.23
N PHE C 860 17.26 -18.50 -4.25
CA PHE C 860 16.55 -19.35 -5.19
C PHE C 860 16.16 -20.67 -4.56
N ILE C 861 17.03 -21.21 -3.70
CA ILE C 861 16.74 -22.45 -3.00
C ILE C 861 15.60 -22.26 -2.01
N VAL C 862 15.56 -21.11 -1.34
CA VAL C 862 14.46 -20.94 -0.38
C VAL C 862 13.14 -20.64 -1.10
N MET C 863 13.17 -19.98 -2.27
CA MET C 863 11.95 -19.81 -3.04
C MET C 863 11.44 -21.14 -3.59
N LEU C 864 12.36 -22.00 -4.02
CA LEU C 864 11.99 -23.32 -4.50
C LEU C 864 11.40 -24.17 -3.38
N GLU C 865 11.94 -24.01 -2.18
CA GLU C 865 11.39 -24.68 -0.99
C GLU C 865 9.96 -24.26 -0.72
N VAL C 866 9.68 -22.96 -0.79
CA VAL C 866 8.34 -22.44 -0.50
C VAL C 866 7.32 -22.95 -1.54
N ILE C 867 7.69 -22.89 -2.82
CA ILE C 867 6.79 -23.34 -3.88
C ILE C 867 6.54 -24.85 -3.78
N LEU C 868 7.57 -25.61 -3.41
CA LEU C 868 7.41 -27.05 -3.34
C LEU C 868 6.54 -27.47 -2.15
N LYS C 869 6.62 -26.73 -1.03
CA LYS C 869 5.74 -27.01 0.10
C LYS C 869 4.28 -26.69 -0.23
N THR C 870 4.05 -25.63 -1.00
CA THR C 870 2.67 -25.31 -1.37
C THR C 870 2.10 -26.36 -2.33
N LEU C 871 2.96 -26.92 -3.18
CA LEU C 871 2.51 -28.00 -4.07
C LEU C 871 2.16 -29.25 -3.26
N LEU C 872 2.95 -29.54 -2.22
CA LEU C 872 2.63 -30.63 -1.31
C LEU C 872 1.34 -30.39 -0.54
N ARG C 873 0.96 -29.13 -0.33
CA ARG C 873 -0.35 -28.91 0.26
C ARG C 873 -1.48 -29.12 -0.75
N SER C 874 -1.26 -28.87 -2.03
CA SER C 874 -2.33 -29.05 -3.02
C SER C 874 -2.44 -30.49 -3.56
N THR C 875 -1.54 -31.39 -3.13
CA THR C 875 -1.51 -32.74 -3.71
C THR C 875 -2.80 -33.55 -3.52
N VAL C 876 -3.62 -33.27 -2.50
CA VAL C 876 -4.80 -34.11 -2.32
C VAL C 876 -5.89 -33.75 -3.32
N VAL C 877 -6.03 -32.46 -3.64
CA VAL C 877 -6.94 -32.04 -4.68
C VAL C 877 -6.46 -32.55 -6.03
N PHE C 878 -5.13 -32.57 -6.23
CA PHE C 878 -4.55 -33.20 -7.42
C PHE C 878 -4.98 -34.67 -7.54
N ILE C 879 -4.85 -35.43 -6.45
CA ILE C 879 -5.12 -36.87 -6.47
C ILE C 879 -6.57 -37.14 -6.79
N PHE C 880 -7.50 -36.41 -6.15
CA PHE C 880 -8.91 -36.73 -6.35
C PHE C 880 -9.40 -36.32 -7.73
N LEU C 881 -9.01 -35.12 -8.18
CA LEU C 881 -9.45 -34.67 -9.49
C LEU C 881 -8.86 -35.53 -10.61
N LEU C 882 -7.58 -35.88 -10.48
CA LEU C 882 -6.91 -36.70 -11.46
C LEU C 882 -7.44 -38.12 -11.47
N LEU C 883 -7.86 -38.64 -10.32
CA LEU C 883 -8.39 -39.99 -10.29
C LEU C 883 -9.78 -40.04 -10.92
N ALA C 884 -10.57 -38.98 -10.73
CA ALA C 884 -11.86 -38.83 -11.42
C ALA C 884 -11.70 -38.92 -12.93
N PHE C 885 -10.85 -38.04 -13.49
CA PHE C 885 -10.68 -38.03 -14.94
C PHE C 885 -10.02 -39.30 -15.45
N GLY C 886 -9.14 -39.92 -14.67
CA GLY C 886 -8.48 -41.12 -15.11
C GLY C 886 -9.41 -42.31 -15.22
N LEU C 887 -10.27 -42.50 -14.23
CA LEU C 887 -11.20 -43.63 -14.31
C LEU C 887 -12.29 -43.38 -15.34
N SER C 888 -12.67 -42.11 -15.55
CA SER C 888 -13.62 -41.80 -16.62
C SER C 888 -13.06 -42.13 -18.00
N PHE C 889 -11.80 -41.74 -18.25
CA PHE C 889 -11.20 -42.09 -19.54
C PHE C 889 -10.91 -43.57 -19.66
N TYR C 890 -10.69 -44.26 -18.53
CA TYR C 890 -10.52 -45.71 -18.59
C TYR C 890 -11.80 -46.40 -19.04
N ILE C 891 -12.96 -45.92 -18.58
CA ILE C 891 -14.20 -46.54 -19.03
C ILE C 891 -14.51 -46.16 -20.47
N LEU C 892 -14.30 -44.90 -20.84
CA LEU C 892 -14.69 -44.44 -22.17
C LEU C 892 -13.82 -45.01 -23.28
N LEU C 893 -12.50 -44.99 -23.10
CA LEU C 893 -11.57 -45.22 -24.19
C LEU C 893 -10.81 -46.53 -24.01
N ASN C 894 -11.53 -47.60 -23.67
CA ASN C 894 -10.91 -48.85 -23.27
C ASN C 894 -10.18 -49.54 -24.42
N LEU C 895 -10.66 -49.37 -25.64
CA LEU C 895 -10.10 -50.13 -26.76
C LEU C 895 -8.73 -49.64 -27.21
N GLN C 896 -8.28 -48.50 -26.73
CA GLN C 896 -6.99 -47.96 -27.15
C GLN C 896 -5.88 -48.43 -26.22
N ASP C 897 -4.67 -48.48 -26.75
CA ASP C 897 -3.52 -48.92 -25.95
C ASP C 897 -3.14 -48.04 -24.77
N PRO C 898 -3.21 -46.70 -24.80
CA PRO C 898 -2.85 -45.95 -23.58
C PRO C 898 -3.84 -46.08 -22.45
N PHE C 899 -5.04 -46.58 -22.69
CA PHE C 899 -6.04 -46.68 -21.65
C PHE C 899 -6.43 -48.13 -21.40
N SER C 900 -5.49 -49.06 -21.57
CA SER C 900 -5.80 -50.47 -21.43
C SER C 900 -6.01 -50.84 -19.97
N SER C 901 -5.12 -50.41 -19.10
CA SER C 901 -5.16 -50.64 -17.67
C SER C 901 -5.61 -49.38 -16.95
N PRO C 902 -6.11 -49.49 -15.71
CA PRO C 902 -6.48 -48.26 -15.00
C PRO C 902 -5.28 -47.44 -14.55
N LEU C 903 -4.18 -48.08 -14.15
CA LEU C 903 -3.02 -47.34 -13.71
C LEU C 903 -2.34 -46.63 -14.88
N LEU C 904 -2.32 -47.27 -16.04
CA LEU C 904 -1.83 -46.62 -17.25
C LEU C 904 -2.72 -45.45 -17.65
N SER C 905 -4.02 -45.54 -17.41
CA SER C 905 -4.92 -44.44 -17.70
C SER C 905 -4.67 -43.26 -16.76
N ILE C 906 -4.36 -43.55 -15.49
CA ILE C 906 -4.06 -42.49 -14.54
C ILE C 906 -2.75 -41.78 -14.92
N ILE C 907 -1.73 -42.54 -15.31
CA ILE C 907 -0.48 -41.93 -15.74
C ILE C 907 -0.65 -41.16 -17.03
N GLN C 908 -1.53 -41.63 -17.93
CA GLN C 908 -1.80 -40.90 -19.16
C GLN C 908 -2.48 -39.57 -18.90
N THR C 909 -3.45 -39.53 -17.99
CA THR C 909 -4.08 -38.24 -17.68
C THR C 909 -3.13 -37.30 -16.96
N PHE C 910 -2.23 -37.85 -16.12
CA PHE C 910 -1.21 -37.01 -15.51
C PHE C 910 -0.27 -36.42 -16.56
N SER C 911 0.01 -37.18 -17.62
CA SER C 911 0.83 -36.60 -18.69
C SER C 911 0.04 -35.60 -19.52
N MET C 912 -1.26 -35.81 -19.66
CA MET C 912 -2.12 -34.88 -20.39
C MET C 912 -2.37 -33.58 -19.64
N MET C 913 -2.01 -33.53 -18.35
CA MET C 913 -2.20 -32.34 -17.52
C MET C 913 -1.62 -31.07 -18.14
N LEU C 914 -0.44 -31.15 -18.73
CA LEU C 914 0.24 -29.94 -19.20
C LEU C 914 -0.33 -29.40 -20.50
N GLY C 915 -1.13 -30.15 -21.23
CA GLY C 915 -1.70 -29.64 -22.46
C GLY C 915 -1.40 -30.48 -23.67
N ASP C 916 -0.79 -31.64 -23.47
CA ASP C 916 -0.51 -32.58 -24.56
C ASP C 916 -1.67 -33.55 -24.64
N ILE C 917 -2.77 -33.07 -25.23
CA ILE C 917 -4.03 -33.80 -25.18
C ILE C 917 -4.04 -34.98 -26.14
N ASN C 918 -3.33 -34.86 -27.27
CA ASN C 918 -3.39 -35.78 -28.40
C ASN C 918 -4.82 -35.91 -28.92
N TYR C 919 -5.35 -34.79 -29.40
CA TYR C 919 -6.72 -34.74 -29.89
C TYR C 919 -6.89 -35.53 -31.18
N ARG C 920 -5.99 -35.34 -32.14
CA ARG C 920 -6.12 -35.99 -33.44
C ARG C 920 -5.92 -37.48 -33.34
N GLU C 921 -5.00 -37.93 -32.49
CA GLU C 921 -4.64 -39.34 -32.47
C GLU C 921 -5.64 -40.18 -31.67
N SER C 922 -6.20 -39.63 -30.59
CA SER C 922 -7.02 -40.42 -29.69
C SER C 922 -8.50 -40.14 -29.77
N PHE C 923 -8.92 -39.01 -30.33
CA PHE C 923 -10.33 -38.64 -30.36
C PHE C 923 -10.90 -38.56 -31.76
N LEU C 924 -10.22 -37.86 -32.67
CA LEU C 924 -10.81 -37.59 -33.98
C LEU C 924 -10.68 -38.79 -34.91
N GLU C 925 -9.46 -39.27 -35.11
CA GLU C 925 -9.25 -40.41 -36.00
C GLU C 925 -9.91 -41.71 -35.58
N PRO C 926 -10.10 -42.04 -34.29
CA PRO C 926 -11.03 -43.14 -33.99
C PRO C 926 -12.47 -42.81 -34.28
N TYR C 927 -12.87 -41.54 -34.23
CA TYR C 927 -14.26 -41.19 -34.50
C TYR C 927 -14.58 -41.30 -35.97
N LEU C 928 -13.65 -40.96 -36.84
CA LEU C 928 -13.93 -41.05 -38.27
C LEU C 928 -13.82 -42.47 -38.82
N ARG C 929 -13.46 -43.44 -37.98
CA ARG C 929 -13.43 -44.83 -38.39
C ARG C 929 -14.45 -45.67 -37.63
N ASN C 930 -15.38 -45.03 -36.92
CA ASN C 930 -16.41 -45.66 -36.10
C ASN C 930 -15.82 -46.60 -35.05
N GLU C 931 -14.73 -46.17 -34.43
CA GLU C 931 -14.03 -46.97 -33.44
C GLU C 931 -14.26 -46.45 -32.02
N LEU C 932 -15.15 -45.49 -31.84
CA LEU C 932 -15.49 -44.98 -30.52
C LEU C 932 -16.86 -45.49 -30.11
N ALA C 933 -16.91 -46.28 -29.05
CA ALA C 933 -18.14 -46.43 -28.32
C ALA C 933 -18.37 -45.18 -27.50
N HIS C 934 -19.63 -44.73 -27.45
CA HIS C 934 -20.11 -43.52 -26.79
C HIS C 934 -19.37 -42.27 -27.28
N PRO C 935 -19.62 -41.79 -28.51
CA PRO C 935 -18.83 -40.66 -29.00
C PRO C 935 -19.21 -39.31 -28.38
N VAL C 936 -20.49 -39.07 -28.13
CA VAL C 936 -20.93 -37.79 -27.60
C VAL C 936 -20.42 -37.59 -26.18
N LEU C 937 -20.51 -38.65 -25.37
CA LEU C 937 -20.00 -38.66 -24.02
C LEU C 937 -18.48 -38.47 -24.01
N SER C 938 -17.81 -38.99 -25.04
CA SER C 938 -16.36 -38.86 -25.14
C SER C 938 -15.94 -37.43 -25.45
N PHE C 939 -16.61 -36.77 -26.40
CA PHE C 939 -16.26 -35.38 -26.69
C PHE C 939 -16.64 -34.45 -25.53
N ALA C 940 -17.72 -34.76 -24.82
CA ALA C 940 -18.08 -33.95 -23.65
C ALA C 940 -17.05 -34.11 -22.54
N GLN C 941 -16.53 -35.32 -22.37
CA GLN C 941 -15.46 -35.53 -21.40
C GLN C 941 -14.19 -34.81 -21.82
N LEU C 942 -13.92 -34.74 -23.13
CA LEU C 942 -12.75 -34.03 -23.63
C LEU C 942 -12.82 -32.54 -23.32
N VAL C 943 -13.96 -31.91 -23.61
CA VAL C 943 -14.07 -30.47 -23.36
C VAL C 943 -14.11 -30.17 -21.87
N SER C 944 -14.68 -31.07 -21.06
CA SER C 944 -14.66 -30.84 -19.61
C SER C 944 -13.26 -30.98 -19.03
N PHE C 945 -12.48 -31.95 -19.52
CA PHE C 945 -11.11 -32.08 -19.06
C PHE C 945 -10.26 -30.90 -19.50
N THR C 946 -10.48 -30.40 -20.71
CA THR C 946 -9.69 -29.26 -21.18
C THR C 946 -10.01 -28.00 -20.39
N ILE C 947 -11.27 -27.85 -19.94
CA ILE C 947 -11.60 -26.67 -19.14
C ILE C 947 -11.04 -26.79 -17.72
N PHE C 948 -11.18 -27.94 -17.08
CA PHE C 948 -10.79 -28.03 -15.67
C PHE C 948 -9.28 -28.03 -15.47
N VAL C 949 -8.58 -29.04 -15.99
CA VAL C 949 -7.21 -29.28 -15.55
C VAL C 949 -6.18 -28.34 -16.17
N PRO C 950 -6.02 -28.20 -17.50
CA PRO C 950 -4.94 -27.32 -17.98
C PRO C 950 -5.24 -25.85 -17.86
N ILE C 951 -6.50 -25.44 -17.75
CA ILE C 951 -6.81 -24.03 -17.67
C ILE C 951 -6.85 -23.59 -16.22
N VAL C 952 -7.74 -24.17 -15.43
CA VAL C 952 -8.03 -23.64 -14.10
C VAL C 952 -6.93 -24.00 -13.11
N LEU C 953 -6.54 -25.27 -13.08
CA LEU C 953 -5.63 -25.76 -12.05
C LEU C 953 -4.23 -25.22 -12.24
N MET C 954 -3.79 -25.12 -13.49
CA MET C 954 -2.47 -24.58 -13.77
C MET C 954 -2.39 -23.09 -13.43
N ASN C 955 -3.46 -22.35 -13.73
CA ASN C 955 -3.47 -20.94 -13.36
C ASN C 955 -3.54 -20.76 -11.86
N LEU C 956 -4.18 -21.70 -11.15
CA LEU C 956 -4.17 -21.66 -9.69
C LEU C 956 -2.75 -21.84 -9.16
N LEU C 957 -1.99 -22.78 -9.73
CA LEU C 957 -0.62 -22.96 -9.31
C LEU C 957 0.25 -21.75 -9.62
N ILE C 958 -0.01 -21.10 -10.77
CA ILE C 958 0.73 -19.90 -11.14
C ILE C 958 0.46 -18.76 -10.17
N GLY C 959 -0.81 -18.56 -9.80
CA GLY C 959 -1.13 -17.50 -8.85
C GLY C 959 -0.55 -17.73 -7.47
N LEU C 960 -0.57 -18.98 -7.01
CA LEU C 960 0.06 -19.32 -5.74
C LEU C 960 1.57 -19.08 -5.77
N ALA C 961 2.22 -19.41 -6.89
CA ALA C 961 3.65 -19.20 -6.99
C ALA C 961 4.01 -17.72 -7.01
N VAL C 962 3.20 -16.90 -7.70
CA VAL C 962 3.45 -15.47 -7.76
C VAL C 962 3.31 -14.84 -6.37
N GLY C 963 2.28 -15.24 -5.63
CA GLY C 963 2.10 -14.73 -4.28
C GLY C 963 3.23 -15.11 -3.35
N ASP C 964 3.69 -16.37 -3.42
CA ASP C 964 4.75 -16.83 -2.53
C ASP C 964 6.08 -16.17 -2.86
N ILE C 965 6.37 -15.95 -4.15
CA ILE C 965 7.64 -15.32 -4.51
C ILE C 965 7.65 -13.85 -4.13
N ALA C 966 6.51 -13.16 -4.25
CA ALA C 966 6.43 -11.78 -3.79
C ALA C 966 6.62 -11.70 -2.27
N GLU C 967 6.07 -12.67 -1.55
CA GLU C 967 6.22 -12.68 -0.11
C GLU C 967 7.68 -12.91 0.27
N VAL C 968 8.38 -13.78 -0.44
CA VAL C 968 9.79 -14.02 -0.11
C VAL C 968 10.63 -12.81 -0.44
N GLN C 969 10.47 -12.24 -1.64
CA GLN C 969 11.28 -11.08 -2.02
C GLN C 969 10.90 -9.80 -1.30
N LYS C 970 9.83 -9.80 -0.50
CA LYS C 970 9.61 -8.67 0.40
C LYS C 970 10.72 -8.54 1.44
N HIS C 971 11.33 -9.66 1.85
CA HIS C 971 12.30 -9.66 2.93
C HIS C 971 13.57 -10.40 2.53
N ALA C 972 14.11 -10.09 1.36
CA ALA C 972 15.26 -10.85 0.87
C ALA C 972 16.56 -10.38 1.49
N SER C 973 16.76 -9.06 1.55
CA SER C 973 18.04 -8.51 1.96
C SER C 973 18.31 -8.75 3.44
N LEU C 974 17.26 -8.85 4.25
CA LEU C 974 17.47 -9.25 5.63
C LEU C 974 17.75 -10.73 5.74
N LYS C 975 17.11 -11.53 4.88
CA LYS C 975 17.23 -12.99 4.97
C LYS C 975 18.64 -13.45 4.62
N ARG C 976 19.28 -12.77 3.66
CA ARG C 976 20.64 -13.11 3.27
C ARG C 976 21.64 -12.92 4.42
N ILE C 977 21.57 -11.76 5.06
CA ILE C 977 22.52 -11.46 6.12
C ILE C 977 22.17 -12.28 7.36
N ALA C 978 20.90 -12.61 7.55
CA ALA C 978 20.50 -13.49 8.65
C ALA C 978 21.07 -14.88 8.47
N MET C 979 21.06 -15.41 7.24
CA MET C 979 21.65 -16.71 7.00
C MET C 979 23.16 -16.70 7.20
N GLN C 980 23.82 -15.61 6.80
CA GLN C 980 25.27 -15.53 7.00
C GLN C 980 25.64 -15.46 8.48
N VAL C 981 24.93 -14.62 9.24
CA VAL C 981 25.28 -14.48 10.65
C VAL C 981 24.88 -15.73 11.42
N GLU C 982 23.85 -16.45 10.98
CA GLU C 982 23.49 -17.70 11.63
C GLU C 982 24.52 -18.78 11.35
N LEU C 983 25.06 -18.80 10.13
CA LEU C 983 26.11 -19.74 9.78
C LEU C 983 27.36 -19.51 10.63
N HIS C 984 27.76 -18.25 10.80
CA HIS C 984 28.95 -17.98 11.60
C HIS C 984 28.72 -18.23 13.09
N THR C 985 27.56 -17.85 13.62
CA THR C 985 27.33 -18.06 15.04
C THR C 985 27.04 -19.51 15.37
N SER C 986 26.69 -20.33 14.39
CA SER C 986 26.58 -21.76 14.64
C SER C 986 27.92 -22.45 14.49
N LEU C 987 28.78 -21.95 13.61
CA LEU C 987 30.08 -22.56 13.45
C LEU C 987 31.02 -22.23 14.59
N GLU C 988 30.84 -21.06 15.20
CA GLU C 988 31.79 -20.61 16.22
C GLU C 988 31.62 -21.33 17.55
N LYS C 989 30.44 -21.91 17.80
CA LYS C 989 30.20 -22.58 19.08
C LYS C 989 30.94 -23.90 19.22
N LYS C 990 31.52 -24.43 18.15
CA LYS C 990 32.18 -25.73 18.22
C LYS C 990 33.70 -25.63 18.25
N LEU C 991 34.26 -24.52 17.84
CA LEU C 991 35.71 -24.39 17.79
C LEU C 991 36.28 -24.18 19.19
N PRO C 992 37.51 -24.63 19.45
CA PRO C 992 38.12 -24.41 20.77
C PRO C 992 38.50 -22.95 20.98
N LEU C 993 38.61 -22.60 22.26
CA LEU C 993 38.72 -21.20 22.65
C LEU C 993 40.08 -20.60 22.31
N TRP C 994 41.15 -21.41 22.38
CA TRP C 994 42.48 -20.92 22.04
C TRP C 994 42.59 -20.60 20.55
N PHE C 995 41.88 -21.36 19.71
CA PHE C 995 41.85 -21.05 18.29
C PHE C 995 41.13 -19.74 18.02
N LEU C 996 40.06 -19.48 18.79
CA LEU C 996 39.36 -18.21 18.70
C LEU C 996 40.27 -17.05 19.12
N ARG C 997 41.03 -17.24 20.20
CA ARG C 997 41.95 -16.19 20.64
C ARG C 997 43.07 -15.98 19.64
N LYS C 998 43.44 -17.03 18.91
CA LYS C 998 44.53 -16.91 17.96
C LYS C 998 44.13 -16.44 16.56
N VAL C 999 42.85 -16.53 16.20
CA VAL C 999 42.47 -16.14 14.85
C VAL C 999 41.76 -14.79 14.79
N ASP C 1000 41.18 -14.31 15.89
CA ASP C 1000 40.37 -13.11 15.78
C ASP C 1000 41.22 -11.85 15.71
N GLN C 1001 40.54 -10.72 15.52
CA GLN C 1001 41.16 -9.41 15.44
C GLN C 1001 40.24 -8.42 16.13
N LYS C 1002 40.71 -7.18 16.22
CA LYS C 1002 39.92 -6.13 16.82
C LYS C 1002 39.79 -4.90 15.94
N SER C 1003 40.60 -4.78 14.90
CA SER C 1003 40.53 -3.62 14.01
C SER C 1003 41.04 -4.03 12.64
N THR C 1004 40.51 -3.37 11.62
CA THR C 1004 40.98 -3.57 10.25
C THR C 1004 41.39 -2.23 9.65
N ILE C 1005 42.30 -2.28 8.68
CA ILE C 1005 42.82 -1.11 8.01
C ILE C 1005 42.63 -1.31 6.51
N VAL C 1006 41.95 -0.38 5.86
CA VAL C 1006 41.61 -0.50 4.45
C VAL C 1006 42.23 0.66 3.70
N TYR C 1007 42.98 0.35 2.64
CA TYR C 1007 43.52 1.34 1.72
C TYR C 1007 42.63 1.39 0.49
N PRO C 1008 41.79 2.41 0.32
CA PRO C 1008 40.91 2.43 -0.85
C PRO C 1008 41.62 2.74 -2.15
N ASN C 1009 42.77 3.43 -2.09
CA ASN C 1009 43.49 3.77 -3.31
C ASN C 1009 44.23 2.57 -3.88
N LYS C 1010 44.85 1.77 -3.03
CA LYS C 1010 45.59 0.59 -3.49
C LYS C 1010 44.62 -0.52 -3.83
N PRO C 1011 44.69 -1.11 -5.03
CA PRO C 1011 43.81 -2.23 -5.37
C PRO C 1011 44.19 -3.49 -4.61
N ARG C 1012 43.20 -4.35 -4.41
CA ARG C 1012 43.41 -5.62 -3.72
C ARG C 1012 44.12 -6.61 -4.66
N SER C 1013 44.63 -7.67 -4.06
CA SER C 1013 45.35 -8.70 -4.82
C SER C 1013 44.40 -9.56 -5.64
N MET C 1016 43.52 -10.99 -11.22
CA MET C 1016 43.76 -12.31 -11.78
C MET C 1016 42.71 -13.30 -11.27
N LEU C 1017 43.11 -14.15 -10.32
CA LEU C 1017 42.17 -15.10 -9.73
C LEU C 1017 41.16 -14.39 -8.84
N PHE C 1018 41.59 -13.35 -8.13
CA PHE C 1018 40.67 -12.53 -7.35
C PHE C 1018 39.72 -11.74 -8.26
N HIS C 1019 40.20 -11.33 -9.43
CA HIS C 1019 39.32 -10.66 -10.39
C HIS C 1019 38.28 -11.61 -10.95
N ILE C 1020 38.66 -12.86 -11.18
CA ILE C 1020 37.70 -13.85 -11.67
C ILE C 1020 36.70 -14.22 -10.58
N PHE C 1021 37.17 -14.26 -9.32
CA PHE C 1021 36.25 -14.52 -8.21
C PHE C 1021 35.31 -13.35 -7.99
N CYS C 1022 35.76 -12.13 -8.22
CA CYS C 1022 34.87 -10.97 -8.11
C CYS C 1022 33.89 -10.91 -9.28
N PHE C 1023 34.30 -11.40 -10.46
CA PHE C 1023 33.38 -11.45 -11.59
C PHE C 1023 32.33 -12.55 -11.41
N LEU C 1024 32.72 -13.67 -10.78
CA LEU C 1024 31.76 -14.73 -10.49
C LEU C 1024 30.89 -14.40 -9.28
N PHE C 1025 31.36 -13.55 -8.38
CA PHE C 1025 30.59 -13.14 -7.21
C PHE C 1025 29.69 -11.95 -7.46
N CYS C 1026 29.61 -11.47 -8.71
CA CYS C 1026 28.76 -10.33 -9.04
C CYS C 1026 27.54 -10.78 -9.83
N SER C 1040 7.87 3.99 6.57
CA SER C 1040 8.47 4.60 7.75
C SER C 1040 7.52 5.60 8.38
N LEU C 1041 6.24 5.52 8.01
CA LEU C 1041 5.26 6.47 8.52
C LEU C 1041 4.90 6.17 9.97
N GLU C 1042 5.05 4.91 10.39
CA GLU C 1042 4.56 4.49 11.70
C GLU C 1042 5.36 5.12 12.83
N MET C 1043 6.69 5.16 12.70
CA MET C 1043 7.52 5.81 13.71
C MET C 1043 7.30 7.32 13.73
N GLU C 1044 6.98 7.91 12.58
CA GLU C 1044 6.72 9.34 12.54
C GLU C 1044 5.41 9.68 13.24
N ILE C 1045 4.37 8.88 13.04
CA ILE C 1045 3.11 9.12 13.73
C ILE C 1045 3.24 8.78 15.22
N LEU C 1046 4.14 7.87 15.58
CA LEU C 1046 4.40 7.59 16.98
C LEU C 1046 5.10 8.77 17.67
N LYS C 1047 6.06 9.39 16.97
CA LYS C 1047 6.69 10.60 17.49
C LYS C 1047 5.69 11.76 17.60
N GLN C 1048 4.79 11.85 16.63
CA GLN C 1048 3.67 12.79 16.66
C GLN C 1048 2.83 12.61 17.93
N LYS C 1049 2.53 11.36 18.26
CA LYS C 1049 1.73 11.05 19.45
C LYS C 1049 2.45 11.43 20.73
N TYR C 1050 3.76 11.18 20.79
CA TYR C 1050 4.55 11.57 21.96
C TYR C 1050 4.53 13.08 22.17
N ARG C 1051 4.73 13.83 21.08
CA ARG C 1051 4.77 15.29 21.20
C ARG C 1051 3.42 15.86 21.59
N LEU C 1052 2.33 15.26 21.09
CA LEU C 1052 1.01 15.75 21.46
C LEU C 1052 0.67 15.44 22.91
N LYS C 1053 1.14 14.29 23.43
CA LYS C 1053 0.92 13.97 24.83
C LYS C 1053 1.66 14.92 25.76
N ASP C 1054 2.90 15.27 25.40
CA ASP C 1054 3.64 16.28 26.18
C ASP C 1054 2.94 17.63 26.15
N LEU C 1055 2.37 17.97 24.99
CA LEU C 1055 1.66 19.23 24.82
C LEU C 1055 0.43 19.32 25.74
N THR C 1056 -0.36 18.25 25.80
CA THR C 1056 -1.56 18.33 26.63
C THR C 1056 -1.24 18.30 28.12
N PHE C 1057 -0.11 17.68 28.51
CA PHE C 1057 0.31 17.74 29.91
C PHE C 1057 0.67 19.17 30.32
N LEU C 1058 1.44 19.86 29.47
CA LEU C 1058 1.82 21.23 29.80
C LEU C 1058 0.62 22.17 29.81
N LEU C 1059 -0.35 21.94 28.92
CA LEU C 1059 -1.53 22.79 28.89
C LEU C 1059 -2.40 22.58 30.14
N GLU C 1060 -2.43 21.36 30.66
CA GLU C 1060 -3.14 21.12 31.92
C GLU C 1060 -2.53 21.90 33.09
N LYS C 1061 -1.19 21.88 33.19
CA LYS C 1061 -0.53 22.65 34.25
C LYS C 1061 -0.80 24.15 34.14
N GLN C 1062 -0.80 24.65 32.91
CA GLN C 1062 -1.06 26.07 32.69
C GLN C 1062 -2.49 26.47 33.07
N HIS C 1063 -3.46 25.59 32.78
CA HIS C 1063 -4.85 25.85 33.18
C HIS C 1063 -4.99 25.91 34.69
N GLU C 1064 -4.25 25.05 35.39
CA GLU C 1064 -4.29 25.09 36.86
C GLU C 1064 -3.72 26.41 37.40
N LEU C 1065 -2.66 26.91 36.79
CA LEU C 1065 -2.10 28.19 37.24
C LEU C 1065 -3.06 29.35 37.00
N ILE C 1066 -3.82 29.32 35.89
CA ILE C 1066 -4.77 30.41 35.64
C ILE C 1066 -5.92 30.39 36.64
N LYS C 1067 -6.40 29.19 37.00
CA LYS C 1067 -7.40 29.12 38.06
C LYS C 1067 -6.87 29.61 39.40
N LEU C 1068 -5.57 29.41 39.66
CA LEU C 1068 -4.98 29.97 40.88
C LEU C 1068 -4.94 31.50 40.82
N ILE C 1069 -4.70 32.07 39.64
CA ILE C 1069 -4.69 33.53 39.47
C ILE C 1069 -6.06 34.10 39.82
N ILE C 1070 -7.12 33.47 39.29
CA ILE C 1070 -8.47 33.97 39.57
C ILE C 1070 -8.81 33.79 41.04
N GLN C 1071 -8.29 32.73 41.67
CA GLN C 1071 -8.58 32.50 43.09
C GLN C 1071 -7.91 33.55 43.98
N LYS C 1072 -6.71 34.02 43.62
CA LYS C 1072 -6.00 34.96 44.48
C LYS C 1072 -6.09 36.40 44.03
N MET C 1073 -6.85 36.71 42.97
CA MET C 1073 -6.88 38.05 42.40
C MET C 1073 -7.64 39.01 43.31
N GLU C 1074 -7.24 40.27 43.28
CA GLU C 1074 -7.89 41.32 44.05
C GLU C 1074 -8.83 42.12 43.17
N ILE C 1075 -10.10 42.21 43.59
CA ILE C 1075 -11.13 42.89 42.82
C ILE C 1075 -11.69 44.03 43.65
N ILE C 1076 -11.41 45.26 43.22
CA ILE C 1076 -12.02 46.47 43.73
C ILE C 1076 -12.56 47.21 42.53
N SER C 1077 -13.72 47.86 42.68
CA SER C 1077 -14.37 48.70 41.68
C SER C 1077 -14.80 47.92 40.44
N GLU C 1078 -14.95 46.61 40.56
CA GLU C 1078 -15.59 45.81 39.53
C GLU C 1078 -16.58 44.83 40.12
N THR C 1079 -16.87 44.93 41.41
CA THR C 1079 -17.77 43.99 42.07
C THR C 1079 -19.22 44.28 41.69
N GLU C 1080 -20.09 43.31 42.00
CA GLU C 1080 -21.54 43.37 41.81
C GLU C 1080 -21.96 43.67 40.38
N LYS D 447 17.87 52.50 39.65
CA LYS D 447 16.63 52.76 38.93
C LYS D 447 16.67 52.19 37.52
N LYS D 448 17.77 51.51 37.20
CA LYS D 448 17.91 50.92 35.87
C LYS D 448 17.03 49.69 35.71
N SER D 449 16.97 48.85 36.75
CA SER D 449 16.11 47.66 36.69
C SER D 449 14.61 47.96 36.62
N PRO D 450 14.04 48.97 37.31
CA PRO D 450 12.63 49.31 37.02
C PRO D 450 12.40 49.80 35.61
N LEU D 451 13.36 50.53 35.02
CA LEU D 451 13.19 50.96 33.64
C LEU D 451 13.27 49.78 32.68
N HIS D 452 14.15 48.81 32.97
CA HIS D 452 14.25 47.63 32.13
C HIS D 452 12.99 46.78 32.22
N PHE D 453 12.42 46.65 33.42
CA PHE D 453 11.19 45.88 33.55
C PHE D 453 10.01 46.60 32.91
N ALA D 454 9.98 47.93 33.00
CA ALA D 454 8.86 48.67 32.43
C ALA D 454 8.95 48.72 30.91
N ALA D 455 10.16 48.73 30.36
CA ALA D 455 10.30 48.76 28.91
C ALA D 455 10.18 47.39 28.30
N SER D 456 10.52 46.34 29.06
CA SER D 456 10.45 45.00 28.52
C SER D 456 9.03 44.46 28.39
N TYR D 457 8.04 45.14 28.94
CA TYR D 457 6.67 44.66 28.90
C TYR D 457 5.66 45.72 28.48
N GLY D 458 6.12 46.84 27.96
CA GLY D 458 5.21 47.79 27.35
C GLY D 458 4.45 48.68 28.30
N ARG D 459 4.93 48.84 29.52
CA ARG D 459 4.28 49.75 30.47
C ARG D 459 4.64 51.18 30.11
N ILE D 460 3.75 51.86 29.40
CA ILE D 460 4.11 53.16 28.84
C ILE D 460 4.05 54.26 29.90
N ASN D 461 3.15 54.17 30.89
CA ASN D 461 3.03 55.24 31.86
C ASN D 461 4.15 55.21 32.87
N THR D 462 4.62 54.01 33.24
CA THR D 462 5.79 53.90 34.10
C THR D 462 7.03 54.43 33.39
N CYS D 463 7.13 54.21 32.08
CA CYS D 463 8.24 54.75 31.33
C CYS D 463 8.15 56.27 31.18
N GLN D 464 6.93 56.82 31.14
CA GLN D 464 6.82 58.28 31.13
C GLN D 464 7.19 58.87 32.48
N ARG D 465 6.83 58.20 33.57
CA ARG D 465 7.15 58.72 34.89
C ARG D 465 8.63 58.59 35.21
N LEU D 466 9.29 57.52 34.74
CA LEU D 466 10.71 57.37 34.99
C LEU D 466 11.53 58.34 34.15
N LEU D 467 11.05 58.70 32.96
CA LEU D 467 11.77 59.59 32.06
C LEU D 467 11.32 61.03 32.18
N GLN D 468 10.86 61.43 33.37
CA GLN D 468 10.43 62.81 33.56
C GLN D 468 11.63 63.73 33.73
N ASP D 469 12.62 63.30 34.51
CA ASP D 469 13.86 64.06 34.67
C ASP D 469 14.77 63.74 33.49
N ILE D 470 14.92 64.70 32.57
CA ILE D 470 15.64 64.47 31.33
C ILE D 470 17.06 65.03 31.39
N SER D 471 17.62 65.18 32.60
CA SER D 471 18.97 65.71 32.73
C SER D 471 20.02 64.69 32.34
N ASP D 472 20.07 63.56 33.05
CA ASP D 472 21.08 62.55 32.81
C ASP D 472 20.55 61.53 31.81
N THR D 473 21.30 61.34 30.72
CA THR D 473 20.96 60.34 29.73
C THR D 473 21.84 59.10 29.82
N ARG D 474 22.71 59.03 30.82
CA ARG D 474 23.51 57.83 31.03
C ARG D 474 22.65 56.67 31.51
N LEU D 475 21.54 56.97 32.19
CA LEU D 475 20.58 55.94 32.56
C LEU D 475 19.72 55.50 31.40
N LEU D 476 19.57 56.36 30.39
CA LEU D 476 18.74 56.02 29.23
C LEU D 476 19.38 54.98 28.31
N ASN D 477 20.69 55.09 28.07
CA ASN D 477 21.36 54.14 27.20
C ASN D 477 22.26 53.18 27.97
N GLU D 478 21.90 52.90 29.22
CA GLU D 478 22.70 52.02 30.05
C GLU D 478 22.64 50.59 29.56
N GLY D 479 23.56 49.77 30.04
CA GLY D 479 23.67 48.39 29.62
C GLY D 479 22.97 47.44 30.57
N ASP D 480 22.94 46.18 30.15
CA ASP D 480 22.35 45.08 30.90
C ASP D 480 23.46 44.08 31.21
N LEU D 481 23.10 43.00 31.90
CA LEU D 481 24.02 41.87 32.05
C LEU D 481 24.37 41.27 30.70
N HIS D 482 23.38 41.16 29.81
CA HIS D 482 23.62 40.77 28.43
C HIS D 482 23.80 41.97 27.52
N GLY D 483 23.98 43.17 28.08
CA GLY D 483 24.32 44.33 27.29
C GLY D 483 23.22 44.87 26.40
N MET D 484 21.97 44.74 26.81
CA MET D 484 20.84 45.23 26.03
C MET D 484 20.31 46.52 26.64
N THR D 485 20.11 47.52 25.78
CA THR D 485 19.52 48.77 26.20
C THR D 485 18.02 48.58 26.39
N PRO D 486 17.32 49.53 27.03
CA PRO D 486 15.85 49.51 27.00
C PRO D 486 15.26 49.59 25.61
N LEU D 487 15.98 50.18 24.65
CA LEU D 487 15.56 50.15 23.26
C LEU D 487 15.50 48.72 22.74
N HIS D 488 16.50 47.90 23.09
CA HIS D 488 16.52 46.50 22.69
C HIS D 488 15.40 45.72 23.35
N LEU D 489 15.13 45.98 24.63
CA LEU D 489 14.07 45.26 25.32
C LEU D 489 12.69 45.65 24.78
N ALA D 490 12.50 46.91 24.44
CA ALA D 490 11.21 47.31 23.88
C ALA D 490 11.03 46.82 22.47
N ALA D 491 12.13 46.65 21.73
CA ALA D 491 12.02 46.14 20.36
C ALA D 491 11.91 44.63 20.29
N LYS D 492 12.43 43.92 21.30
CA LYS D 492 12.39 42.46 21.27
C LYS D 492 10.98 41.93 21.41
N ASN D 493 10.19 42.52 22.27
CA ASN D 493 8.82 42.07 22.48
C ASN D 493 7.81 42.79 21.61
N GLY D 494 8.23 43.81 20.89
CA GLY D 494 7.37 44.42 19.89
C GLY D 494 6.35 45.40 20.44
N HIS D 495 6.81 46.41 21.16
CA HIS D 495 5.95 47.46 21.67
C HIS D 495 6.32 48.74 20.94
N ASP D 496 5.45 49.18 20.03
CA ASP D 496 5.78 50.27 19.14
C ASP D 496 5.71 51.63 19.83
N LYS D 497 4.80 51.80 20.78
CA LYS D 497 4.67 53.10 21.43
C LYS D 497 5.80 53.36 22.39
N VAL D 498 6.30 52.31 23.04
CA VAL D 498 7.43 52.46 23.95
C VAL D 498 8.70 52.81 23.18
N VAL D 499 8.93 52.12 22.06
CA VAL D 499 10.13 52.41 21.29
C VAL D 499 10.01 53.76 20.60
N GLN D 500 8.79 54.18 20.25
CA GLN D 500 8.59 55.53 19.72
C GLN D 500 8.88 56.59 20.77
N LEU D 501 8.48 56.33 22.02
CA LEU D 501 8.75 57.26 23.11
C LEU D 501 10.24 57.35 23.41
N LEU D 502 10.94 56.20 23.40
CA LEU D 502 12.37 56.21 23.66
C LEU D 502 13.15 56.86 22.53
N LEU D 503 12.67 56.75 21.29
CA LEU D 503 13.35 57.47 20.21
C LEU D 503 13.02 58.95 20.22
N LYS D 504 11.84 59.33 20.70
CA LYS D 504 11.52 60.75 20.81
C LYS D 504 12.32 61.41 21.92
N LYS D 505 12.54 60.70 23.03
CA LYS D 505 13.40 61.23 24.07
C LYS D 505 14.87 61.22 23.67
N GLY D 506 15.24 60.43 22.68
CA GLY D 506 16.61 60.41 22.22
C GLY D 506 17.39 59.23 22.75
N ALA D 507 17.54 58.20 21.94
CA ALA D 507 18.32 57.03 22.29
C ALA D 507 19.26 56.72 21.14
N LEU D 508 20.27 55.90 21.44
CA LEU D 508 21.31 55.58 20.48
C LEU D 508 21.21 54.13 20.05
N PHE D 509 21.38 53.88 18.75
CA PHE D 509 21.33 52.53 18.19
C PHE D 509 22.63 51.82 18.54
N LEU D 510 22.74 51.39 19.79
CA LEU D 510 23.93 50.69 20.22
C LEU D 510 23.86 49.23 19.80
N SER D 511 24.87 48.46 20.20
CA SER D 511 24.96 47.08 19.79
C SER D 511 24.95 46.16 20.99
N ASP D 512 24.48 44.94 20.76
CA ASP D 512 24.51 43.87 21.73
C ASP D 512 25.94 43.35 21.86
N HIS D 513 26.17 42.48 22.85
CA HIS D 513 27.43 41.74 22.90
C HIS D 513 27.57 40.80 21.73
N ASN D 514 26.46 40.31 21.17
CA ASN D 514 26.50 39.52 19.95
C ASN D 514 26.17 40.35 18.71
N GLY D 515 26.38 41.66 18.79
CA GLY D 515 26.29 42.53 17.64
C GLY D 515 24.90 42.85 17.15
N TRP D 516 23.86 42.44 17.87
CA TRP D 516 22.49 42.69 17.47
C TRP D 516 22.14 44.16 17.60
N THR D 517 21.08 44.57 16.92
CA THR D 517 20.56 45.91 17.05
C THR D 517 19.07 45.78 17.39
N ALA D 518 18.39 46.91 17.58
CA ALA D 518 16.94 46.89 17.81
C ALA D 518 16.22 46.34 16.59
N LEU D 519 16.69 46.66 15.39
CA LEU D 519 16.06 46.17 14.17
C LEU D 519 16.30 44.68 14.00
N HIS D 520 17.44 44.17 14.48
CA HIS D 520 17.67 42.74 14.47
C HIS D 520 16.69 42.00 15.38
N HIS D 521 16.39 42.55 16.55
CA HIS D 521 15.42 41.91 17.43
C HIS D 521 14.00 42.01 16.87
N ALA D 522 13.66 43.16 16.28
CA ALA D 522 12.33 43.33 15.71
C ALA D 522 12.13 42.46 14.49
N SER D 523 13.20 42.12 13.77
CA SER D 523 13.06 41.20 12.66
C SER D 523 13.13 39.75 13.09
N MET D 524 13.85 39.46 14.17
CA MET D 524 13.83 38.12 14.74
C MET D 524 12.44 37.78 15.27
N GLY D 525 11.75 38.76 15.83
CA GLY D 525 10.40 38.53 16.30
C GLY D 525 9.36 38.58 15.20
N GLY D 526 9.55 39.44 14.21
CA GLY D 526 8.59 39.58 13.15
C GLY D 526 7.53 40.63 13.38
N TYR D 527 7.85 41.67 14.13
CA TYR D 527 6.90 42.71 14.47
C TYR D 527 7.06 43.86 13.49
N THR D 528 6.05 44.07 12.64
CA THR D 528 6.19 45.04 11.58
C THR D 528 6.04 46.49 12.05
N GLN D 529 5.36 46.72 13.17
CA GLN D 529 5.09 48.09 13.60
C GLN D 529 6.35 48.76 14.13
N THR D 530 7.05 48.08 15.05
CA THR D 530 8.29 48.63 15.59
C THR D 530 9.35 48.74 14.51
N MET D 531 9.36 47.77 13.59
CA MET D 531 10.24 47.79 12.43
C MET D 531 9.97 49.00 11.56
N LYS D 532 8.70 49.31 11.32
CA LYS D 532 8.33 50.47 10.52
C LYS D 532 8.71 51.77 11.21
N VAL D 533 8.60 51.81 12.53
CA VAL D 533 8.98 53.01 13.29
C VAL D 533 10.48 53.25 13.21
N ILE D 534 11.27 52.18 13.41
CA ILE D 534 12.72 52.29 13.36
C ILE D 534 13.18 52.67 11.96
N LEU D 535 12.53 52.14 10.94
CA LEU D 535 12.89 52.53 9.57
C LEU D 535 12.45 53.94 9.23
N ASP D 536 11.35 54.42 9.82
CA ASP D 536 10.94 55.79 9.56
C ASP D 536 11.77 56.83 10.30
N THR D 537 12.45 56.45 11.38
CA THR D 537 13.32 57.42 12.03
C THR D 537 14.62 57.61 11.24
N ASN D 538 15.40 56.55 11.10
CA ASN D 538 16.70 56.64 10.44
C ASN D 538 16.80 55.58 9.35
N LEU D 539 17.61 55.88 8.34
CA LEU D 539 17.89 54.95 7.26
C LEU D 539 19.30 54.36 7.31
N LYS D 540 20.14 54.82 8.24
CA LYS D 540 21.50 54.34 8.36
C LYS D 540 21.62 53.13 9.27
N CYS D 541 20.52 52.48 9.60
CA CYS D 541 20.52 51.33 10.49
C CYS D 541 20.26 50.02 9.76
N THR D 542 19.81 50.07 8.50
CA THR D 542 19.39 48.88 7.78
C THR D 542 20.59 47.97 7.47
N ASP D 543 21.55 48.48 6.71
CA ASP D 543 22.74 47.72 6.39
C ASP D 543 23.64 47.69 7.61
N ARG D 544 23.52 46.64 8.43
CA ARG D 544 24.29 46.53 9.66
C ARG D 544 24.58 45.07 9.89
N LEU D 545 25.82 44.76 10.28
CA LEU D 545 26.26 43.39 10.45
C LEU D 545 26.40 43.07 11.93
N ASP D 546 26.13 41.82 12.28
CA ASP D 546 26.36 41.33 13.62
C ASP D 546 27.76 40.74 13.70
N GLU D 547 28.05 39.97 14.75
CA GLU D 547 29.32 39.28 14.86
C GLU D 547 29.46 38.13 13.88
N ASP D 548 28.37 37.70 13.23
CA ASP D 548 28.40 36.59 12.30
C ASP D 548 28.15 37.05 10.88
N GLY D 549 28.00 38.35 10.65
CA GLY D 549 27.81 38.87 9.32
C GLY D 549 26.39 38.89 8.83
N ASN D 550 25.43 38.50 9.67
CA ASN D 550 24.03 38.52 9.26
C ASN D 550 23.46 39.93 9.34
N THR D 551 22.47 40.19 8.52
CA THR D 551 21.69 41.42 8.59
C THR D 551 20.32 41.10 9.18
N ALA D 552 19.47 42.13 9.24
CA ALA D 552 18.11 41.91 9.71
C ALA D 552 17.29 41.10 8.73
N LEU D 553 17.60 41.23 7.44
CA LEU D 553 16.88 40.48 6.42
C LEU D 553 17.19 39.00 6.50
N HIS D 554 18.40 38.65 6.97
CA HIS D 554 18.76 37.26 7.19
C HIS D 554 17.89 36.62 8.26
N PHE D 555 17.70 37.30 9.39
CA PHE D 555 16.87 36.75 10.45
C PHE D 555 15.41 36.73 10.05
N ALA D 556 14.94 37.79 9.38
CA ALA D 556 13.54 37.86 8.98
C ALA D 556 13.20 36.80 7.93
N ALA D 557 14.16 36.41 7.10
CA ALA D 557 13.91 35.33 6.18
C ALA D 557 14.13 33.97 6.82
N ARG D 558 14.98 33.89 7.84
CA ARG D 558 15.23 32.61 8.49
C ARG D 558 14.04 32.17 9.32
N GLU D 559 13.38 33.11 9.99
CA GLU D 559 12.26 32.74 10.84
C GLU D 559 10.93 32.68 10.10
N GLY D 560 10.92 33.04 8.82
CA GLY D 560 9.72 32.86 8.02
C GLY D 560 8.64 33.89 8.24
N HIS D 561 9.01 35.16 8.30
CA HIS D 561 8.05 36.25 8.46
C HIS D 561 7.97 36.99 7.14
N ALA D 562 6.87 36.80 6.41
CA ALA D 562 6.79 37.28 5.03
C ALA D 562 6.66 38.79 4.97
N LYS D 563 5.83 39.37 5.86
CA LYS D 563 5.60 40.80 5.81
C LYS D 563 6.83 41.58 6.23
N ALA D 564 7.65 41.02 7.13
CA ALA D 564 8.89 41.68 7.51
C ALA D 564 9.88 41.69 6.37
N VAL D 565 9.94 40.59 5.61
CA VAL D 565 10.82 40.53 4.45
C VAL D 565 10.35 41.49 3.37
N ALA D 566 9.03 41.57 3.16
CA ALA D 566 8.50 42.51 2.19
C ALA D 566 8.71 43.96 2.64
N LEU D 567 8.72 44.22 3.94
CA LEU D 567 8.94 45.58 4.41
C LEU D 567 10.41 45.99 4.27
N LEU D 568 11.34 45.10 4.63
CA LEU D 568 12.75 45.40 4.39
C LEU D 568 13.11 45.39 2.92
N LEU D 569 12.31 44.74 2.09
CA LEU D 569 12.62 44.63 0.68
C LEU D 569 12.02 45.76 -0.13
N SER D 570 10.93 46.36 0.35
CA SER D 570 10.42 47.57 -0.27
C SER D 570 11.38 48.73 -0.10
N HIS D 571 12.06 48.79 1.05
CA HIS D 571 13.20 49.66 1.20
C HIS D 571 14.44 48.97 0.64
N ASN D 572 15.51 49.73 0.49
CA ASN D 572 16.75 49.17 -0.03
C ASN D 572 17.41 48.32 1.04
N ALA D 573 17.57 47.03 0.77
CA ALA D 573 17.97 46.09 1.80
C ALA D 573 19.46 45.75 1.81
N ASP D 574 20.17 46.02 0.71
CA ASP D 574 21.61 45.81 0.57
C ASP D 574 22.01 44.34 0.83
N ILE D 575 21.58 43.50 -0.12
CA ILE D 575 21.79 42.05 -0.02
C ILE D 575 23.27 41.72 -0.01
N VAL D 576 23.69 40.95 0.99
CA VAL D 576 25.10 40.60 1.17
C VAL D 576 25.14 39.15 1.65
N LEU D 577 26.31 38.54 1.56
CA LEU D 577 26.48 37.17 1.98
C LEU D 577 26.78 37.07 3.47
N ASN D 578 26.85 35.84 3.96
CA ASN D 578 27.05 35.53 5.36
C ASN D 578 28.54 35.31 5.60
N LYS D 579 28.90 34.96 6.84
CA LYS D 579 30.23 34.43 7.11
C LYS D 579 30.42 33.10 6.39
N GLN D 580 29.36 32.30 6.29
CA GLN D 580 29.36 31.08 5.50
C GLN D 580 28.86 31.30 4.09
N GLN D 581 28.86 32.54 3.62
CA GLN D 581 28.55 32.94 2.24
C GLN D 581 27.14 32.52 1.83
N ALA D 582 26.20 32.58 2.77
CA ALA D 582 24.82 32.22 2.52
C ALA D 582 23.98 33.48 2.45
N SER D 583 23.21 33.62 1.38
CA SER D 583 22.29 34.75 1.29
C SER D 583 21.07 34.48 2.15
N PHE D 584 20.18 35.46 2.20
CA PHE D 584 18.94 35.28 2.93
C PHE D 584 18.01 34.32 2.22
N LEU D 585 18.13 34.23 0.89
CA LEU D 585 17.29 33.33 0.11
C LEU D 585 17.66 31.88 0.37
N HIS D 586 18.96 31.58 0.44
CA HIS D 586 19.37 30.23 0.78
C HIS D 586 19.03 29.90 2.23
N LEU D 587 19.12 30.89 3.10
CA LEU D 587 18.81 30.68 4.51
C LEU D 587 17.32 30.45 4.70
N ALA D 588 16.49 30.98 3.81
CA ALA D 588 15.07 30.65 3.79
C ALA D 588 14.82 29.29 3.18
N LEU D 589 15.59 28.89 2.16
CA LEU D 589 15.35 27.61 1.51
C LEU D 589 15.78 26.43 2.37
N HIS D 590 16.83 26.60 3.19
CA HIS D 590 17.24 25.47 4.02
C HIS D 590 16.28 25.21 5.18
N ASN D 591 15.39 26.13 5.49
CA ASN D 591 14.42 25.95 6.55
C ASN D 591 13.01 25.72 6.03
N LYS D 592 12.86 25.59 4.70
CA LYS D 592 11.61 25.22 4.04
C LYS D 592 10.49 26.21 4.32
N ARG D 593 10.81 27.50 4.25
CA ARG D 593 9.83 28.55 4.48
C ARG D 593 9.22 28.92 3.14
N LYS D 594 8.01 28.43 2.89
CA LYS D 594 7.41 28.55 1.56
C LYS D 594 6.98 29.99 1.27
N GLU D 595 6.40 30.65 2.26
CA GLU D 595 5.76 31.93 2.01
C GLU D 595 6.77 33.04 1.74
N VAL D 596 7.93 32.99 2.39
CA VAL D 596 8.89 34.06 2.16
C VAL D 596 9.58 33.89 0.81
N VAL D 597 9.82 32.66 0.35
CA VAL D 597 10.44 32.55 -0.96
C VAL D 597 9.41 32.81 -2.04
N LEU D 598 8.13 32.56 -1.76
CA LEU D 598 7.10 32.94 -2.71
C LEU D 598 6.98 34.45 -2.83
N THR D 599 7.06 35.18 -1.70
CA THR D 599 6.96 36.62 -1.80
C THR D 599 8.25 37.28 -2.26
N ILE D 600 9.38 36.56 -2.23
CA ILE D 600 10.56 37.06 -2.92
C ILE D 600 10.42 36.86 -4.43
N ILE D 601 9.81 35.75 -4.85
CA ILE D 601 9.52 35.53 -6.27
C ILE D 601 8.55 36.59 -6.81
N ARG D 602 7.53 36.94 -6.02
CA ARG D 602 6.59 37.96 -6.46
C ARG D 602 7.18 39.36 -6.47
N SER D 603 8.35 39.57 -5.88
CA SER D 603 8.94 40.90 -5.79
C SER D 603 9.57 41.32 -7.12
N LYS D 604 10.20 42.49 -7.11
CA LYS D 604 10.84 43.04 -8.29
C LYS D 604 12.36 42.94 -8.23
N ARG D 605 12.91 42.47 -7.12
CA ARG D 605 14.35 42.37 -6.95
C ARG D 605 14.85 40.95 -7.24
N TRP D 606 13.95 40.08 -7.74
CA TRP D 606 14.21 38.64 -7.83
C TRP D 606 15.43 38.30 -8.68
N ASP D 607 15.56 38.96 -9.83
CA ASP D 607 16.71 38.75 -10.71
C ASP D 607 18.00 39.09 -10.00
N GLU D 608 18.01 40.21 -9.26
CA GLU D 608 19.17 40.57 -8.45
C GLU D 608 19.40 39.52 -7.37
N CYS D 609 18.30 39.02 -6.78
CA CYS D 609 18.41 37.96 -5.78
C CYS D 609 18.91 36.66 -6.38
N LEU D 610 18.80 36.51 -7.70
CA LEU D 610 19.32 35.32 -8.35
C LEU D 610 20.80 35.43 -8.65
N LYS D 611 21.36 36.65 -8.64
CA LYS D 611 22.69 36.85 -9.18
C LYS D 611 23.78 36.33 -8.26
N ILE D 612 23.63 36.65 -6.97
CA ILE D 612 24.61 36.37 -5.94
C ILE D 612 24.69 35.05 -5.19
N PHE D 613 25.80 34.33 -5.38
CA PHE D 613 26.06 33.16 -4.55
C PHE D 613 27.55 32.86 -4.66
N SER D 614 27.98 31.76 -4.06
CA SER D 614 29.39 31.38 -4.04
C SER D 614 29.60 30.13 -4.88
N HIS D 615 30.61 30.18 -5.74
CA HIS D 615 30.92 29.04 -6.61
C HIS D 615 31.75 27.97 -5.91
N ASN D 616 32.22 28.22 -4.68
CA ASN D 616 33.15 27.32 -4.03
C ASN D 616 32.56 26.55 -2.86
N SER D 617 31.49 27.04 -2.26
CA SER D 617 30.94 26.38 -1.08
C SER D 617 30.14 25.15 -1.49
N PRO D 618 30.25 24.06 -0.75
CA PRO D 618 29.49 22.84 -1.09
C PRO D 618 28.05 22.89 -0.64
N GLY D 619 27.78 23.51 0.51
CA GLY D 619 26.43 23.56 1.03
C GLY D 619 25.57 24.58 0.34
N ASN D 620 26.13 25.76 0.09
CA ASN D 620 25.45 26.81 -0.64
C ASN D 620 25.75 26.66 -2.12
N LYS D 621 24.70 26.49 -2.93
CA LYS D 621 24.84 26.32 -4.37
C LYS D 621 23.97 27.31 -5.12
N CYS D 622 23.80 27.09 -6.41
CA CYS D 622 22.88 27.91 -7.21
C CYS D 622 21.47 27.75 -6.69
N PRO D 623 20.72 28.85 -6.49
CA PRO D 623 19.43 28.74 -5.80
C PRO D 623 18.34 28.05 -6.59
N ILE D 624 18.47 27.90 -7.91
CA ILE D 624 17.47 27.17 -8.66
C ILE D 624 17.54 25.68 -8.34
N THR D 625 18.75 25.14 -8.26
CA THR D 625 18.93 23.75 -7.82
C THR D 625 18.50 23.58 -6.37
N GLU D 626 18.66 24.63 -5.55
CA GLU D 626 18.20 24.56 -4.17
C GLU D 626 16.68 24.52 -4.10
N MET D 627 16.00 25.28 -4.95
CA MET D 627 14.55 25.22 -5.00
C MET D 627 14.06 23.88 -5.51
N ILE D 628 14.78 23.29 -6.46
CA ILE D 628 14.41 21.97 -6.94
C ILE D 628 14.60 20.93 -5.85
N GLU D 629 15.65 21.08 -5.04
CA GLU D 629 15.93 20.08 -4.01
C GLU D 629 14.97 20.20 -2.83
N TYR D 630 14.61 21.42 -2.42
CA TYR D 630 13.88 21.60 -1.18
C TYR D 630 12.41 21.93 -1.37
N LEU D 631 12.06 22.97 -2.14
CA LEU D 631 10.69 23.43 -2.27
C LEU D 631 10.28 23.39 -3.74
N PRO D 632 9.85 22.22 -4.23
CA PRO D 632 9.55 22.11 -5.67
C PRO D 632 8.27 22.83 -6.07
N GLU D 633 7.32 22.97 -5.15
CA GLU D 633 6.07 23.65 -5.47
C GLU D 633 6.23 25.15 -5.62
N CYS D 634 7.34 25.72 -5.19
CA CYS D 634 7.66 27.11 -5.54
C CYS D 634 8.28 27.19 -6.92
N MET D 635 9.08 26.18 -7.29
CA MET D 635 9.62 26.10 -8.65
C MET D 635 8.51 25.91 -9.66
N LYS D 636 7.41 25.27 -9.27
CA LYS D 636 6.25 25.17 -10.15
C LYS D 636 5.66 26.54 -10.45
N VAL D 637 5.58 27.41 -9.45
CA VAL D 637 5.07 28.76 -9.66
C VAL D 637 6.04 29.58 -10.51
N LEU D 638 7.34 29.40 -10.26
CA LEU D 638 8.36 30.08 -11.05
C LEU D 638 8.31 29.67 -12.52
N LEU D 639 8.02 28.40 -12.79
CA LEU D 639 7.81 27.98 -14.17
C LEU D 639 6.49 28.49 -14.72
N ASP D 640 5.48 28.67 -13.85
CA ASP D 640 4.22 29.23 -14.31
C ASP D 640 4.35 30.69 -14.73
N PHE D 641 5.33 31.41 -14.18
CA PHE D 641 5.58 32.75 -14.69
C PHE D 641 6.24 32.77 -16.06
N CYS D 642 6.82 31.66 -16.49
CA CYS D 642 7.52 31.62 -17.77
C CYS D 642 6.60 31.30 -18.95
N MET D 643 5.32 31.09 -18.70
CA MET D 643 4.35 30.79 -19.75
C MET D 643 3.50 32.03 -19.99
N LEU D 644 3.50 32.52 -21.23
CA LEU D 644 2.83 33.77 -21.58
C LEU D 644 1.72 33.50 -22.56
N HIS D 645 0.52 33.95 -22.24
CA HIS D 645 -0.62 33.89 -23.14
C HIS D 645 -0.77 35.23 -23.83
N SER D 646 -1.07 35.20 -25.14
CA SER D 646 -1.04 36.42 -25.92
C SER D 646 -2.33 37.23 -25.79
N THR D 647 -3.46 36.65 -26.22
CA THR D 647 -4.69 37.42 -26.35
C THR D 647 -5.81 36.94 -25.44
N GLU D 648 -5.61 35.82 -24.71
CA GLU D 648 -6.61 35.20 -23.83
C GLU D 648 -7.89 34.86 -24.59
N ASP D 649 -7.75 34.43 -25.84
CA ASP D 649 -8.88 34.05 -26.68
C ASP D 649 -8.48 32.80 -27.44
N LYS D 650 -9.03 31.66 -27.05
CA LYS D 650 -8.63 30.37 -27.61
C LYS D 650 -9.18 30.13 -29.01
N SER D 651 -10.16 30.92 -29.46
CA SER D 651 -10.76 30.72 -30.76
C SER D 651 -10.03 31.44 -31.88
N CYS D 652 -9.10 32.35 -31.57
CA CYS D 652 -8.43 33.12 -32.59
C CYS D 652 -7.39 32.28 -33.32
N ARG D 653 -7.34 32.46 -34.64
CA ARG D 653 -6.33 31.77 -35.43
C ARG D 653 -4.96 32.39 -35.25
N ASP D 654 -4.90 33.67 -34.93
CA ASP D 654 -3.65 34.36 -34.65
C ASP D 654 -3.23 34.25 -33.20
N TYR D 655 -3.94 33.47 -32.41
CA TYR D 655 -3.61 33.30 -31.00
C TYR D 655 -2.39 32.39 -30.83
N TYR D 656 -1.49 32.78 -29.93
CA TYR D 656 -0.29 32.02 -29.67
C TYR D 656 0.04 32.06 -28.20
N ILE D 657 0.99 31.22 -27.80
CA ILE D 657 1.58 31.24 -26.47
C ILE D 657 3.09 31.17 -26.61
N GLU D 658 3.79 31.81 -25.68
CA GLU D 658 5.24 31.91 -25.72
C GLU D 658 5.84 31.18 -24.53
N TYR D 659 6.85 30.36 -24.79
CA TYR D 659 7.61 29.68 -23.76
C TYR D 659 8.99 30.31 -23.67
N ASN D 660 9.38 30.70 -22.46
CA ASN D 660 10.68 31.28 -22.18
C ASN D 660 11.52 30.29 -21.39
N PHE D 661 12.77 30.13 -21.78
CA PHE D 661 13.65 29.13 -21.19
C PHE D 661 14.84 29.78 -20.50
N LYS D 662 14.61 30.89 -19.81
CA LYS D 662 15.74 31.62 -19.25
C LYS D 662 16.22 31.04 -17.93
N TYR D 663 15.39 30.28 -17.22
CA TYR D 663 15.78 29.75 -15.92
C TYR D 663 16.21 28.29 -15.96
N LEU D 664 16.10 27.63 -17.10
CA LEU D 664 16.31 26.19 -17.13
C LEU D 664 17.76 25.79 -17.33
N GLN D 665 18.65 26.71 -17.66
CA GLN D 665 20.03 26.34 -17.91
C GLN D 665 20.96 27.50 -17.58
N CYS D 666 22.20 27.15 -17.29
CA CYS D 666 23.25 28.12 -17.07
C CYS D 666 23.67 28.72 -18.41
N PRO D 667 24.40 29.83 -18.41
CA PRO D 667 25.05 30.28 -19.65
C PRO D 667 26.10 29.27 -20.12
N LEU D 668 26.25 29.17 -21.43
CA LEU D 668 27.00 28.09 -22.06
C LEU D 668 28.51 28.20 -21.84
N GLU D 669 29.01 29.35 -21.40
CA GLU D 669 30.44 29.50 -21.18
C GLU D 669 30.91 28.69 -19.98
N PHE D 670 30.03 28.49 -18.99
CA PHE D 670 30.37 27.67 -17.83
C PHE D 670 30.28 26.19 -18.12
N THR D 671 29.72 25.79 -19.26
CA THR D 671 29.57 24.38 -19.57
C THR D 671 30.90 23.78 -19.99
N LYS D 672 31.55 24.36 -20.99
CA LYS D 672 32.80 23.82 -21.50
C LYS D 672 33.94 24.12 -20.54
N LYS D 673 34.88 23.18 -20.44
CA LYS D 673 36.06 23.38 -19.61
C LYS D 673 36.93 24.49 -20.19
N THR D 674 37.32 25.42 -19.33
CA THR D 674 38.06 26.60 -19.72
C THR D 674 39.24 26.77 -18.77
N PRO D 675 40.42 27.15 -19.28
CA PRO D 675 41.56 27.39 -18.39
C PRO D 675 41.38 28.57 -17.45
N THR D 676 40.49 29.51 -17.76
CA THR D 676 40.23 30.61 -16.84
C THR D 676 39.15 30.25 -15.82
N GLN D 677 38.03 29.69 -16.28
CA GLN D 677 36.94 29.31 -15.39
C GLN D 677 37.24 27.94 -14.78
N ASP D 678 37.60 27.93 -13.50
CA ASP D 678 37.95 26.68 -12.84
C ASP D 678 36.73 25.81 -12.59
N VAL D 679 35.58 26.41 -12.34
CA VAL D 679 34.35 25.66 -12.09
C VAL D 679 33.65 25.38 -13.41
N ILE D 680 32.95 24.26 -13.48
CA ILE D 680 32.18 23.87 -14.64
C ILE D 680 30.80 23.42 -14.18
N TYR D 681 29.87 23.42 -15.12
CA TYR D 681 28.52 22.91 -14.89
C TYR D 681 28.14 22.02 -16.07
N GLU D 682 27.53 20.89 -15.78
CA GLU D 682 27.03 20.04 -16.84
C GLU D 682 25.85 20.72 -17.53
N PRO D 683 25.67 20.50 -18.84
CA PRO D 683 24.54 21.13 -19.52
C PRO D 683 23.22 20.52 -19.08
N LEU D 684 22.15 21.27 -19.36
CA LEU D 684 20.79 21.00 -18.91
C LEU D 684 20.76 20.89 -17.38
N THR D 685 21.07 22.01 -16.73
CA THR D 685 21.34 22.01 -15.30
C THR D 685 20.09 21.70 -14.49
N ALA D 686 19.02 22.47 -14.72
CA ALA D 686 17.79 22.30 -13.95
C ALA D 686 17.14 20.96 -14.23
N LEU D 687 17.27 20.47 -15.46
CA LEU D 687 16.67 19.18 -15.79
C LEU D 687 17.41 18.04 -15.11
N ASN D 688 18.74 18.11 -15.04
CA ASN D 688 19.49 17.09 -14.33
C ASN D 688 19.22 17.14 -12.84
N ALA D 689 19.05 18.36 -12.29
CA ALA D 689 18.70 18.48 -10.88
C ALA D 689 17.29 17.95 -10.60
N MET D 690 16.37 18.10 -11.55
CA MET D 690 15.04 17.56 -11.36
C MET D 690 15.02 16.05 -11.52
N VAL D 691 15.89 15.49 -12.35
CA VAL D 691 15.95 14.04 -12.49
C VAL D 691 16.57 13.40 -11.27
N GLN D 692 17.63 14.00 -10.72
CA GLN D 692 18.29 13.43 -9.55
C GLN D 692 17.47 13.53 -8.27
N ASN D 693 16.37 14.29 -8.26
CA ASN D 693 15.54 14.42 -7.09
C ASN D 693 14.13 13.90 -7.29
N ASN D 694 13.88 13.23 -8.43
CA ASN D 694 12.65 12.49 -8.71
C ASN D 694 11.41 13.38 -8.70
N ARG D 695 11.55 14.58 -9.25
CA ARG D 695 10.46 15.55 -9.25
C ARG D 695 9.71 15.45 -10.59
N ILE D 696 8.91 14.39 -10.72
CA ILE D 696 8.31 14.06 -12.01
C ILE D 696 7.17 15.03 -12.34
N GLU D 697 6.54 15.64 -11.33
CA GLU D 697 5.50 16.62 -11.58
C GLU D 697 6.04 17.90 -12.19
N LEU D 698 7.33 18.17 -12.02
CA LEU D 698 7.98 19.26 -12.70
C LEU D 698 8.49 18.87 -14.08
N LEU D 699 8.81 17.60 -14.28
CA LEU D 699 9.18 17.13 -15.61
C LEU D 699 7.99 17.13 -16.55
N ASN D 700 6.79 16.87 -16.03
CA ASN D 700 5.60 16.88 -16.86
C ASN D 700 5.03 18.28 -17.08
N HIS D 701 5.72 19.31 -16.60
CA HIS D 701 5.28 20.68 -16.84
C HIS D 701 5.50 21.02 -18.31
N PRO D 702 4.58 21.78 -18.93
CA PRO D 702 4.66 22.01 -20.38
C PRO D 702 5.88 22.80 -20.83
N VAL D 703 6.47 23.63 -19.97
CA VAL D 703 7.68 24.35 -20.34
C VAL D 703 8.83 23.38 -20.51
N CYS D 704 8.92 22.37 -19.65
CA CYS D 704 9.97 21.36 -19.78
C CYS D 704 9.76 20.49 -21.01
N LYS D 705 8.51 20.18 -21.33
CA LYS D 705 8.22 19.40 -22.53
C LYS D 705 8.60 20.16 -23.79
N GLU D 706 8.28 21.46 -23.84
CA GLU D 706 8.69 22.26 -24.98
C GLU D 706 10.20 22.46 -25.03
N TYR D 707 10.85 22.44 -23.87
CA TYR D 707 12.30 22.56 -23.83
C TYR D 707 12.96 21.32 -24.41
N LEU D 708 12.47 20.13 -24.06
CA LEU D 708 12.99 18.91 -24.67
C LEU D 708 12.65 18.82 -26.15
N LEU D 709 11.47 19.31 -26.55
CA LEU D 709 11.10 19.27 -27.95
C LEU D 709 12.00 20.17 -28.79
N MET D 710 12.28 21.37 -28.28
CA MET D 710 13.23 22.26 -28.95
C MET D 710 14.63 21.68 -28.98
N LYS D 711 15.06 21.05 -27.88
CA LYS D 711 16.40 20.49 -27.82
C LYS D 711 16.54 19.29 -28.76
N TRP D 712 15.46 18.55 -28.96
CA TRP D 712 15.48 17.43 -29.89
C TRP D 712 15.49 17.90 -31.34
N LEU D 713 14.67 18.92 -31.65
CA LEU D 713 14.66 19.44 -33.01
C LEU D 713 15.89 20.26 -33.33
N ALA D 714 16.67 20.67 -32.33
CA ALA D 714 17.87 21.44 -32.61
C ALA D 714 18.95 20.54 -33.21
N TYR D 715 19.44 19.57 -32.43
CA TYR D 715 20.52 18.72 -32.89
C TYR D 715 20.37 17.24 -32.57
N GLY D 716 19.35 16.83 -31.81
CA GLY D 716 19.26 15.45 -31.40
C GLY D 716 18.81 14.52 -32.51
N PHE D 717 17.83 14.96 -33.29
CA PHE D 717 17.28 14.16 -34.36
C PHE D 717 18.31 13.91 -35.46
N ARG D 718 19.13 14.93 -35.77
CA ARG D 718 20.10 14.78 -36.84
C ARG D 718 21.21 13.81 -36.46
N ALA D 719 21.75 13.95 -35.24
CA ALA D 719 22.79 13.04 -34.78
C ALA D 719 22.25 11.64 -34.61
N HIS D 720 20.99 11.51 -34.18
CA HIS D 720 20.40 10.20 -34.00
C HIS D 720 20.18 9.50 -35.35
N MET D 721 19.66 10.21 -36.35
CA MET D 721 19.47 9.60 -37.65
C MET D 721 20.78 9.32 -38.35
N MET D 722 21.82 10.13 -38.11
CA MET D 722 23.13 9.84 -38.69
C MET D 722 23.73 8.58 -38.07
N ASN D 723 23.63 8.46 -36.74
CA ASN D 723 24.14 7.27 -36.06
C ASN D 723 23.38 6.02 -36.45
N LEU D 724 22.09 6.14 -36.74
CA LEU D 724 21.33 4.97 -37.15
C LEU D 724 21.62 4.62 -38.61
N GLY D 725 21.79 5.62 -39.47
CA GLY D 725 22.04 5.35 -40.87
C GLY D 725 23.40 4.75 -41.13
N SER D 726 24.41 5.14 -40.33
CA SER D 726 25.75 4.56 -40.50
C SER D 726 25.80 3.08 -40.16
N TYR D 727 24.87 2.58 -39.37
CA TYR D 727 24.76 1.16 -39.07
C TYR D 727 23.83 0.45 -40.05
N CYS D 728 22.77 1.14 -40.46
CA CYS D 728 21.81 0.54 -41.37
C CYS D 728 22.39 0.35 -42.75
N LEU D 729 23.40 1.16 -43.10
CA LEU D 729 24.16 0.99 -44.34
C LEU D 729 24.92 -0.32 -44.39
N GLY D 730 25.25 -0.90 -43.25
CA GLY D 730 25.85 -2.23 -43.25
C GLY D 730 24.82 -3.31 -42.99
N LEU D 731 23.70 -2.92 -42.36
CA LEU D 731 22.67 -3.90 -42.02
C LEU D 731 21.92 -4.39 -43.25
N ILE D 732 21.45 -3.46 -44.10
CA ILE D 732 20.60 -3.85 -45.22
C ILE D 732 21.27 -4.72 -46.29
N PRO D 733 22.48 -4.40 -46.81
CA PRO D 733 23.00 -5.19 -47.93
C PRO D 733 23.34 -6.63 -47.60
N MET D 734 23.64 -6.95 -46.34
CA MET D 734 23.88 -8.34 -46.01
C MET D 734 22.58 -9.15 -46.04
N THR D 735 21.47 -8.55 -45.62
CA THR D 735 20.19 -9.25 -45.70
C THR D 735 19.76 -9.43 -47.14
N ILE D 736 20.01 -8.43 -47.99
CA ILE D 736 19.75 -8.58 -49.42
C ILE D 736 20.60 -9.70 -50.01
N LEU D 737 21.87 -9.74 -49.62
CA LEU D 737 22.81 -10.71 -50.15
C LEU D 737 22.50 -12.12 -49.68
N VAL D 738 21.87 -12.25 -48.50
CA VAL D 738 21.45 -13.57 -48.03
C VAL D 738 20.18 -14.02 -48.73
N VAL D 739 19.17 -13.14 -48.81
CA VAL D 739 17.91 -13.59 -49.39
C VAL D 739 17.94 -13.69 -50.92
N ASN D 740 19.00 -13.24 -51.57
CA ASN D 740 19.09 -13.39 -53.02
C ASN D 740 20.11 -14.43 -53.48
N ILE D 741 20.75 -15.16 -52.57
CA ILE D 741 21.68 -16.22 -52.92
C ILE D 741 21.28 -17.46 -52.14
N LYS D 742 21.21 -18.60 -52.81
CA LYS D 742 20.93 -19.85 -52.11
C LYS D 742 22.12 -20.22 -51.23
N PRO D 743 21.89 -20.54 -49.96
CA PRO D 743 22.99 -20.86 -49.06
C PRO D 743 23.71 -22.14 -49.43
N GLY D 744 24.99 -22.20 -49.05
CA GLY D 744 25.83 -23.34 -49.34
C GLY D 744 26.63 -23.23 -50.61
N MET D 745 26.40 -22.20 -51.43
CA MET D 745 27.09 -22.04 -52.69
C MET D 745 28.11 -20.92 -52.58
N ALA D 746 29.28 -21.13 -53.17
CA ALA D 746 30.31 -20.10 -53.21
C ALA D 746 29.96 -19.06 -54.25
N PHE D 747 29.99 -17.79 -53.86
CA PHE D 747 29.66 -16.69 -54.75
C PHE D 747 30.81 -15.70 -54.76
N ASN D 748 31.02 -15.14 -55.96
CA ASN D 748 32.13 -14.19 -56.30
C ASN D 748 31.54 -12.98 -57.03
N SER D 749 32.31 -11.89 -57.11
CA SER D 749 31.87 -10.62 -57.70
C SER D 749 31.24 -10.79 -59.07
N THR D 750 31.63 -11.82 -59.82
CA THR D 750 31.02 -12.05 -61.11
C THR D 750 29.83 -12.99 -61.07
N GLY D 751 29.55 -13.62 -59.94
CA GLY D 751 28.34 -14.40 -59.83
C GLY D 751 28.52 -15.58 -58.90
N ILE D 752 27.66 -16.58 -59.09
CA ILE D 752 27.55 -17.73 -58.22
C ILE D 752 28.17 -18.93 -58.90
N ILE D 753 29.07 -19.61 -58.21
CA ILE D 753 29.76 -20.78 -58.73
C ILE D 753 29.05 -22.03 -58.22
N ASN D 754 28.61 -22.89 -59.14
CA ASN D 754 28.13 -24.21 -58.76
C ASN D 754 29.00 -25.27 -59.43
N ILE D 762 30.56 -23.56 -63.69
CA ILE D 762 29.59 -22.68 -64.32
C ILE D 762 29.35 -21.47 -63.40
N LEU D 763 28.95 -20.33 -63.97
CA LEU D 763 28.69 -19.12 -63.21
C LEU D 763 27.32 -18.55 -63.57
N ASP D 764 26.54 -18.17 -62.55
CA ASP D 764 25.23 -17.58 -62.75
C ASP D 764 25.34 -16.05 -62.73
N THR D 765 24.96 -15.43 -63.84
CA THR D 765 24.94 -13.99 -64.01
C THR D 765 23.51 -13.50 -63.69
N THR D 766 23.16 -12.27 -64.08
CA THR D 766 21.89 -11.53 -64.00
C THR D 766 21.62 -10.97 -62.60
N ASN D 767 22.54 -11.15 -61.66
CA ASN D 767 22.45 -10.45 -60.38
C ASN D 767 23.80 -9.89 -59.95
N SER D 768 24.81 -9.92 -60.83
CA SER D 768 26.18 -9.59 -60.43
C SER D 768 26.33 -8.12 -60.09
N TYR D 769 25.58 -7.25 -60.78
CA TYR D 769 25.66 -5.82 -60.50
C TYR D 769 25.11 -5.49 -59.11
N LEU D 770 24.15 -6.26 -58.63
CA LEU D 770 23.65 -6.05 -57.28
C LEU D 770 24.57 -6.68 -56.24
N ILE D 771 25.08 -7.89 -56.54
CA ILE D 771 25.90 -8.63 -55.59
C ILE D 771 27.22 -7.92 -55.34
N LYS D 772 27.82 -7.35 -56.40
CA LYS D 772 29.10 -6.65 -56.27
C LYS D 772 28.98 -5.40 -55.40
N THR D 773 27.93 -4.61 -55.62
CA THR D 773 27.74 -3.39 -54.83
C THR D 773 27.40 -3.71 -53.38
N CYS D 774 26.63 -4.78 -53.15
CA CYS D 774 26.33 -5.15 -51.77
C CYS D 774 27.56 -5.63 -51.03
N MET D 775 28.43 -6.39 -51.69
CA MET D 775 29.66 -6.83 -51.03
C MET D 775 30.60 -5.66 -50.76
N ILE D 776 30.68 -4.70 -51.68
CA ILE D 776 31.51 -3.52 -51.46
C ILE D 776 30.99 -2.69 -50.29
N LEU D 777 29.67 -2.56 -50.18
CA LEU D 777 29.09 -1.80 -49.06
C LEU D 777 29.34 -2.48 -47.73
N VAL D 778 29.23 -3.81 -47.67
CA VAL D 778 29.47 -4.51 -46.41
C VAL D 778 30.95 -4.42 -46.01
N PHE D 779 31.85 -4.53 -46.99
CA PHE D 779 33.28 -4.44 -46.71
C PHE D 779 33.67 -3.06 -46.20
N LEU D 780 33.18 -2.01 -46.85
CA LEU D 780 33.49 -0.65 -46.43
C LEU D 780 32.89 -0.33 -45.06
N SER D 781 31.67 -0.79 -44.80
CA SER D 781 31.06 -0.55 -43.50
C SER D 781 31.83 -1.26 -42.39
N SER D 782 32.35 -2.45 -42.67
CA SER D 782 33.12 -3.17 -41.66
C SER D 782 34.45 -2.49 -41.38
N ILE D 783 35.14 -1.97 -42.41
CA ILE D 783 36.44 -1.35 -42.11
C ILE D 783 36.27 0.01 -41.45
N PHE D 784 35.21 0.76 -41.79
CA PHE D 784 34.96 2.00 -41.04
C PHE D 784 34.54 1.71 -39.61
N GLY D 785 33.85 0.59 -39.38
CA GLY D 785 33.56 0.18 -38.02
C GLY D 785 34.81 -0.17 -37.24
N TYR D 786 35.80 -0.79 -37.91
CA TYR D 786 37.10 -1.02 -37.28
C TYR D 786 37.78 0.29 -36.91
N CYS D 787 37.73 1.28 -37.80
CA CYS D 787 38.39 2.55 -37.52
C CYS D 787 37.75 3.27 -36.35
N LYS D 788 36.42 3.29 -36.30
CA LYS D 788 35.71 3.90 -35.17
C LYS D 788 35.98 3.14 -33.87
N GLU D 789 36.06 1.80 -33.96
CA GLU D 789 36.33 1.01 -32.77
C GLU D 789 37.74 1.22 -32.26
N ALA D 790 38.72 1.36 -33.15
CA ALA D 790 40.09 1.63 -32.72
C ALA D 790 40.23 3.04 -32.16
N GLY D 791 39.45 3.99 -32.69
CA GLY D 791 39.38 5.30 -32.08
C GLY D 791 38.83 5.25 -30.65
N GLN D 792 37.81 4.43 -30.43
CA GLN D 792 37.29 4.27 -29.08
C GLN D 792 38.27 3.49 -28.19
N ILE D 793 39.11 2.62 -28.78
CA ILE D 793 40.17 1.95 -28.02
C ILE D 793 41.17 2.96 -27.50
N PHE D 794 41.69 3.82 -28.39
CA PHE D 794 42.67 4.80 -27.95
C PHE D 794 42.06 5.97 -27.18
N GLN D 795 40.73 6.10 -27.17
CA GLN D 795 40.10 7.15 -26.38
C GLN D 795 39.71 6.68 -24.98
N GLN D 796 38.98 5.56 -24.88
CA GLN D 796 38.33 5.19 -23.61
C GLN D 796 39.32 4.65 -22.58
N LYS D 797 40.42 4.01 -23.04
CA LYS D 797 41.54 3.56 -22.21
C LYS D 797 41.09 2.56 -21.13
N ARG D 798 40.67 1.39 -21.61
CA ARG D 798 40.43 0.17 -20.85
C ARG D 798 39.26 0.26 -19.87
N ASN D 799 38.42 1.28 -19.98
CA ASN D 799 37.16 1.30 -19.24
C ASN D 799 36.03 0.61 -19.99
N TYR D 800 36.25 0.30 -21.26
CA TYR D 800 35.25 -0.31 -22.13
C TYR D 800 35.31 -1.83 -22.16
N PHE D 801 36.17 -2.44 -21.35
CA PHE D 801 36.34 -3.89 -21.40
C PHE D 801 35.11 -4.62 -20.87
N MET D 802 34.47 -4.06 -19.84
CA MET D 802 33.27 -4.66 -19.28
C MET D 802 32.02 -4.11 -19.99
N ASP D 803 31.94 -4.39 -21.28
CA ASP D 803 30.85 -3.91 -22.12
C ASP D 803 30.55 -4.96 -23.17
N ILE D 804 29.27 -5.28 -23.33
CA ILE D 804 28.92 -6.33 -24.28
C ILE D 804 28.71 -5.74 -25.67
N SER D 805 28.39 -4.45 -25.77
CA SER D 805 28.12 -3.85 -27.07
C SER D 805 29.38 -3.77 -27.93
N ASN D 806 30.52 -3.50 -27.30
CA ASN D 806 31.80 -3.53 -28.01
C ASN D 806 32.10 -4.92 -28.53
N VAL D 807 31.81 -5.95 -27.73
CA VAL D 807 32.10 -7.33 -28.11
C VAL D 807 31.21 -7.76 -29.27
N LEU D 808 29.94 -7.36 -29.24
CA LEU D 808 29.03 -7.64 -30.35
C LEU D 808 29.50 -6.94 -31.62
N GLU D 809 30.04 -5.73 -31.49
CA GLU D 809 30.55 -5.04 -32.67
C GLU D 809 31.80 -5.72 -33.22
N TRP D 810 32.67 -6.22 -32.35
CA TRP D 810 33.84 -6.97 -32.82
C TRP D 810 33.42 -8.21 -33.60
N ILE D 811 32.46 -8.97 -33.06
CA ILE D 811 32.00 -10.20 -33.71
C ILE D 811 31.37 -9.89 -35.06
N ILE D 812 30.50 -8.88 -35.09
CA ILE D 812 29.83 -8.47 -36.33
C ILE D 812 30.84 -8.05 -37.39
N TYR D 813 31.83 -7.24 -37.01
CA TYR D 813 32.75 -6.69 -37.99
C TYR D 813 33.68 -7.75 -38.55
N THR D 814 34.25 -8.60 -37.68
CA THR D 814 35.14 -9.65 -38.16
C THR D 814 34.40 -10.67 -39.02
N THR D 815 33.18 -11.03 -38.60
CA THR D 815 32.48 -12.10 -39.29
C THR D 815 31.93 -11.60 -40.63
N GLY D 816 31.51 -10.34 -40.69
CA GLY D 816 31.11 -9.75 -41.96
C GLY D 816 32.27 -9.51 -42.89
N ILE D 817 33.49 -9.30 -42.35
CA ILE D 817 34.67 -9.30 -43.20
C ILE D 817 34.87 -10.67 -43.85
N ILE D 818 34.80 -11.73 -43.04
CA ILE D 818 35.10 -13.06 -43.57
C ILE D 818 34.03 -13.53 -44.55
N PHE D 819 32.78 -13.07 -44.38
CA PHE D 819 31.73 -13.45 -45.32
C PHE D 819 31.90 -12.81 -46.70
N VAL D 820 32.68 -11.75 -46.82
CA VAL D 820 32.75 -10.97 -48.05
C VAL D 820 34.08 -11.16 -48.80
N LEU D 821 35.15 -11.58 -48.11
CA LEU D 821 36.51 -11.74 -48.63
C LEU D 821 36.76 -12.45 -49.98
N PRO D 822 35.88 -13.36 -50.49
CA PRO D 822 36.10 -13.84 -51.88
C PRO D 822 36.16 -12.82 -53.01
N LEU D 823 35.91 -11.54 -52.77
CA LEU D 823 36.25 -10.58 -53.81
C LEU D 823 37.74 -10.22 -53.78
N PHE D 824 38.51 -10.68 -52.79
CA PHE D 824 39.96 -10.62 -52.85
C PHE D 824 40.60 -11.99 -52.87
N VAL D 825 40.32 -12.84 -51.87
CA VAL D 825 41.03 -14.11 -51.67
C VAL D 825 40.01 -15.22 -51.69
N GLU D 826 40.29 -16.27 -52.46
CA GLU D 826 39.35 -17.39 -52.58
C GLU D 826 39.30 -18.19 -51.28
N ILE D 827 38.08 -18.47 -50.82
CA ILE D 827 37.81 -19.15 -49.55
C ILE D 827 36.81 -20.27 -49.83
N PRO D 828 36.94 -21.44 -49.19
CA PRO D 828 35.92 -22.48 -49.35
C PRO D 828 34.55 -22.03 -48.83
N ALA D 829 33.50 -22.52 -49.48
CA ALA D 829 32.14 -22.04 -49.23
C ALA D 829 31.63 -22.42 -47.86
N HIS D 830 32.19 -23.46 -47.25
CA HIS D 830 31.74 -23.91 -45.94
C HIS D 830 32.03 -22.86 -44.88
N LEU D 831 33.27 -22.35 -44.85
CA LEU D 831 33.64 -21.27 -43.94
C LEU D 831 32.86 -20.00 -44.23
N GLN D 832 32.58 -19.74 -45.52
CA GLN D 832 31.88 -18.52 -45.91
C GLN D 832 30.46 -18.50 -45.39
N TRP D 833 29.72 -19.59 -45.55
CA TRP D 833 28.36 -19.59 -45.03
C TRP D 833 28.31 -19.78 -43.53
N GLN D 834 29.32 -20.45 -42.95
CA GLN D 834 29.44 -20.53 -41.51
C GLN D 834 29.61 -19.14 -40.89
N CYS D 835 30.34 -18.25 -41.55
CA CYS D 835 30.44 -16.89 -41.04
C CYS D 835 29.20 -16.07 -41.35
N GLY D 836 28.57 -16.30 -42.51
CA GLY D 836 27.38 -15.55 -42.85
C GLY D 836 26.22 -15.79 -41.90
N ALA D 837 26.13 -17.02 -41.37
CA ALA D 837 25.08 -17.33 -40.40
C ALA D 837 25.25 -16.53 -39.12
N ILE D 838 26.47 -16.49 -38.58
CA ILE D 838 26.75 -15.80 -37.33
C ILE D 838 26.59 -14.30 -37.51
N ALA D 839 26.98 -13.79 -38.69
CA ALA D 839 26.84 -12.37 -38.95
C ALA D 839 25.38 -11.94 -39.06
N VAL D 840 24.56 -12.72 -39.76
CA VAL D 840 23.17 -12.31 -39.93
C VAL D 840 22.39 -12.49 -38.62
N TYR D 841 22.83 -13.41 -37.77
CA TYR D 841 22.25 -13.47 -36.43
C TYR D 841 22.60 -12.23 -35.62
N PHE D 842 23.89 -11.90 -35.51
CA PHE D 842 24.25 -10.84 -34.59
C PHE D 842 23.96 -9.43 -35.10
N TYR D 843 23.81 -9.20 -36.41
CA TYR D 843 23.38 -7.88 -36.87
C TYR D 843 22.00 -7.51 -36.33
N TRP D 844 21.00 -8.36 -36.57
CA TRP D 844 19.67 -8.06 -36.08
C TRP D 844 19.55 -8.24 -34.57
N MET D 845 20.44 -9.02 -33.95
CA MET D 845 20.41 -9.08 -32.50
C MET D 845 20.96 -7.80 -31.89
N ASN D 846 21.99 -7.23 -32.49
CA ASN D 846 22.57 -5.98 -32.00
C ASN D 846 21.65 -4.80 -32.29
N PHE D 847 20.83 -4.89 -33.34
CA PHE D 847 19.98 -3.77 -33.73
C PHE D 847 18.88 -3.46 -32.71
N LEU D 848 18.63 -4.35 -31.76
CA LEU D 848 17.70 -4.03 -30.68
C LEU D 848 18.26 -2.97 -29.75
N LEU D 849 19.58 -2.90 -29.62
CA LEU D 849 20.17 -1.94 -28.68
C LEU D 849 20.10 -0.50 -29.18
N TYR D 850 19.80 -0.28 -30.45
CA TYR D 850 19.62 1.07 -30.95
C TYR D 850 18.19 1.55 -30.78
N LEU D 851 17.26 0.67 -30.44
CA LEU D 851 15.89 1.09 -30.16
C LEU D 851 15.73 1.60 -28.74
N GLN D 852 16.78 1.53 -27.92
CA GLN D 852 16.70 2.01 -26.56
C GLN D 852 16.65 3.53 -26.50
N ARG D 853 17.13 4.20 -27.55
CA ARG D 853 17.13 5.66 -27.58
C ARG D 853 15.76 6.25 -27.87
N PHE D 854 14.85 5.48 -28.45
CA PHE D 854 13.51 5.97 -28.69
C PHE D 854 12.70 5.97 -27.40
N GLU D 855 11.55 6.64 -27.43
CA GLU D 855 10.69 6.69 -26.25
C GLU D 855 9.64 5.59 -26.25
N ASN D 856 9.16 5.18 -27.42
CA ASN D 856 8.07 4.23 -27.48
C ASN D 856 8.54 2.78 -27.38
N CYS D 857 9.84 2.54 -27.25
CA CYS D 857 10.34 1.18 -27.39
C CYS D 857 11.25 0.77 -26.23
N GLY D 858 11.98 1.72 -25.65
CA GLY D 858 13.09 1.41 -24.76
C GLY D 858 12.69 0.75 -23.45
N ILE D 859 11.44 0.92 -23.04
CA ILE D 859 11.00 0.29 -21.80
C ILE D 859 10.92 -1.22 -21.95
N PHE D 860 10.64 -1.70 -23.17
CA PHE D 860 10.62 -3.14 -23.41
C PHE D 860 12.02 -3.71 -23.37
N ILE D 861 12.99 -2.96 -23.89
CA ILE D 861 14.38 -3.40 -23.87
C ILE D 861 14.90 -3.44 -22.44
N VAL D 862 14.52 -2.47 -21.60
CA VAL D 862 15.04 -2.51 -20.24
C VAL D 862 14.34 -3.61 -19.41
N MET D 863 13.07 -3.90 -19.70
CA MET D 863 12.42 -5.03 -19.02
C MET D 863 13.03 -6.36 -19.44
N LEU D 864 13.37 -6.49 -20.72
CA LEU D 864 14.01 -7.69 -21.23
C LEU D 864 15.40 -7.87 -20.61
N GLU D 865 16.10 -6.76 -20.40
CA GLU D 865 17.39 -6.77 -19.73
C GLU D 865 17.28 -7.29 -18.30
N VAL D 866 16.27 -6.82 -17.56
CA VAL D 866 16.09 -7.23 -16.17
C VAL D 866 15.76 -8.72 -16.07
N ILE D 867 14.85 -9.20 -16.92
CA ILE D 867 14.47 -10.61 -16.90
C ILE D 867 15.64 -11.50 -17.29
N LEU D 868 16.44 -11.05 -18.25
CA LEU D 868 17.56 -11.86 -18.71
C LEU D 868 18.67 -11.94 -17.65
N LYS D 869 18.89 -10.85 -16.89
CA LYS D 869 19.86 -10.91 -15.82
C LYS D 869 19.41 -11.84 -14.69
N THR D 870 18.10 -11.87 -14.41
CA THR D 870 17.63 -12.78 -13.37
C THR D 870 17.75 -14.24 -13.82
N LEU D 871 17.57 -14.49 -15.11
CA LEU D 871 17.78 -15.85 -15.64
C LEU D 871 19.24 -16.25 -15.51
N LEU D 872 20.16 -15.32 -15.79
CA LEU D 872 21.58 -15.57 -15.57
C LEU D 872 21.92 -15.81 -14.11
N ARG D 873 21.14 -15.27 -13.19
CA ARG D 873 21.38 -15.65 -11.79
C ARG D 873 20.87 -17.03 -11.47
N SER D 874 19.80 -17.50 -12.12
CA SER D 874 19.28 -18.84 -11.82
C SER D 874 19.97 -19.98 -12.60
N THR D 875 20.91 -19.64 -13.49
CA THR D 875 21.51 -20.66 -14.36
C THR D 875 22.25 -21.78 -13.61
N VAL D 876 22.73 -21.57 -12.39
CA VAL D 876 23.48 -22.64 -11.74
C VAL D 876 22.54 -23.72 -11.20
N VAL D 877 21.38 -23.30 -10.68
CA VAL D 877 20.35 -24.25 -10.28
C VAL D 877 19.81 -25.00 -11.49
N PHE D 878 19.69 -24.30 -12.62
CA PHE D 878 19.35 -24.94 -13.89
C PHE D 878 20.35 -26.05 -14.23
N ILE D 879 21.65 -25.73 -14.16
CA ILE D 879 22.69 -26.68 -14.58
C ILE D 879 22.68 -27.92 -13.70
N PHE D 880 22.58 -27.75 -12.38
CA PHE D 880 22.68 -28.91 -11.50
C PHE D 880 21.45 -29.79 -11.58
N LEU D 881 20.25 -29.19 -11.58
CA LEU D 881 19.03 -29.98 -11.65
C LEU D 881 18.90 -30.70 -12.99
N LEU D 882 19.25 -30.01 -14.08
CA LEU D 882 19.19 -30.59 -15.40
C LEU D 882 20.23 -31.67 -15.59
N LEU D 883 21.40 -31.55 -14.96
CA LEU D 883 22.42 -32.58 -15.11
C LEU D 883 22.03 -33.83 -14.34
N ALA D 884 21.37 -33.66 -13.18
CA ALA D 884 20.80 -34.78 -12.44
C ALA D 884 19.83 -35.59 -13.30
N PHE D 885 18.81 -34.92 -13.84
CA PHE D 885 17.82 -35.65 -14.63
C PHE D 885 18.41 -36.19 -15.92
N GLY D 886 19.38 -35.50 -16.51
CA GLY D 886 19.97 -35.99 -17.75
C GLY D 886 20.78 -37.26 -17.57
N LEU D 887 21.60 -37.33 -16.52
CA LEU D 887 22.37 -38.56 -16.33
C LEU D 887 21.49 -39.70 -15.83
N SER D 888 20.41 -39.39 -15.10
CA SER D 888 19.47 -40.44 -14.71
C SER D 888 18.77 -41.04 -15.93
N PHE D 889 18.30 -40.20 -16.86
CA PHE D 889 17.69 -40.75 -18.07
C PHE D 889 18.71 -41.41 -18.98
N TYR D 890 19.98 -41.00 -18.92
CA TYR D 890 21.00 -41.68 -19.69
C TYR D 890 21.21 -43.11 -19.20
N ILE D 891 21.16 -43.31 -17.89
CA ILE D 891 21.32 -44.67 -17.39
C ILE D 891 20.07 -45.50 -17.64
N LEU D 892 18.89 -44.91 -17.45
CA LEU D 892 17.65 -45.69 -17.56
C LEU D 892 17.32 -46.07 -19.00
N LEU D 893 17.42 -45.14 -19.92
CA LEU D 893 16.85 -45.29 -21.26
C LEU D 893 17.93 -45.41 -22.32
N ASN D 894 18.95 -46.23 -22.05
CA ASN D 894 20.14 -46.26 -22.90
C ASN D 894 19.86 -46.83 -24.28
N LEU D 895 18.91 -47.75 -24.40
CA LEU D 895 18.71 -48.43 -25.67
C LEU D 895 18.05 -47.58 -26.74
N GLN D 896 17.53 -46.41 -26.39
CA GLN D 896 16.85 -45.57 -27.35
C GLN D 896 17.82 -44.59 -27.98
N ASP D 897 17.50 -44.16 -29.20
CA ASP D 897 18.36 -43.22 -29.91
C ASP D 897 18.51 -41.83 -29.29
N PRO D 898 17.51 -41.18 -28.68
CA PRO D 898 17.78 -39.86 -28.08
C PRO D 898 18.64 -39.90 -26.85
N PHE D 899 18.86 -41.06 -26.23
CA PHE D 899 19.64 -41.14 -25.01
C PHE D 899 20.87 -42.01 -25.22
N SER D 900 21.43 -42.01 -26.42
CA SER D 900 22.57 -42.86 -26.72
C SER D 900 23.84 -42.35 -26.03
N SER D 901 24.10 -41.07 -26.15
CA SER D 901 25.25 -40.39 -25.56
C SER D 901 24.80 -39.59 -24.34
N PRO D 902 25.71 -39.25 -23.43
CA PRO D 902 25.30 -38.42 -22.29
C PRO D 902 24.99 -36.99 -22.67
N LEU D 903 25.74 -36.41 -23.60
CA LEU D 903 25.49 -35.03 -23.99
C LEU D 903 24.17 -34.90 -24.75
N LEU D 904 23.86 -35.90 -25.58
CA LEU D 904 22.56 -35.95 -26.24
C LEU D 904 21.42 -36.11 -25.24
N SER D 905 21.67 -36.84 -24.16
CA SER D 905 20.66 -36.98 -23.11
C SER D 905 20.42 -35.67 -22.38
N ILE D 906 21.49 -34.91 -22.16
CA ILE D 906 21.36 -33.61 -21.51
C ILE D 906 20.58 -32.64 -22.39
N ILE D 907 20.87 -32.62 -23.69
CA ILE D 907 20.13 -31.75 -24.61
C ILE D 907 18.68 -32.20 -24.74
N GLN D 908 18.42 -33.51 -24.67
CA GLN D 908 17.05 -34.00 -24.72
C GLN D 908 16.25 -33.58 -23.50
N THR D 909 16.84 -33.66 -22.30
CA THR D 909 16.11 -33.18 -21.12
C THR D 909 15.90 -31.68 -21.13
N PHE D 910 16.86 -30.93 -21.67
CA PHE D 910 16.66 -29.50 -21.83
C PHE D 910 15.52 -29.20 -22.80
N SER D 911 15.35 -30.03 -23.83
CA SER D 911 14.21 -29.82 -24.71
C SER D 911 12.91 -30.28 -24.06
N MET D 912 12.97 -31.28 -23.19
CA MET D 912 11.79 -31.75 -22.46
C MET D 912 11.35 -30.79 -21.38
N MET D 913 12.18 -29.80 -21.04
CA MET D 913 11.86 -28.82 -20.00
C MET D 913 10.51 -28.12 -20.19
N LEU D 914 10.17 -27.78 -21.42
CA LEU D 914 8.96 -26.99 -21.65
C LEU D 914 7.68 -27.81 -21.57
N GLY D 915 7.75 -29.12 -21.62
CA GLY D 915 6.54 -29.92 -21.51
C GLY D 915 6.33 -30.86 -22.66
N ASP D 916 7.33 -30.97 -23.54
CA ASP D 916 7.27 -31.91 -24.65
C ASP D 916 7.94 -33.21 -24.20
N ILE D 917 7.18 -33.98 -23.42
CA ILE D 917 7.76 -35.12 -22.71
C ILE D 917 7.97 -36.31 -23.65
N ASN D 918 7.12 -36.45 -24.68
CA ASN D 918 7.03 -37.62 -25.55
C ASN D 918 6.79 -38.89 -24.72
N TYR D 919 5.63 -38.90 -24.05
CA TYR D 919 5.27 -40.02 -23.19
C TYR D 919 4.98 -41.27 -24.00
N ARG D 920 4.18 -41.15 -25.06
CA ARG D 920 3.78 -42.33 -25.82
C ARG D 920 4.96 -42.94 -26.57
N GLU D 921 5.84 -42.11 -27.09
CA GLU D 921 6.90 -42.62 -27.96
C GLU D 921 8.06 -43.21 -27.17
N SER D 922 8.38 -42.66 -26.00
CA SER D 922 9.58 -43.07 -25.28
C SER D 922 9.32 -43.91 -24.04
N PHE D 923 8.11 -43.89 -23.50
CA PHE D 923 7.83 -44.60 -22.26
C PHE D 923 6.82 -45.71 -22.42
N LEU D 924 5.69 -45.44 -23.07
CA LEU D 924 4.61 -46.42 -23.11
C LEU D 924 4.85 -47.51 -24.13
N GLU D 925 5.08 -47.12 -25.38
CA GLU D 925 5.30 -48.10 -26.44
C GLU D 925 6.56 -48.95 -26.28
N PRO D 926 7.67 -48.50 -25.69
CA PRO D 926 8.68 -49.49 -25.30
C PRO D 926 8.24 -50.39 -24.16
N TYR D 927 7.34 -49.94 -23.29
CA TYR D 927 6.92 -50.77 -22.18
C TYR D 927 6.00 -51.89 -22.66
N LEU D 928 5.15 -51.62 -23.64
CA LEU D 928 4.25 -52.66 -24.12
C LEU D 928 4.93 -53.66 -25.05
N ARG D 929 6.20 -53.46 -25.38
CA ARG D 929 6.96 -54.41 -26.17
C ARG D 929 8.09 -55.06 -25.38
N ASN D 930 8.10 -54.89 -24.07
CA ASN D 930 9.12 -55.41 -23.15
C ASN D 930 10.51 -54.93 -23.53
N GLU D 931 10.61 -53.66 -23.91
CA GLU D 931 11.88 -53.07 -24.33
C GLU D 931 12.46 -52.13 -23.29
N LEU D 932 11.88 -52.08 -22.10
CA LEU D 932 12.40 -51.26 -21.00
C LEU D 932 13.06 -52.15 -19.97
N ALA D 933 14.36 -51.99 -19.78
CA ALA D 933 14.96 -52.43 -18.54
C ALA D 933 14.59 -51.44 -17.45
N HIS D 934 14.30 -51.96 -16.27
CA HIS D 934 13.86 -51.25 -15.07
C HIS D 934 12.60 -50.41 -15.35
N PRO D 935 11.42 -51.02 -15.50
CA PRO D 935 10.25 -50.21 -15.87
C PRO D 935 9.68 -49.38 -14.72
N VAL D 936 9.68 -49.92 -13.50
CA VAL D 936 9.09 -49.22 -12.37
C VAL D 936 9.91 -47.98 -12.03
N LEU D 937 11.24 -48.13 -12.03
CA LEU D 937 12.16 -47.02 -11.82
C LEU D 937 12.01 -45.98 -12.92
N SER D 938 11.70 -46.42 -14.13
CA SER D 938 11.54 -45.50 -15.25
C SER D 938 10.28 -44.65 -15.11
N PHE D 939 9.15 -45.28 -14.75
CA PHE D 939 7.94 -44.49 -14.55
C PHE D 939 8.03 -43.58 -13.34
N ALA D 940 8.74 -44.01 -12.29
CA ALA D 940 8.93 -43.14 -11.13
C ALA D 940 9.80 -41.94 -11.49
N GLN D 941 10.82 -42.15 -12.33
CA GLN D 941 11.62 -41.04 -12.82
C GLN D 941 10.81 -40.09 -13.69
N LEU D 942 9.87 -40.65 -14.47
CA LEU D 942 9.00 -39.83 -15.31
C LEU D 942 8.12 -38.91 -14.48
N VAL D 943 7.45 -39.46 -13.45
CA VAL D 943 6.56 -38.63 -12.64
C VAL D 943 7.35 -37.63 -11.80
N SER D 944 8.57 -37.99 -11.36
CA SER D 944 9.38 -37.04 -10.62
C SER D 944 9.86 -35.89 -11.50
N PHE D 945 10.25 -36.20 -12.74
CA PHE D 945 10.65 -35.15 -13.66
C PHE D 945 9.49 -34.24 -14.02
N THR D 946 8.29 -34.81 -14.19
CA THR D 946 7.15 -33.99 -14.53
C THR D 946 6.76 -33.07 -13.38
N ILE D 947 6.95 -33.52 -12.14
CA ILE D 947 6.63 -32.66 -11.01
C ILE D 947 7.66 -31.55 -10.85
N PHE D 948 8.96 -31.88 -10.93
CA PHE D 948 9.97 -30.86 -10.61
C PHE D 948 10.10 -29.80 -11.71
N VAL D 949 10.49 -30.20 -12.92
CA VAL D 949 10.96 -29.21 -13.88
C VAL D 949 9.85 -28.43 -14.58
N PRO D 950 8.84 -29.02 -15.25
CA PRO D 950 7.87 -28.15 -15.94
C PRO D 950 6.87 -27.49 -15.03
N ILE D 951 6.64 -28.01 -13.82
CA ILE D 951 5.66 -27.41 -12.93
C ILE D 951 6.32 -26.37 -12.05
N VAL D 952 7.28 -26.79 -11.24
CA VAL D 952 7.79 -25.93 -10.18
C VAL D 952 8.72 -24.86 -10.74
N LEU D 953 9.69 -25.26 -11.56
CA LEU D 953 10.74 -24.36 -12.00
C LEU D 953 10.21 -23.30 -12.95
N MET D 954 9.29 -23.69 -13.84
CA MET D 954 8.70 -22.73 -14.76
C MET D 954 7.84 -21.71 -14.04
N ASN D 955 7.10 -22.16 -13.02
CA ASN D 955 6.30 -21.21 -12.24
C ASN D 955 7.18 -20.30 -11.40
N LEU D 956 8.36 -20.79 -11.00
CA LEU D 956 9.32 -19.93 -10.32
C LEU D 956 9.81 -18.83 -11.24
N LEU D 957 10.10 -19.18 -12.50
CA LEU D 957 10.53 -18.16 -13.46
C LEU D 957 9.42 -17.17 -13.77
N ILE D 958 8.17 -17.65 -13.81
CA ILE D 958 7.03 -16.76 -14.05
C ILE D 958 6.84 -15.77 -12.91
N GLY D 959 6.96 -16.25 -11.66
CA GLY D 959 6.82 -15.35 -10.52
C GLY D 959 7.92 -14.32 -10.44
N LEU D 960 9.16 -14.72 -10.74
CA LEU D 960 10.27 -13.77 -10.80
C LEU D 960 10.06 -12.72 -11.88
N ALA D 961 9.55 -13.12 -13.04
CA ALA D 961 9.31 -12.18 -14.12
C ALA D 961 8.21 -11.19 -13.78
N VAL D 962 7.15 -11.66 -13.12
CA VAL D 962 6.05 -10.78 -12.72
C VAL D 962 6.52 -9.74 -11.71
N GLY D 963 7.33 -10.18 -10.74
CA GLY D 963 7.86 -9.23 -9.76
C GLY D 963 8.78 -8.20 -10.37
N ASP D 964 9.65 -8.62 -11.29
CA ASP D 964 10.58 -7.69 -11.91
C ASP D 964 9.87 -6.68 -12.82
N ILE D 965 8.85 -7.13 -13.55
CA ILE D 965 8.13 -6.21 -14.43
C ILE D 965 7.32 -5.22 -13.63
N ALA D 966 6.73 -5.64 -12.51
CA ALA D 966 6.03 -4.69 -11.65
C ALA D 966 6.98 -3.67 -11.05
N GLU D 967 8.19 -4.10 -10.71
CA GLU D 967 9.17 -3.18 -10.18
C GLU D 967 9.60 -2.17 -11.24
N VAL D 968 9.75 -2.60 -12.49
CA VAL D 968 10.15 -1.66 -13.53
C VAL D 968 9.03 -0.68 -13.83
N GLN D 969 7.80 -1.16 -14.00
CA GLN D 969 6.69 -0.27 -14.31
C GLN D 969 6.24 0.58 -13.14
N LYS D 970 6.78 0.37 -11.95
CA LYS D 970 6.56 1.34 -10.87
C LYS D 970 7.17 2.70 -11.21
N HIS D 971 8.26 2.74 -11.96
CA HIS D 971 9.00 3.97 -12.22
C HIS D 971 9.27 4.13 -13.72
N ALA D 972 8.25 3.97 -14.54
CA ALA D 972 8.46 4.00 -15.98
C ALA D 972 8.55 5.43 -16.51
N SER D 973 7.61 6.28 -16.09
CA SER D 973 7.48 7.61 -16.65
C SER D 973 8.66 8.50 -16.29
N LEU D 974 9.28 8.26 -15.14
CA LEU D 974 10.51 8.98 -14.83
C LEU D 974 11.68 8.42 -15.63
N LYS D 975 11.68 7.11 -15.88
CA LYS D 975 12.81 6.47 -16.55
C LYS D 975 12.91 6.91 -18.01
N ARG D 976 11.76 7.13 -18.65
CA ARG D 976 11.75 7.57 -20.04
C ARG D 976 12.38 8.96 -20.20
N ILE D 977 11.96 9.90 -19.36
CA ILE D 977 12.47 11.26 -19.48
C ILE D 977 13.90 11.33 -19.00
N ALA D 978 14.27 10.46 -18.06
CA ALA D 978 15.65 10.38 -17.62
C ALA D 978 16.57 9.90 -18.74
N MET D 979 16.11 8.90 -19.52
CA MET D 979 16.92 8.44 -20.65
C MET D 979 17.04 9.52 -21.72
N GLN D 980 15.97 10.27 -21.96
CA GLN D 980 16.03 11.34 -22.96
C GLN D 980 16.99 12.46 -22.53
N VAL D 981 16.90 12.89 -21.28
CA VAL D 981 17.74 14.00 -20.84
C VAL D 981 19.19 13.53 -20.71
N GLU D 982 19.42 12.24 -20.41
CA GLU D 982 20.78 11.73 -20.37
C GLU D 982 21.38 11.65 -21.76
N LEU D 983 20.57 11.29 -22.74
CA LEU D 983 21.02 11.25 -24.13
C LEU D 983 21.42 12.64 -24.61
N HIS D 984 20.60 13.65 -24.31
CA HIS D 984 20.95 15.00 -24.75
C HIS D 984 22.14 15.57 -24.00
N THR D 985 22.22 15.36 -22.68
CA THR D 985 23.35 15.93 -21.94
C THR D 985 24.64 15.17 -22.18
N SER D 986 24.58 13.94 -22.72
CA SER D 986 25.80 13.28 -23.12
C SER D 986 26.20 13.65 -24.53
N LEU D 987 25.23 13.96 -25.38
CA LEU D 987 25.57 14.35 -26.74
C LEU D 987 26.10 15.78 -26.79
N GLU D 988 25.65 16.64 -25.88
CA GLU D 988 26.00 18.05 -25.95
C GLU D 988 27.43 18.32 -25.52
N LYS D 989 28.04 17.42 -24.74
CA LYS D 989 29.40 17.65 -24.25
C LYS D 989 30.47 17.51 -25.32
N LYS D 990 30.13 16.98 -26.49
CA LYS D 990 31.12 16.75 -27.53
C LYS D 990 31.08 17.77 -28.65
N LEU D 991 29.98 18.47 -28.81
CA LEU D 991 29.85 19.42 -29.90
C LEU D 991 30.64 20.69 -29.61
N PRO D 992 31.14 21.37 -30.64
CA PRO D 992 31.87 22.62 -30.42
C PRO D 992 30.94 23.76 -30.00
N LEU D 993 31.54 24.75 -29.33
CA LEU D 993 30.78 25.78 -28.65
C LEU D 993 30.11 26.75 -29.62
N TRP D 994 30.75 27.03 -30.76
CA TRP D 994 30.15 27.93 -31.74
C TRP D 994 28.91 27.31 -32.37
N PHE D 995 28.90 25.98 -32.54
CA PHE D 995 27.71 25.32 -33.04
C PHE D 995 26.57 25.39 -32.04
N LEU D 996 26.91 25.30 -30.74
CA LEU D 996 25.91 25.49 -29.70
C LEU D 996 25.33 26.90 -29.72
N ARG D 997 26.20 27.91 -29.90
CA ARG D 997 25.73 29.28 -29.96
C ARG D 997 24.89 29.52 -31.21
N LYS D 998 25.16 28.79 -32.27
CA LYS D 998 24.42 28.98 -33.51
C LYS D 998 23.14 28.17 -33.64
N VAL D 999 22.97 27.13 -32.85
CA VAL D 999 21.77 26.32 -33.01
C VAL D 999 20.73 26.54 -31.91
N ASP D 1000 21.12 27.07 -30.75
CA ASP D 1000 20.17 27.12 -29.65
C ASP D 1000 19.20 28.28 -29.81
N GLN D 1001 18.23 28.33 -28.89
CA GLN D 1001 17.22 29.37 -28.85
C GLN D 1001 16.97 29.71 -27.40
N LYS D 1002 16.11 30.71 -27.19
CA LYS D 1002 15.73 31.11 -25.84
C LYS D 1002 14.24 31.17 -25.62
N SER D 1003 13.44 31.15 -26.69
CA SER D 1003 11.99 31.20 -26.55
C SER D 1003 11.36 30.52 -27.75
N THR D 1004 10.18 29.95 -27.53
CA THR D 1004 9.40 29.35 -28.60
C THR D 1004 8.01 29.96 -28.63
N ILE D 1005 7.40 29.96 -29.81
CA ILE D 1005 6.07 30.51 -30.03
C ILE D 1005 5.22 29.43 -30.65
N VAL D 1006 4.09 29.11 -30.02
CA VAL D 1006 3.21 28.03 -30.46
C VAL D 1006 1.85 28.61 -30.80
N TYR D 1007 1.37 28.30 -32.01
CA TYR D 1007 0.01 28.63 -32.42
C TYR D 1007 -0.85 27.39 -32.27
N PRO D 1008 -1.72 27.31 -31.26
CA PRO D 1008 -2.53 26.10 -31.10
C PRO D 1008 -3.63 25.96 -32.13
N ASN D 1009 -4.10 27.08 -32.70
CA ASN D 1009 -5.18 27.01 -33.68
C ASN D 1009 -4.68 26.51 -35.03
N LYS D 1010 -3.52 26.96 -35.46
CA LYS D 1010 -2.98 26.54 -36.75
C LYS D 1010 -2.38 25.14 -36.62
N PRO D 1011 -2.77 24.20 -37.48
CA PRO D 1011 -2.16 22.87 -37.42
C PRO D 1011 -0.72 22.88 -37.91
N ARG D 1012 0.05 21.92 -37.41
CA ARG D 1012 1.44 21.78 -37.81
C ARG D 1012 1.54 21.17 -39.20
N SER D 1013 2.73 21.26 -39.79
CA SER D 1013 2.97 20.74 -41.13
C SER D 1013 3.03 19.21 -41.13
N MET D 1016 0.31 14.71 -43.63
CA MET D 1016 0.92 13.84 -44.63
C MET D 1016 1.99 12.95 -44.01
N LEU D 1017 3.26 13.31 -44.24
CA LEU D 1017 4.36 12.56 -43.64
C LEU D 1017 4.44 12.80 -42.14
N PHE D 1018 4.15 14.04 -41.70
CA PHE D 1018 4.09 14.33 -40.28
C PHE D 1018 2.90 13.64 -39.63
N HIS D 1019 1.79 13.47 -40.36
CA HIS D 1019 0.65 12.73 -39.82
C HIS D 1019 0.97 11.25 -39.68
N ILE D 1020 1.73 10.69 -40.62
CA ILE D 1020 2.14 9.30 -40.52
C ILE D 1020 3.14 9.11 -39.39
N PHE D 1021 4.03 10.09 -39.19
CA PHE D 1021 4.97 10.03 -38.09
C PHE D 1021 4.27 10.17 -36.75
N CYS D 1022 3.20 10.97 -36.68
CA CYS D 1022 2.43 11.08 -35.45
C CYS D 1022 1.60 9.83 -35.20
N PHE D 1023 1.15 9.15 -36.26
CA PHE D 1023 0.44 7.90 -36.09
C PHE D 1023 1.37 6.78 -35.66
N LEU D 1024 2.61 6.77 -36.16
CA LEU D 1024 3.59 5.80 -35.72
C LEU D 1024 4.17 6.11 -34.35
N PHE D 1025 4.14 7.37 -33.93
CA PHE D 1025 4.65 7.78 -32.63
C PHE D 1025 3.59 7.70 -31.53
N CYS D 1026 2.41 7.18 -31.84
CA CYS D 1026 1.35 7.05 -30.84
C CYS D 1026 1.14 5.60 -30.45
N SER D 1040 1.43 10.46 -1.29
CA SER D 1040 1.78 11.84 -0.95
C SER D 1040 1.47 12.13 0.51
N LEU D 1041 1.28 11.07 1.29
CA LEU D 1041 0.94 11.25 2.70
C LEU D 1041 2.13 11.70 3.53
N GLU D 1042 3.34 11.37 3.06
CA GLU D 1042 4.54 11.60 3.86
C GLU D 1042 4.84 13.09 4.04
N MET D 1043 4.72 13.86 2.95
CA MET D 1043 4.93 15.30 3.04
C MET D 1043 3.84 15.97 3.87
N GLU D 1044 2.62 15.42 3.84
CA GLU D 1044 1.54 15.98 4.64
C GLU D 1044 1.77 15.75 6.12
N ILE D 1045 2.22 14.55 6.50
CA ILE D 1045 2.52 14.29 7.90
C ILE D 1045 3.77 15.05 8.34
N LEU D 1046 4.68 15.34 7.41
CA LEU D 1046 5.84 16.16 7.74
C LEU D 1046 5.43 17.61 8.01
N LYS D 1047 4.49 18.14 7.22
CA LYS D 1047 3.97 19.48 7.47
C LYS D 1047 3.19 19.52 8.79
N GLN D 1048 2.46 18.45 9.09
CA GLN D 1048 1.79 18.26 10.38
C GLN D 1048 2.79 18.36 11.53
N LYS D 1049 3.94 17.71 11.38
CA LYS D 1049 4.97 17.72 12.43
C LYS D 1049 5.55 19.11 12.62
N TYR D 1050 5.77 19.83 11.52
CA TYR D 1050 6.29 21.21 11.61
C TYR D 1050 5.32 22.11 12.36
N ARG D 1051 4.03 22.00 12.03
CA ARG D 1051 3.03 22.87 12.66
C ARG D 1051 2.89 22.54 14.15
N LEU D 1052 2.98 21.26 14.50
CA LEU D 1052 2.87 20.90 15.92
C LEU D 1052 4.09 21.36 16.72
N LYS D 1053 5.27 21.34 16.10
CA LYS D 1053 6.47 21.84 16.78
C LYS D 1053 6.39 23.35 17.04
N ASP D 1054 5.89 24.11 16.06
CA ASP D 1054 5.68 25.54 16.27
C ASP D 1054 4.67 25.79 17.37
N LEU D 1055 3.63 24.94 17.43
CA LEU D 1055 2.59 25.07 18.44
C LEU D 1055 3.15 24.88 19.85
N THR D 1056 3.99 23.86 20.04
CA THR D 1056 4.50 23.62 21.40
C THR D 1056 5.52 24.66 21.81
N PHE D 1057 6.24 25.26 20.86
CA PHE D 1057 7.14 26.37 21.19
C PHE D 1057 6.37 27.58 21.72
N LEU D 1058 5.27 27.93 21.02
CA LEU D 1058 4.49 29.09 21.46
C LEU D 1058 3.81 28.83 22.79
N LEU D 1059 3.38 27.59 23.04
CA LEU D 1059 2.74 27.29 24.31
C LEU D 1059 3.73 27.35 25.47
N GLU D 1060 4.99 26.99 25.23
CA GLU D 1060 6.03 27.14 26.25
C GLU D 1060 6.23 28.59 26.64
N LYS D 1061 6.31 29.48 25.64
CA LYS D 1061 6.47 30.91 25.93
C LYS D 1061 5.29 31.47 26.73
N GLN D 1062 4.08 31.03 26.38
CA GLN D 1062 2.88 31.49 27.09
C GLN D 1062 2.87 31.02 28.54
N HIS D 1063 3.31 29.79 28.79
CA HIS D 1063 3.40 29.28 30.17
C HIS D 1063 4.38 30.08 31.00
N GLU D 1064 5.49 30.50 30.39
CA GLU D 1064 6.45 31.34 31.11
C GLU D 1064 5.85 32.69 31.48
N LEU D 1065 5.06 33.28 30.58
CA LEU D 1065 4.41 34.56 30.90
C LEU D 1065 3.40 34.42 32.03
N ILE D 1066 2.68 33.30 32.10
CA ILE D 1066 1.71 33.14 33.18
C ILE D 1066 2.41 32.98 34.53
N LYS D 1067 3.54 32.26 34.55
CA LYS D 1067 4.30 32.19 35.80
C LYS D 1067 4.84 33.56 36.21
N LEU D 1068 5.17 34.42 35.24
CA LEU D 1068 5.57 35.78 35.57
C LEU D 1068 4.41 36.58 36.17
N ILE D 1069 3.18 36.35 35.67
CA ILE D 1069 2.01 37.03 36.22
C ILE D 1069 1.82 36.67 37.68
N ILE D 1070 1.93 35.38 38.01
CA ILE D 1070 1.76 34.96 39.39
C ILE D 1070 2.89 35.50 40.26
N GLN D 1071 4.09 35.62 39.70
CA GLN D 1071 5.22 36.13 40.46
C GLN D 1071 5.05 37.61 40.80
N LYS D 1072 4.47 38.40 39.91
CA LYS D 1072 4.35 39.83 40.15
C LYS D 1072 2.98 40.28 40.64
N MET D 1073 2.05 39.36 40.86
CA MET D 1073 0.67 39.73 41.19
C MET D 1073 0.58 40.27 42.61
N GLU D 1074 -0.37 41.17 42.83
CA GLU D 1074 -0.62 41.76 44.13
C GLU D 1074 -1.79 41.08 44.81
N ILE D 1075 -1.58 40.58 46.02
CA ILE D 1075 -2.60 39.84 46.76
C ILE D 1075 -2.88 40.57 48.06
N ILE D 1076 -4.07 41.15 48.17
CA ILE D 1076 -4.61 41.70 49.40
C ILE D 1076 -5.98 41.06 49.58
N SER D 1077 -6.34 40.76 50.83
CA SER D 1077 -7.64 40.22 51.23
C SER D 1077 -7.90 38.82 50.67
N GLU D 1078 -6.85 38.11 50.28
CA GLU D 1078 -6.97 36.70 49.96
C GLU D 1078 -5.84 35.89 50.59
N THR D 1079 -5.04 36.50 51.45
CA THR D 1079 -3.91 35.83 52.06
C THR D 1079 -4.37 34.85 53.14
N GLU D 1080 -3.45 33.98 53.54
CA GLU D 1080 -3.61 32.99 54.61
C GLU D 1080 -4.81 32.06 54.42
#